data_5XR3
#
_entry.id   5XR3
#
_cell.length_a   97.199
_cell.length_b   130.125
_cell.length_c   187.954
_cell.angle_alpha   90.00
_cell.angle_beta   90.00
_cell.angle_gamma   90.00
#
_symmetry.space_group_name_H-M   'P 21 21 21'
#
loop_
_entity.id
_entity.type
_entity.pdbx_description
1 polymer 'Protein/nucleic acid deglycase HchA'
2 non-polymer 'GLYOXYLIC ACID'
3 water water
#
_entity_poly.entity_id   1
_entity_poly.type   'polypeptide(L)'
_entity_poly.pdbx_seq_one_letter_code
;MSQDVNELSKQPTPDKAEDNAFFPSPYSLSQYTAPKTDFDGVEHKGAYKDGKWKVLMIAAEERYVLLENGKMFSTGNHPV
EMLLPLHHLMEAGFDVDVATLSGYPVKLELWAMPTEDEAVISTYNKLKEKLKQPKKLADVIKNELGPDSDYLSVFIPGGH
AAVVGISESEDVQQTLDWALDNDRFIVTL(CGV)HGPAALLSAGLNREKSPLEGYSVCVFPDSLDEGANIEIGYLPGRLK
WLVADLLTKQGLKVVNDDMTGRTLKDRKLLTGDSPLASNELGKLAVNEMLNAIQNKLEHHHHHH
;
_entity_poly.pdbx_strand_id   A,B,C,D,E,F,G,H
#
# COMPACT_ATOMS: atom_id res chain seq x y z
N LEU A 8 -25.47 -35.12 -17.32
CA LEU A 8 -26.29 -36.03 -18.18
C LEU A 8 -25.94 -37.54 -17.98
N SER A 9 -24.65 -37.89 -17.87
CA SER A 9 -24.21 -39.31 -17.82
C SER A 9 -24.24 -39.99 -16.44
N LYS A 10 -24.73 -41.25 -16.43
CA LYS A 10 -24.79 -42.12 -15.25
C LYS A 10 -23.52 -42.96 -15.06
N GLN A 11 -22.50 -42.71 -15.87
CA GLN A 11 -21.22 -43.42 -15.83
C GLN A 11 -20.36 -42.80 -14.72
N PRO A 12 -19.83 -43.60 -13.77
CA PRO A 12 -18.96 -42.97 -12.78
C PRO A 12 -17.70 -42.28 -13.35
N THR A 13 -17.37 -41.10 -12.79
CA THR A 13 -16.28 -40.23 -13.28
C THR A 13 -14.97 -40.70 -12.66
N PRO A 14 -13.93 -40.99 -13.46
CA PRO A 14 -12.68 -41.47 -12.87
C PRO A 14 -11.90 -40.48 -12.00
N ASP A 15 -11.26 -40.95 -10.92
CA ASP A 15 -10.36 -40.16 -10.06
C ASP A 15 -8.92 -40.60 -10.33
N LYS A 16 -8.10 -39.68 -10.87
CA LYS A 16 -6.72 -40.00 -11.30
C LYS A 16 -5.65 -39.86 -10.19
N ALA A 17 -6.08 -39.64 -8.95
CA ALA A 17 -5.22 -39.82 -7.78
C ALA A 17 -4.94 -41.30 -7.45
N GLU A 18 -5.80 -42.21 -7.90
CA GLU A 18 -5.85 -43.58 -7.39
C GLU A 18 -6.26 -44.58 -8.46
N ASP A 19 -5.76 -45.80 -8.35
CA ASP A 19 -6.02 -46.84 -9.32
C ASP A 19 -7.46 -47.33 -9.18
N ASN A 20 -8.15 -47.51 -10.31
CA ASN A 20 -9.51 -48.05 -10.37
C ASN A 20 -10.48 -47.38 -9.39
N ALA A 21 -10.41 -46.05 -9.32
CA ALA A 21 -11.23 -45.27 -8.39
C ALA A 21 -12.08 -44.25 -9.14
N PHE A 22 -13.25 -43.90 -8.59
CA PHE A 22 -14.25 -43.14 -9.32
C PHE A 22 -15.06 -42.21 -8.43
N PHE A 23 -15.27 -40.97 -8.90
CA PHE A 23 -16.19 -40.02 -8.26
C PHE A 23 -17.58 -40.39 -8.69
N PRO A 24 -18.60 -39.76 -8.10
CA PRO A 24 -19.91 -40.07 -8.64
C PRO A 24 -20.12 -39.47 -10.05
N SER A 25 -21.06 -40.08 -10.77
CA SER A 25 -21.43 -39.72 -12.14
C SER A 25 -22.04 -38.31 -12.23
N PRO A 26 -21.74 -37.57 -13.32
CA PRO A 26 -22.27 -36.20 -13.37
C PRO A 26 -23.80 -36.07 -13.24
N TYR A 27 -24.54 -37.10 -13.68
CA TYR A 27 -25.98 -37.15 -13.46
C TYR A 27 -26.30 -37.23 -11.98
N SER A 28 -25.72 -38.21 -11.29
CA SER A 28 -26.01 -38.40 -9.86
C SER A 28 -25.67 -37.15 -9.05
N LEU A 29 -24.64 -36.42 -9.48
CA LEU A 29 -24.29 -35.13 -8.88
C LEU A 29 -25.39 -34.08 -9.09
N SER A 30 -25.97 -34.07 -10.28
CA SER A 30 -27.09 -33.13 -10.57
C SER A 30 -28.32 -33.38 -9.67
N GLN A 31 -28.58 -34.63 -9.30
CA GLN A 31 -29.72 -34.95 -8.43
C GLN A 31 -29.44 -34.80 -6.93
N TYR A 32 -28.28 -35.27 -6.46
CA TYR A 32 -28.00 -35.35 -5.03
C TYR A 32 -27.25 -34.16 -4.45
N THR A 33 -26.71 -33.28 -5.28
CA THR A 33 -25.91 -32.17 -4.78
C THR A 33 -26.47 -30.87 -5.33
N ALA A 34 -26.34 -29.79 -4.55
CA ALA A 34 -26.84 -28.45 -4.96
C ALA A 34 -25.89 -27.33 -4.51
N PRO A 35 -25.89 -26.18 -5.21
CA PRO A 35 -24.97 -25.10 -4.83
C PRO A 35 -25.30 -24.43 -3.49
N LYS A 36 -26.55 -24.58 -3.01
CA LYS A 36 -27.01 -24.02 -1.73
C LYS A 36 -27.71 -25.07 -0.90
N THR A 37 -27.77 -24.84 0.40
CA THR A 37 -28.42 -25.73 1.33
C THR A 37 -29.67 -25.04 1.83
N ASP A 38 -30.55 -25.78 2.49
CA ASP A 38 -31.78 -25.19 3.02
C ASP A 38 -31.59 -24.50 4.40
N PHE A 39 -30.35 -24.23 4.77
CA PHE A 39 -30.05 -23.39 5.90
C PHE A 39 -30.82 -22.09 5.78
N ASP A 40 -31.48 -21.70 6.87
CA ASP A 40 -32.28 -20.48 6.90
C ASP A 40 -32.28 -19.82 8.29
N GLY A 41 -31.10 -19.77 8.92
CA GLY A 41 -30.95 -19.14 10.23
C GLY A 41 -30.47 -20.02 11.38
N VAL A 42 -29.61 -19.45 12.20
CA VAL A 42 -29.21 -20.02 13.48
C VAL A 42 -30.36 -19.70 14.43
N GLU A 43 -30.53 -20.47 15.50
CA GLU A 43 -31.61 -20.23 16.47
C GLU A 43 -31.13 -19.72 17.84
N HIS A 44 -29.83 -19.81 18.15
CA HIS A 44 -29.33 -19.38 19.46
C HIS A 44 -27.95 -18.72 19.38
N LYS A 45 -27.79 -17.68 18.56
CA LYS A 45 -26.51 -16.94 18.52
C LYS A 45 -26.13 -16.36 19.88
N GLY A 46 -24.87 -16.56 20.27
CA GLY A 46 -24.31 -16.01 21.51
C GLY A 46 -24.90 -16.54 22.80
N ALA A 47 -25.61 -17.66 22.73
CA ALA A 47 -26.37 -18.19 23.86
C ALA A 47 -25.46 -18.68 24.96
N TYR A 48 -24.41 -19.43 24.62
CA TYR A 48 -23.44 -19.88 25.62
C TYR A 48 -22.18 -19.01 25.52
N LYS A 49 -21.93 -18.19 26.55
CA LYS A 49 -20.84 -17.20 26.55
C LYS A 49 -19.60 -17.57 27.37
N ASP A 50 -19.70 -18.60 28.21
CA ASP A 50 -18.64 -18.90 29.18
C ASP A 50 -17.42 -19.62 28.60
N GLY A 51 -17.43 -19.93 27.30
CA GLY A 51 -16.24 -20.41 26.58
C GLY A 51 -15.43 -21.58 27.14
N LYS A 52 -16.08 -22.47 27.90
CA LYS A 52 -15.46 -23.69 28.43
C LYS A 52 -15.84 -24.89 27.55
N TRP A 53 -17.14 -25.23 27.52
CA TRP A 53 -17.67 -26.39 26.77
C TRP A 53 -17.38 -26.30 25.26
N LYS A 54 -16.82 -27.38 24.70
CA LYS A 54 -16.53 -27.47 23.27
C LYS A 54 -17.15 -28.76 22.71
N VAL A 55 -16.91 -29.03 21.44
CA VAL A 55 -17.43 -30.20 20.73
C VAL A 55 -16.27 -30.89 20.04
N LEU A 56 -16.24 -32.21 20.13
CA LEU A 56 -15.14 -32.97 19.61
C LEU A 56 -15.60 -33.71 18.40
N MET A 57 -15.16 -33.31 17.22
CA MET A 57 -15.47 -34.05 16.00
C MET A 57 -14.43 -35.16 15.68
N ILE A 58 -14.92 -36.33 15.33
CA ILE A 58 -14.08 -37.41 14.88
C ILE A 58 -14.38 -37.53 13.40
N ALA A 59 -13.39 -37.23 12.57
CA ALA A 59 -13.56 -37.25 11.12
C ALA A 59 -12.85 -38.46 10.43
N ALA A 60 -13.05 -38.60 9.13
CA ALA A 60 -12.43 -39.64 8.35
C ALA A 60 -11.11 -39.16 7.72
N GLU A 61 -10.08 -39.99 7.81
CA GLU A 61 -8.80 -39.81 7.13
C GLU A 61 -8.73 -40.56 5.83
N GLU A 62 -9.65 -41.51 5.61
CA GLU A 62 -9.54 -42.34 4.42
C GLU A 62 -10.67 -42.03 3.47
N ARG A 63 -10.32 -41.64 2.25
CA ARG A 63 -11.32 -41.27 1.25
C ARG A 63 -11.75 -42.39 0.29
N TYR A 64 -10.94 -43.42 0.13
CA TYR A 64 -11.30 -44.52 -0.80
C TYR A 64 -11.94 -45.71 -0.09
N VAL A 65 -13.04 -46.20 -0.67
CA VAL A 65 -13.82 -47.32 -0.11
C VAL A 65 -13.85 -48.49 -1.10
N LEU A 66 -13.12 -49.55 -0.79
CA LEU A 66 -13.07 -50.70 -1.67
C LEU A 66 -14.42 -51.42 -1.66
N LEU A 67 -14.96 -51.67 -2.86
CA LEU A 67 -16.28 -52.26 -3.11
C LEU A 67 -16.24 -53.72 -3.65
N GLU A 68 -17.41 -54.36 -3.78
CA GLU A 68 -17.50 -55.78 -4.21
C GLU A 68 -16.97 -56.08 -5.61
N ASN A 69 -17.09 -55.14 -6.55
CA ASN A 69 -16.56 -55.33 -7.92
C ASN A 69 -15.06 -55.02 -8.07
N GLY A 70 -14.38 -54.72 -6.96
CA GLY A 70 -12.96 -54.31 -6.97
C GLY A 70 -12.68 -52.82 -7.17
N LYS A 71 -13.67 -52.11 -7.70
CA LYS A 71 -13.55 -50.67 -7.91
C LYS A 71 -13.60 -49.96 -6.59
N MET A 72 -13.07 -48.74 -6.56
CA MET A 72 -13.08 -47.93 -5.37
C MET A 72 -13.90 -46.69 -5.53
N PHE A 73 -14.56 -46.30 -4.44
CA PHE A 73 -15.41 -45.13 -4.40
C PHE A 73 -14.67 -43.97 -3.75
N SER A 74 -14.53 -42.84 -4.46
CA SER A 74 -13.81 -41.65 -3.93
C SER A 74 -14.68 -40.66 -3.13
N THR A 75 -14.67 -40.81 -1.82
CA THR A 75 -15.61 -40.13 -0.95
C THR A 75 -14.87 -39.30 0.11
N GLY A 76 -15.26 -39.44 1.36
CA GLY A 76 -14.81 -38.61 2.47
C GLY A 76 -16.03 -38.34 3.32
N ASN A 77 -15.91 -37.36 4.22
CA ASN A 77 -17.09 -36.87 4.97
C ASN A 77 -17.89 -35.97 4.06
N HIS A 78 -19.20 -35.87 4.32
CA HIS A 78 -20.09 -35.02 3.52
C HIS A 78 -19.99 -33.59 4.05
N PRO A 79 -19.64 -32.61 3.19
CA PRO A 79 -19.40 -31.29 3.74
C PRO A 79 -20.64 -30.65 4.35
N VAL A 80 -21.80 -30.91 3.74
CA VAL A 80 -23.07 -30.43 4.29
C VAL A 80 -23.29 -30.99 5.68
N GLU A 81 -23.22 -32.32 5.83
CA GLU A 81 -23.37 -32.99 7.12
C GLU A 81 -22.33 -32.65 8.16
N MET A 82 -21.12 -32.38 7.72
CA MET A 82 -20.11 -31.93 8.64
C MET A 82 -20.37 -30.49 9.05
N LEU A 83 -20.37 -29.59 8.06
CA LEU A 83 -20.21 -28.15 8.33
C LEU A 83 -21.48 -27.43 8.82
N LEU A 84 -22.63 -27.79 8.26
CA LEU A 84 -23.88 -27.16 8.62
C LEU A 84 -24.22 -27.35 10.10
N PRO A 85 -24.19 -28.60 10.63
CA PRO A 85 -24.35 -28.71 12.07
C PRO A 85 -23.31 -27.96 12.88
N LEU A 86 -22.04 -27.99 12.49
CA LEU A 86 -21.00 -27.21 13.21
C LEU A 86 -21.22 -25.66 13.16
N HIS A 87 -21.86 -25.15 12.13
CA HIS A 87 -22.19 -23.73 12.10
C HIS A 87 -23.14 -23.37 13.25
N HIS A 88 -24.23 -24.12 13.38
CA HIS A 88 -25.21 -23.90 14.46
C HIS A 88 -24.55 -23.88 15.83
N LEU A 89 -23.72 -24.87 16.10
CA LEU A 89 -23.05 -25.01 17.41
C LEU A 89 -21.96 -23.99 17.63
N MET A 90 -21.31 -23.54 16.57
CA MET A 90 -20.24 -22.54 16.68
C MET A 90 -20.83 -21.18 17.00
N GLU A 91 -21.88 -20.81 16.29
CA GLU A 91 -22.62 -19.57 16.56
C GLU A 91 -23.36 -19.55 17.89
N ALA A 92 -23.63 -20.69 18.51
CA ALA A 92 -24.19 -20.70 19.87
C ALA A 92 -23.13 -20.48 20.93
N GLY A 93 -21.87 -20.64 20.52
CA GLY A 93 -20.73 -20.34 21.34
C GLY A 93 -19.89 -21.52 21.78
N PHE A 94 -20.08 -22.67 21.13
CA PHE A 94 -19.27 -23.86 21.42
C PHE A 94 -18.17 -23.99 20.40
N ASP A 95 -16.91 -23.96 20.83
CA ASP A 95 -15.78 -24.16 19.91
C ASP A 95 -15.67 -25.66 19.56
N VAL A 96 -15.03 -25.96 18.42
CA VAL A 96 -14.95 -27.31 17.90
C VAL A 96 -13.50 -27.68 17.72
N ASP A 97 -13.13 -28.87 18.23
CA ASP A 97 -11.81 -29.45 18.02
C ASP A 97 -11.90 -30.73 17.19
N VAL A 98 -11.12 -30.79 16.14
CA VAL A 98 -11.20 -31.84 15.14
C VAL A 98 -10.17 -32.92 15.49
N ALA A 99 -10.61 -34.18 15.61
CA ALA A 99 -9.70 -35.36 15.73
C ALA A 99 -9.84 -36.33 14.57
N THR A 100 -8.78 -37.06 14.30
CA THR A 100 -8.83 -38.26 13.43
C THR A 100 -8.04 -39.44 14.06
N LEU A 101 -8.09 -40.62 13.44
CA LEU A 101 -7.49 -41.81 14.06
C LEU A 101 -5.95 -41.81 14.16
N SER A 102 -5.28 -41.40 13.07
CA SER A 102 -3.82 -41.40 12.99
C SER A 102 -3.29 -40.00 12.97
N GLY A 103 -4.14 -38.99 13.21
CA GLY A 103 -3.78 -37.59 13.05
C GLY A 103 -3.71 -37.07 11.61
N TYR A 104 -4.09 -37.89 10.62
CA TYR A 104 -3.93 -37.53 9.19
C TYR A 104 -4.92 -36.41 8.81
N PRO A 105 -4.67 -35.72 7.65
CA PRO A 105 -5.59 -34.64 7.24
C PRO A 105 -7.00 -35.15 6.97
N VAL A 106 -8.01 -34.38 7.37
CA VAL A 106 -9.38 -34.76 7.16
C VAL A 106 -9.73 -34.78 5.68
N LYS A 107 -10.35 -35.86 5.22
CA LYS A 107 -10.79 -36.00 3.83
C LYS A 107 -12.29 -35.71 3.69
N LEU A 108 -12.64 -34.67 2.92
CA LEU A 108 -14.04 -34.39 2.54
C LEU A 108 -14.40 -34.93 1.15
N GLU A 109 -15.70 -35.07 0.90
CA GLU A 109 -16.25 -35.29 -0.46
C GLU A 109 -16.41 -33.92 -1.10
N LEU A 110 -15.36 -33.37 -1.70
CA LEU A 110 -15.43 -31.97 -2.15
C LEU A 110 -16.38 -31.73 -3.34
N TRP A 111 -16.76 -32.81 -4.02
CA TRP A 111 -17.82 -32.78 -5.04
C TRP A 111 -19.24 -32.47 -4.52
N ALA A 112 -19.47 -32.46 -3.21
CA ALA A 112 -20.76 -32.11 -2.60
C ALA A 112 -20.72 -30.80 -1.83
N MET A 113 -19.60 -30.09 -1.95
CA MET A 113 -19.36 -28.86 -1.22
C MET A 113 -20.25 -27.79 -1.84
N PRO A 114 -21.24 -27.25 -1.10
CA PRO A 114 -22.13 -26.22 -1.63
C PRO A 114 -21.40 -24.88 -1.78
N THR A 115 -20.88 -24.65 -2.99
CA THR A 115 -19.95 -23.56 -3.31
C THR A 115 -20.51 -22.16 -3.07
N GLU A 116 -21.81 -21.98 -3.32
CA GLU A 116 -22.45 -20.69 -3.20
C GLU A 116 -23.05 -20.40 -1.82
N ASP A 117 -23.02 -21.37 -0.88
CA ASP A 117 -23.65 -21.24 0.44
C ASP A 117 -22.74 -20.59 1.46
N GLU A 118 -23.03 -19.33 1.77
CA GLU A 118 -22.25 -18.47 2.70
C GLU A 118 -21.88 -19.07 4.04
N ALA A 119 -22.83 -19.73 4.70
CA ALA A 119 -22.66 -20.24 6.07
C ALA A 119 -21.77 -21.48 6.12
N VAL A 120 -22.03 -22.41 5.21
CA VAL A 120 -21.22 -23.62 5.07
C VAL A 120 -19.77 -23.30 4.71
N ILE A 121 -19.54 -22.47 3.69
CA ILE A 121 -18.17 -22.01 3.30
C ILE A 121 -17.45 -21.22 4.44
N SER A 122 -18.19 -20.32 5.09
CA SER A 122 -17.65 -19.56 6.21
C SER A 122 -17.10 -20.56 7.22
N THR A 123 -17.90 -21.57 7.58
CA THR A 123 -17.51 -22.57 8.59
C THR A 123 -16.28 -23.39 8.17
N TYR A 124 -16.21 -23.80 6.90
CA TYR A 124 -15.06 -24.48 6.35
C TYR A 124 -13.76 -23.70 6.56
N ASN A 125 -13.75 -22.42 6.19
CA ASN A 125 -12.56 -21.56 6.34
C ASN A 125 -12.12 -21.41 7.81
N LYS A 126 -13.07 -21.24 8.72
CA LYS A 126 -12.77 -21.16 10.16
C LYS A 126 -12.09 -22.42 10.70
N LEU A 127 -12.29 -23.56 10.03
CA LEU A 127 -11.72 -24.85 10.45
C LEU A 127 -10.65 -25.42 9.53
N LYS A 128 -10.35 -24.75 8.42
CA LYS A 128 -9.40 -25.30 7.45
C LYS A 128 -8.10 -25.71 8.10
N GLU A 129 -7.56 -24.88 9.00
CA GLU A 129 -6.37 -25.24 9.74
C GLU A 129 -6.57 -26.52 10.61
N LYS A 130 -7.60 -26.53 11.47
CA LYS A 130 -7.89 -27.71 12.30
C LYS A 130 -8.27 -28.94 11.49
N LEU A 131 -8.83 -28.73 10.31
CA LEU A 131 -9.11 -29.82 9.36
C LEU A 131 -7.85 -30.40 8.70
N LYS A 132 -6.86 -29.54 8.42
CA LYS A 132 -5.64 -29.98 7.72
C LYS A 132 -4.57 -30.57 8.65
N GLN A 133 -4.50 -30.10 9.90
CA GLN A 133 -3.72 -30.73 10.99
C GLN A 133 -4.62 -31.06 12.18
N PRO A 134 -5.39 -32.15 12.05
CA PRO A 134 -6.19 -32.48 13.21
C PRO A 134 -5.33 -33.04 14.36
N LYS A 135 -5.92 -33.06 15.55
CA LYS A 135 -5.39 -33.81 16.67
C LYS A 135 -5.49 -35.32 16.38
N LYS A 136 -4.72 -36.12 17.13
CA LYS A 136 -4.78 -37.60 17.01
C LYS A 136 -5.74 -38.15 18.07
N LEU A 137 -6.71 -38.98 17.69
CA LEU A 137 -7.74 -39.38 18.65
C LEU A 137 -7.19 -40.02 19.92
N ALA A 138 -6.17 -40.87 19.81
CA ALA A 138 -5.59 -41.50 21.02
C ALA A 138 -4.90 -40.51 21.98
N ASP A 139 -4.37 -39.40 21.47
CA ASP A 139 -3.80 -38.33 22.32
C ASP A 139 -4.90 -37.62 23.08
N VAL A 140 -6.00 -37.34 22.38
CA VAL A 140 -7.21 -36.79 22.98
C VAL A 140 -7.72 -37.71 24.10
N ILE A 141 -7.68 -39.02 23.88
CA ILE A 141 -8.07 -39.98 24.91
C ILE A 141 -7.15 -39.89 26.12
N LYS A 142 -5.85 -39.94 25.87
CA LYS A 142 -4.83 -39.87 26.93
C LYS A 142 -4.91 -38.60 27.79
N ASN A 143 -5.24 -37.47 27.17
CA ASN A 143 -5.04 -36.15 27.75
C ASN A 143 -6.32 -35.36 28.02
N GLU A 144 -7.24 -35.35 27.07
CA GLU A 144 -8.36 -34.42 27.09
C GLU A 144 -9.74 -35.03 27.36
N LEU A 145 -9.84 -36.28 27.81
CA LEU A 145 -11.17 -36.84 28.21
C LEU A 145 -11.27 -36.94 29.72
N GLY A 146 -11.80 -38.02 30.29
CA GLY A 146 -12.07 -38.09 31.74
C GLY A 146 -13.39 -37.48 32.17
N PRO A 147 -13.67 -37.47 33.49
CA PRO A 147 -14.91 -36.84 33.98
C PRO A 147 -14.94 -35.31 33.88
N ASP A 148 -13.77 -34.64 33.89
CA ASP A 148 -13.68 -33.17 33.89
C ASP A 148 -13.34 -32.59 32.52
N SER A 149 -13.67 -33.34 31.47
CA SER A 149 -13.34 -32.97 30.11
C SER A 149 -14.26 -31.84 29.67
N ASP A 150 -13.72 -30.97 28.83
CA ASP A 150 -14.46 -29.83 28.35
C ASP A 150 -15.28 -30.17 27.10
N TYR A 151 -15.32 -31.45 26.72
CA TYR A 151 -16.18 -31.89 25.61
C TYR A 151 -17.57 -32.32 26.12
N LEU A 152 -18.58 -31.58 25.67
CA LEU A 152 -19.97 -31.82 26.02
C LEU A 152 -20.62 -32.80 25.05
N SER A 153 -20.16 -32.77 23.80
CA SER A 153 -20.59 -33.69 22.77
C SER A 153 -19.39 -34.18 21.98
N VAL A 154 -19.57 -35.31 21.32
CA VAL A 154 -18.62 -35.77 20.34
C VAL A 154 -19.48 -35.95 19.12
N PHE A 155 -18.99 -35.46 17.97
CA PHE A 155 -19.76 -35.34 16.75
C PHE A 155 -19.12 -36.18 15.67
N ILE A 156 -19.87 -37.13 15.10
CA ILE A 156 -19.33 -38.00 14.04
C ILE A 156 -20.13 -37.80 12.74
N PRO A 157 -19.67 -36.87 11.86
CA PRO A 157 -20.42 -36.71 10.62
C PRO A 157 -20.30 -37.91 9.69
N GLY A 158 -21.31 -38.06 8.83
CA GLY A 158 -21.36 -39.12 7.84
C GLY A 158 -20.56 -38.85 6.56
N GLY A 159 -21.04 -39.40 5.47
CA GLY A 159 -20.28 -39.52 4.24
C GLY A 159 -19.96 -41.00 4.20
N HIS A 160 -19.80 -41.55 3.00
CA HIS A 160 -19.50 -42.98 2.88
C HIS A 160 -18.15 -43.40 3.50
N ALA A 161 -17.22 -42.47 3.68
CA ALA A 161 -15.89 -42.81 4.25
C ALA A 161 -15.88 -43.02 5.76
N ALA A 162 -16.97 -42.68 6.43
CA ALA A 162 -17.19 -43.08 7.83
C ALA A 162 -17.15 -44.62 8.05
N VAL A 163 -17.54 -45.38 7.01
CA VAL A 163 -17.42 -46.85 6.94
C VAL A 163 -16.00 -47.42 7.14
N VAL A 164 -14.96 -46.71 6.69
CA VAL A 164 -13.58 -47.18 6.86
C VAL A 164 -12.94 -46.70 8.20
N GLY A 165 -12.14 -47.57 8.83
CA GLY A 165 -11.40 -47.19 10.04
C GLY A 165 -12.28 -47.02 11.27
N ILE A 166 -12.95 -45.87 11.34
CA ILE A 166 -13.87 -45.50 12.44
C ILE A 166 -14.79 -46.64 12.93
N SER A 167 -15.32 -47.45 12.01
CA SER A 167 -16.25 -48.52 12.33
C SER A 167 -15.67 -49.75 13.04
N GLU A 168 -14.34 -49.82 13.18
CA GLU A 168 -13.65 -50.98 13.79
C GLU A 168 -12.41 -50.52 14.55
N SER A 169 -12.60 -49.50 15.40
CA SER A 169 -11.51 -48.73 16.04
C SER A 169 -11.62 -48.66 17.56
N GLU A 170 -10.70 -49.32 18.24
CA GLU A 170 -10.62 -49.30 19.72
C GLU A 170 -10.56 -47.88 20.31
N ASP A 171 -9.98 -46.93 19.58
CA ASP A 171 -9.97 -45.53 20.04
C ASP A 171 -11.35 -44.90 19.98
N VAL A 172 -12.04 -45.06 18.86
CA VAL A 172 -13.45 -44.66 18.78
C VAL A 172 -14.29 -45.39 19.83
N GLN A 173 -13.94 -46.64 20.15
CA GLN A 173 -14.67 -47.40 21.16
C GLN A 173 -14.51 -46.77 22.54
N GLN A 174 -13.27 -46.52 22.94
CA GLN A 174 -13.01 -45.84 24.20
C GLN A 174 -13.73 -44.50 24.23
N THR A 175 -13.73 -43.78 23.11
CA THR A 175 -14.41 -42.50 23.06
C THR A 175 -15.91 -42.65 23.30
N LEU A 176 -16.57 -43.61 22.68
CA LEU A 176 -17.99 -43.81 22.93
C LEU A 176 -18.26 -44.29 24.36
N ASP A 177 -17.32 -45.03 24.96
CA ASP A 177 -17.46 -45.51 26.36
C ASP A 177 -17.52 -44.33 27.29
N TRP A 178 -16.56 -43.42 27.13
CA TRP A 178 -16.45 -42.16 27.90
C TRP A 178 -17.74 -41.35 27.94
N ALA A 179 -18.29 -41.09 26.74
CA ALA A 179 -19.53 -40.33 26.58
C ALA A 179 -20.68 -40.91 27.36
N LEU A 180 -20.84 -42.23 27.31
CA LEU A 180 -21.86 -42.92 28.13
C LEU A 180 -21.55 -42.75 29.62
N ASP A 181 -20.38 -43.23 30.02
CA ASP A 181 -19.95 -43.23 31.41
C ASP A 181 -19.80 -41.80 31.98
N ASN A 182 -19.77 -40.77 31.13
CA ASN A 182 -19.79 -39.37 31.61
C ASN A 182 -20.96 -38.50 31.13
N ASP A 183 -22.02 -39.13 30.64
CA ASP A 183 -23.26 -38.45 30.33
C ASP A 183 -23.13 -37.34 29.27
N ARG A 184 -22.28 -37.58 28.28
CA ARG A 184 -22.05 -36.63 27.20
C ARG A 184 -22.80 -37.06 25.96
N PHE A 185 -22.95 -36.14 25.02
CA PHE A 185 -23.76 -36.41 23.83
C PHE A 185 -22.98 -37.08 22.72
N ILE A 186 -23.67 -37.93 21.99
CA ILE A 186 -23.14 -38.55 20.80
C ILE A 186 -24.05 -38.11 19.65
N VAL A 187 -23.49 -37.35 18.71
CA VAL A 187 -24.29 -36.77 17.65
C VAL A 187 -23.69 -37.22 16.34
N THR A 188 -24.48 -37.97 15.57
CA THR A 188 -24.01 -38.57 14.33
C THR A 188 -25.09 -38.52 13.26
N LEU A 189 -24.77 -38.61 11.97
CA LEU A 189 -25.80 -38.72 10.94
C LEU A 189 -25.31 -39.49 9.71
N HIS A 191 -24.07 -42.07 7.08
CA HIS A 191 -23.30 -43.28 7.36
C HIS A 191 -22.43 -43.11 8.57
N GLY A 192 -22.48 -42.08 9.31
CA GLY A 192 -21.72 -41.79 10.54
C GLY A 192 -21.96 -42.81 11.64
N PRO A 193 -23.21 -43.23 11.81
CA PRO A 193 -23.53 -44.24 12.79
C PRO A 193 -22.72 -45.52 12.68
N ALA A 194 -22.06 -45.77 11.54
CA ALA A 194 -21.13 -46.88 11.43
C ALA A 194 -20.07 -46.84 12.53
N ALA A 195 -19.75 -45.64 13.02
CA ALA A 195 -18.92 -45.44 14.23
C ALA A 195 -19.43 -46.16 15.47
N LEU A 196 -20.74 -46.27 15.61
CA LEU A 196 -21.36 -46.91 16.76
C LEU A 196 -21.13 -48.44 16.79
N LEU A 197 -20.81 -49.02 15.62
CA LEU A 197 -20.36 -50.42 15.53
C LEU A 197 -19.05 -50.72 16.31
N SER A 198 -18.22 -49.71 16.51
CA SER A 198 -17.05 -49.85 17.33
C SER A 198 -17.34 -50.18 18.80
N ALA A 199 -18.46 -49.69 19.34
CA ALA A 199 -18.82 -50.04 20.71
C ALA A 199 -19.00 -51.56 20.92
N GLY A 200 -19.37 -52.30 19.89
CA GLY A 200 -19.42 -53.78 19.98
C GLY A 200 -18.08 -54.52 19.86
N LEU A 201 -16.99 -53.82 19.57
CA LEU A 201 -15.71 -54.44 19.24
C LEU A 201 -15.18 -55.21 20.43
N ASN A 202 -14.92 -56.52 20.23
CA ASN A 202 -14.43 -57.49 21.27
C ASN A 202 -15.38 -57.63 22.46
N ARG A 203 -16.67 -57.67 22.19
CA ARG A 203 -17.69 -57.70 23.23
C ARG A 203 -18.93 -58.47 22.74
N GLU A 204 -19.42 -59.45 23.50
CA GLU A 204 -20.69 -60.08 23.15
C GLU A 204 -21.81 -59.03 23.01
N LYS A 205 -21.88 -58.10 23.94
CA LYS A 205 -22.96 -57.11 24.01
C LYS A 205 -22.43 -55.67 23.89
N SER A 206 -23.01 -54.88 22.99
CA SER A 206 -22.63 -53.47 22.85
C SER A 206 -23.36 -52.60 23.90
N PRO A 207 -22.65 -51.67 24.56
CA PRO A 207 -23.34 -50.72 25.47
C PRO A 207 -24.41 -49.84 24.82
N LEU A 208 -24.42 -49.74 23.49
CA LEU A 208 -25.52 -49.14 22.73
C LEU A 208 -26.56 -50.16 22.24
N GLU A 209 -26.63 -51.34 22.88
CA GLU A 209 -27.66 -52.32 22.58
C GLU A 209 -28.94 -51.70 23.03
N GLY A 210 -29.94 -51.73 22.15
CA GLY A 210 -31.24 -51.16 22.46
C GLY A 210 -31.47 -49.72 22.05
N TYR A 211 -30.44 -48.91 21.90
CA TYR A 211 -30.60 -47.50 21.45
C TYR A 211 -31.26 -47.45 20.08
N SER A 212 -31.96 -46.35 19.80
CA SER A 212 -32.62 -46.10 18.50
C SER A 212 -31.94 -44.97 17.69
N VAL A 213 -31.75 -45.25 16.39
CA VAL A 213 -31.00 -44.36 15.51
C VAL A 213 -31.59 -44.28 14.10
N CYS A 214 -31.28 -43.19 13.41
CA CYS A 214 -31.54 -43.05 11.99
C CYS A 214 -30.27 -43.33 11.25
N VAL A 215 -30.38 -44.07 10.14
CA VAL A 215 -29.22 -44.47 9.32
C VAL A 215 -29.60 -44.36 7.84
N PHE A 216 -28.60 -44.28 6.97
CA PHE A 216 -28.82 -44.35 5.54
C PHE A 216 -29.44 -45.70 5.18
N PRO A 217 -30.60 -45.68 4.52
CA PRO A 217 -31.28 -46.93 4.24
C PRO A 217 -30.45 -47.89 3.41
N ASP A 218 -30.56 -49.17 3.71
CA ASP A 218 -29.94 -50.21 2.88
C ASP A 218 -30.44 -50.18 1.42
N SER A 219 -31.77 -50.04 1.26
CA SER A 219 -32.42 -49.93 -0.05
C SER A 219 -31.74 -48.96 -1.00
N LEU A 220 -31.40 -47.77 -0.50
CA LEU A 220 -30.81 -46.70 -1.34
C LEU A 220 -29.37 -46.97 -1.77
N ASP A 221 -28.53 -47.49 -0.87
CA ASP A 221 -27.15 -47.91 -1.23
C ASP A 221 -27.10 -49.17 -2.13
N GLU A 222 -28.08 -50.07 -2.01
CA GLU A 222 -28.10 -51.31 -2.79
C GLU A 222 -28.74 -51.11 -4.17
N GLY A 223 -29.78 -50.26 -4.25
CA GLY A 223 -30.52 -50.01 -5.50
C GLY A 223 -30.24 -48.69 -6.23
N ALA A 224 -30.90 -47.62 -5.80
CA ALA A 224 -30.85 -46.31 -6.50
C ALA A 224 -29.47 -45.66 -6.64
N ASN A 225 -28.62 -45.74 -5.61
CA ASN A 225 -27.24 -45.19 -5.67
C ASN A 225 -26.39 -45.91 -6.72
N ILE A 226 -26.65 -47.20 -6.91
CA ILE A 226 -25.95 -47.96 -7.96
C ILE A 226 -26.49 -47.62 -9.34
N GLU A 227 -27.82 -47.58 -9.50
CA GLU A 227 -28.45 -47.31 -10.81
C GLU A 227 -28.09 -45.96 -11.45
N ILE A 228 -27.93 -44.90 -10.67
CA ILE A 228 -27.53 -43.58 -11.25
C ILE A 228 -26.02 -43.30 -11.27
N GLY A 229 -25.22 -44.26 -10.79
CA GLY A 229 -23.77 -44.14 -10.82
C GLY A 229 -23.26 -43.20 -9.76
N TYR A 230 -23.93 -43.20 -8.61
CA TYR A 230 -23.42 -42.54 -7.44
C TYR A 230 -22.26 -43.42 -6.91
N LEU A 231 -22.57 -44.68 -6.62
CA LEU A 231 -21.55 -45.69 -6.31
C LEU A 231 -21.15 -46.44 -7.59
N PRO A 232 -19.84 -46.65 -7.83
CA PRO A 232 -19.40 -47.50 -8.95
C PRO A 232 -19.49 -49.02 -8.74
N GLY A 233 -20.03 -49.45 -7.61
CA GLY A 233 -20.22 -50.86 -7.29
C GLY A 233 -20.92 -51.05 -5.95
N ARG A 234 -21.16 -52.29 -5.59
CA ARG A 234 -21.92 -52.62 -4.41
C ARG A 234 -21.00 -52.58 -3.18
N LEU A 235 -21.41 -51.88 -2.12
CA LEU A 235 -20.70 -51.94 -0.83
C LEU A 235 -20.65 -53.38 -0.30
N LYS A 236 -19.54 -53.71 0.37
CA LYS A 236 -19.31 -55.07 0.86
C LYS A 236 -20.16 -55.42 2.11
N TRP A 237 -20.49 -54.42 2.93
CA TRP A 237 -21.49 -54.61 3.98
C TRP A 237 -22.34 -53.37 4.10
N LEU A 238 -23.46 -53.50 4.80
CA LEU A 238 -24.44 -52.42 4.86
C LEU A 238 -24.52 -51.95 6.29
N VAL A 239 -24.47 -50.65 6.47
CA VAL A 239 -24.37 -50.05 7.80
C VAL A 239 -25.60 -50.38 8.65
N ALA A 240 -26.80 -50.23 8.08
CA ALA A 240 -28.04 -50.47 8.82
C ALA A 240 -28.18 -51.92 9.29
N ASP A 241 -27.77 -52.84 8.40
CA ASP A 241 -27.85 -54.28 8.63
C ASP A 241 -26.88 -54.68 9.75
N LEU A 242 -25.63 -54.26 9.62
CA LEU A 242 -24.64 -54.51 10.70
C LEU A 242 -25.02 -53.89 12.07
N LEU A 243 -25.55 -52.66 12.04
CA LEU A 243 -26.03 -52.01 13.26
C LEU A 243 -27.15 -52.79 13.92
N THR A 244 -28.09 -53.24 13.09
CA THR A 244 -29.24 -54.03 13.55
C THR A 244 -28.75 -55.29 14.27
N LYS A 245 -27.88 -56.05 13.61
CA LYS A 245 -27.15 -57.18 14.25
C LYS A 245 -26.45 -56.91 15.61
N GLN A 246 -25.96 -55.70 15.87
CA GLN A 246 -25.39 -55.39 17.19
C GLN A 246 -26.44 -55.10 18.24
N GLY A 247 -27.71 -55.09 17.85
CA GLY A 247 -28.82 -55.00 18.77
C GLY A 247 -29.40 -53.60 18.86
N LEU A 248 -28.97 -52.71 17.97
CA LEU A 248 -29.56 -51.38 17.87
C LEU A 248 -30.85 -51.45 17.07
N LYS A 249 -31.67 -50.42 17.19
CA LYS A 249 -32.96 -50.37 16.52
C LYS A 249 -33.00 -49.31 15.40
N VAL A 250 -32.81 -49.76 14.15
CA VAL A 250 -32.84 -48.90 12.96
C VAL A 250 -34.29 -48.49 12.63
N VAL A 251 -34.58 -47.22 12.83
CA VAL A 251 -35.93 -46.74 12.92
C VAL A 251 -36.55 -46.21 11.58
N ASN A 252 -35.72 -46.01 10.55
CA ASN A 252 -36.18 -45.64 9.19
C ASN A 252 -35.76 -46.63 8.11
N ASP A 253 -36.50 -46.63 7.01
CA ASP A 253 -36.17 -47.40 5.78
C ASP A 253 -36.12 -46.53 4.50
N ASP A 254 -36.15 -45.20 4.70
CA ASP A 254 -36.14 -44.19 3.63
C ASP A 254 -35.40 -42.89 4.06
N MET A 255 -35.06 -42.04 3.08
CA MET A 255 -34.43 -40.73 3.31
C MET A 255 -35.51 -39.64 3.25
N THR A 256 -35.88 -39.09 4.39
CA THR A 256 -36.82 -37.99 4.45
C THR A 256 -36.26 -36.79 5.18
N GLY A 257 -35.00 -36.84 5.60
CA GLY A 257 -34.44 -35.84 6.52
C GLY A 257 -34.88 -35.97 7.97
N ARG A 258 -35.31 -37.16 8.37
CA ARG A 258 -35.75 -37.41 9.75
C ARG A 258 -34.57 -37.39 10.76
N THR A 259 -34.90 -37.09 12.01
CA THR A 259 -33.96 -37.10 13.12
C THR A 259 -34.58 -37.84 14.32
N LEU A 260 -33.73 -38.27 15.26
CA LEU A 260 -34.19 -38.95 16.48
C LEU A 260 -33.24 -38.65 17.63
N LYS A 261 -33.78 -38.55 18.84
CA LYS A 261 -33.02 -38.37 20.08
C LYS A 261 -33.47 -39.48 21.06
N ASP A 262 -32.65 -40.53 21.17
CA ASP A 262 -32.75 -41.59 22.19
C ASP A 262 -31.76 -41.31 23.33
N ARG A 263 -32.25 -40.67 24.41
CA ARG A 263 -31.43 -40.20 25.55
C ARG A 263 -30.39 -39.18 25.05
N LYS A 264 -29.09 -39.39 25.26
CA LYS A 264 -28.04 -38.47 24.77
C LYS A 264 -27.44 -38.79 23.36
N LEU A 265 -28.06 -39.74 22.62
CA LEU A 265 -27.66 -40.12 21.24
C LEU A 265 -28.59 -39.46 20.22
N LEU A 266 -28.10 -38.47 19.49
CA LEU A 266 -28.91 -37.74 18.50
C LEU A 266 -28.49 -38.11 17.07
N THR A 267 -29.38 -38.72 16.29
CA THR A 267 -29.10 -39.12 14.91
C THR A 267 -30.04 -38.48 13.88
N GLY A 268 -29.55 -38.41 12.65
CA GLY A 268 -30.27 -37.90 11.50
C GLY A 268 -30.04 -38.92 10.44
N ASP A 269 -30.99 -39.01 9.50
CA ASP A 269 -31.06 -40.14 8.61
C ASP A 269 -30.28 -39.97 7.32
N SER A 270 -29.82 -38.75 7.01
CA SER A 270 -29.32 -38.47 5.68
C SER A 270 -28.67 -37.09 5.65
N PRO A 271 -28.17 -36.63 4.47
CA PRO A 271 -27.73 -35.22 4.36
C PRO A 271 -28.87 -34.19 4.49
N LEU A 272 -30.11 -34.57 4.16
CA LEU A 272 -31.28 -33.68 4.35
C LEU A 272 -31.53 -33.27 5.83
N ALA A 273 -31.20 -34.13 6.78
CA ALA A 273 -31.31 -33.82 8.22
C ALA A 273 -30.23 -32.92 8.78
N SER A 274 -29.24 -32.49 7.99
CA SER A 274 -28.09 -31.73 8.54
C SER A 274 -28.50 -30.51 9.31
N ASN A 275 -29.39 -29.73 8.74
CA ASN A 275 -29.81 -28.50 9.36
C ASN A 275 -30.70 -28.77 10.57
N GLU A 276 -31.65 -29.69 10.41
CA GLU A 276 -32.65 -29.93 11.43
C GLU A 276 -32.01 -30.54 12.69
N LEU A 277 -30.93 -31.28 12.47
CA LEU A 277 -30.15 -31.91 13.51
C LEU A 277 -29.25 -30.95 14.23
N GLY A 278 -28.60 -30.08 13.47
CA GLY A 278 -27.78 -29.00 14.07
C GLY A 278 -28.63 -28.21 15.05
N LYS A 279 -29.83 -27.85 14.60
CA LYS A 279 -30.83 -27.26 15.47
C LYS A 279 -31.07 -28.13 16.68
N LEU A 280 -31.31 -29.41 16.45
CA LEU A 280 -31.53 -30.34 17.56
C LEU A 280 -30.34 -30.44 18.53
N ALA A 281 -29.11 -30.51 18.01
CA ALA A 281 -27.95 -30.66 18.89
C ALA A 281 -27.73 -29.43 19.79
N VAL A 282 -27.98 -28.22 19.27
CA VAL A 282 -27.80 -26.98 20.05
C VAL A 282 -28.85 -26.85 21.17
N ASN A 283 -30.09 -27.24 20.88
CA ASN A 283 -31.14 -27.20 21.89
C ASN A 283 -30.81 -28.14 23.03
N GLU A 284 -30.42 -29.37 22.71
CA GLU A 284 -30.11 -30.38 23.75
C GLU A 284 -28.95 -29.98 24.62
N MET A 285 -27.92 -29.40 24.01
CA MET A 285 -26.72 -28.97 24.73
C MET A 285 -27.00 -27.81 25.65
N LEU A 286 -27.82 -26.87 25.19
CA LEU A 286 -28.15 -25.66 25.99
C LEU A 286 -29.06 -26.08 27.13
N ASN A 287 -29.98 -26.98 26.84
CA ASN A 287 -30.90 -27.56 27.83
C ASN A 287 -30.14 -28.29 28.92
N ALA A 288 -29.09 -29.01 28.55
CA ALA A 288 -28.20 -29.69 29.53
C ALA A 288 -27.48 -28.73 30.45
N ILE A 289 -26.95 -27.62 29.90
CA ILE A 289 -26.29 -26.59 30.71
C ILE A 289 -27.26 -25.92 31.70
N GLN A 290 -28.50 -25.69 31.28
CA GLN A 290 -29.56 -25.21 32.16
C GLN A 290 -29.93 -26.19 33.30
N ASN A 291 -29.72 -27.50 33.07
CA ASN A 291 -29.87 -28.52 34.13
C ASN A 291 -28.69 -28.56 35.16
N LYS A 292 -27.96 -27.46 35.30
CA LYS A 292 -27.13 -27.23 36.47
C LYS A 292 -27.85 -26.14 37.25
N LEU A 293 -28.41 -26.53 38.41
CA LEU A 293 -29.48 -25.81 39.13
C LEU A 293 -30.70 -25.60 38.23
N ASP B 4 6.33 -29.57 -27.77
CA ASP B 4 7.76 -29.92 -27.45
C ASP B 4 7.88 -30.43 -26.01
N VAL B 5 9.06 -30.95 -25.67
CA VAL B 5 9.29 -31.59 -24.35
C VAL B 5 10.13 -30.73 -23.38
N ASN B 6 10.15 -29.41 -23.62
CA ASN B 6 10.49 -28.43 -22.58
C ASN B 6 9.70 -27.09 -22.68
N GLU B 7 8.57 -27.14 -23.40
CA GLU B 7 7.48 -26.16 -23.31
C GLU B 7 6.38 -26.65 -22.35
N LEU B 8 6.53 -27.86 -21.83
CA LEU B 8 5.62 -28.42 -20.84
C LEU B 8 5.70 -27.59 -19.56
N SER B 9 4.56 -27.43 -18.91
CA SER B 9 4.42 -26.48 -17.80
C SER B 9 5.33 -26.84 -16.62
N LYS B 10 5.86 -25.82 -15.95
CA LYS B 10 6.66 -26.01 -14.72
C LYS B 10 5.75 -25.69 -13.50
N GLN B 11 4.46 -25.50 -13.77
CA GLN B 11 3.49 -25.21 -12.74
C GLN B 11 2.88 -26.53 -12.23
N PRO B 12 2.84 -26.71 -10.90
CA PRO B 12 2.11 -27.80 -10.30
C PRO B 12 0.68 -27.93 -10.84
N THR B 13 0.35 -29.12 -11.35
CA THR B 13 -1.03 -29.47 -11.76
C THR B 13 -1.88 -29.68 -10.51
N PRO B 14 -3.13 -29.19 -10.49
CA PRO B 14 -3.98 -29.47 -9.29
C PRO B 14 -4.62 -30.85 -9.26
N ASP B 15 -4.68 -31.49 -8.08
CA ASP B 15 -5.38 -32.78 -7.83
C ASP B 15 -6.77 -32.45 -7.31
N LYS B 16 -7.81 -32.81 -8.06
CA LYS B 16 -9.18 -32.33 -7.77
C LYS B 16 -9.98 -33.16 -6.73
N ALA B 17 -9.34 -34.17 -6.12
CA ALA B 17 -9.95 -34.89 -5.00
C ALA B 17 -9.81 -34.11 -3.69
N GLU B 18 -8.87 -33.16 -3.64
CA GLU B 18 -8.51 -32.46 -2.39
C GLU B 18 -8.34 -30.93 -2.55
N ASP B 19 -8.61 -30.21 -1.46
CA ASP B 19 -8.49 -28.75 -1.40
C ASP B 19 -7.02 -28.30 -1.39
N ASN B 20 -6.64 -27.49 -2.37
CA ASN B 20 -5.34 -26.84 -2.42
C ASN B 20 -4.18 -27.85 -2.33
N ALA B 21 -4.29 -28.84 -3.21
CA ALA B 21 -3.35 -29.94 -3.27
C ALA B 21 -3.05 -30.23 -4.72
N PHE B 22 -1.81 -30.61 -5.01
CA PHE B 22 -1.27 -30.59 -6.38
C PHE B 22 -0.36 -31.78 -6.75
N PHE B 23 -0.51 -32.29 -7.97
CA PHE B 23 0.44 -33.26 -8.53
C PHE B 23 1.73 -32.56 -8.92
N PRO B 24 2.77 -33.33 -9.32
CA PRO B 24 3.95 -32.63 -9.83
C PRO B 24 3.69 -32.08 -11.23
N SER B 25 4.43 -31.04 -11.58
CA SER B 25 4.33 -30.39 -12.90
C SER B 25 4.62 -31.36 -14.07
N PRO B 26 3.94 -31.17 -15.24
CA PRO B 26 4.21 -32.00 -16.44
C PRO B 26 5.68 -31.97 -16.88
N TYR B 27 6.36 -30.85 -16.67
CA TYR B 27 7.80 -30.80 -16.89
C TYR B 27 8.51 -31.78 -15.96
N SER B 28 8.31 -31.65 -14.65
CA SER B 28 9.07 -32.46 -13.68
C SER B 28 8.86 -33.94 -13.91
N LEU B 29 7.64 -34.30 -14.31
CA LEU B 29 7.31 -35.68 -14.70
C LEU B 29 8.05 -36.12 -15.97
N SER B 30 8.28 -35.18 -16.89
CA SER B 30 9.11 -35.42 -18.09
C SER B 30 10.59 -35.72 -17.81
N GLN B 31 11.12 -35.34 -16.65
CA GLN B 31 12.53 -35.54 -16.32
C GLN B 31 12.75 -36.59 -15.24
N TYR B 32 11.80 -36.77 -14.33
CA TYR B 32 11.97 -37.66 -13.19
C TYR B 32 11.19 -38.97 -13.23
N THR B 33 10.37 -39.17 -14.27
CA THR B 33 9.70 -40.45 -14.53
C THR B 33 10.13 -41.04 -15.87
N ALA B 34 9.54 -42.16 -16.25
CA ALA B 34 9.74 -42.72 -17.60
C ALA B 34 8.80 -43.87 -17.83
N PRO B 35 8.42 -44.13 -19.08
CA PRO B 35 7.57 -45.31 -19.30
C PRO B 35 8.24 -46.64 -18.96
N LYS B 36 9.57 -46.70 -19.04
CA LYS B 36 10.35 -47.89 -18.69
C LYS B 36 11.40 -47.64 -17.60
N THR B 37 11.78 -48.72 -16.92
CA THR B 37 12.85 -48.70 -15.92
C THR B 37 14.06 -49.42 -16.49
N ASP B 38 15.21 -49.27 -15.84
CA ASP B 38 16.49 -49.80 -16.35
C ASP B 38 16.76 -51.27 -15.95
N PHE B 39 15.72 -52.11 -16.01
CA PHE B 39 15.74 -53.47 -15.48
C PHE B 39 16.09 -54.45 -16.58
N ASP B 40 17.23 -55.15 -16.43
CA ASP B 40 17.63 -56.21 -17.38
C ASP B 40 17.67 -57.62 -16.73
N GLY B 41 16.55 -57.99 -16.12
CA GLY B 41 16.35 -59.35 -15.64
C GLY B 41 16.86 -59.58 -14.23
N VAL B 42 16.55 -60.78 -13.74
CA VAL B 42 16.75 -61.20 -12.36
C VAL B 42 18.01 -62.07 -12.23
N GLU B 43 18.71 -61.97 -11.12
CA GLU B 43 19.90 -62.78 -10.88
C GLU B 43 19.57 -64.20 -10.38
N HIS B 44 18.60 -64.35 -9.49
CA HIS B 44 18.40 -65.61 -8.78
C HIS B 44 16.99 -66.22 -8.88
N LYS B 45 16.43 -66.27 -10.09
CA LYS B 45 15.14 -66.97 -10.35
C LYS B 45 15.08 -68.42 -9.77
N GLY B 46 14.36 -68.60 -8.67
CA GLY B 46 14.12 -69.92 -8.06
C GLY B 46 15.07 -70.36 -6.96
N ALA B 47 16.03 -69.49 -6.60
CA ALA B 47 17.05 -69.78 -5.57
C ALA B 47 16.50 -70.31 -4.23
N TYR B 48 15.50 -69.65 -3.67
CA TYR B 48 14.84 -70.11 -2.45
C TYR B 48 13.61 -70.93 -2.78
N LYS B 49 13.51 -72.12 -2.16
CA LYS B 49 12.50 -73.14 -2.48
C LYS B 49 11.62 -73.57 -1.29
N ASP B 50 12.18 -73.60 -0.08
CA ASP B 50 11.48 -74.12 1.12
C ASP B 50 10.11 -73.49 1.40
N GLY B 51 9.89 -72.27 0.90
CA GLY B 51 8.60 -71.60 0.98
C GLY B 51 8.33 -70.75 2.22
N LYS B 52 9.09 -70.94 3.30
CA LYS B 52 8.74 -70.34 4.60
C LYS B 52 9.09 -68.87 4.71
N TRP B 53 10.31 -68.51 4.34
CA TRP B 53 10.77 -67.12 4.44
C TRP B 53 9.96 -66.16 3.54
N LYS B 54 9.78 -64.94 4.04
CA LYS B 54 9.05 -63.88 3.35
C LYS B 54 9.46 -62.50 3.83
N VAL B 55 9.03 -61.50 3.05
CA VAL B 55 9.35 -60.08 3.28
C VAL B 55 8.12 -59.41 3.82
N LEU B 56 8.31 -58.54 4.79
CA LEU B 56 7.24 -57.73 5.32
C LEU B 56 7.43 -56.35 4.74
N MET B 57 6.44 -55.83 4.00
CA MET B 57 6.43 -54.40 3.58
C MET B 57 5.59 -53.45 4.50
N ILE B 58 6.22 -52.39 5.00
CA ILE B 58 5.50 -51.33 5.69
C ILE B 58 5.29 -50.26 4.65
N ALA B 59 4.09 -49.68 4.59
CA ALA B 59 3.70 -48.83 3.47
C ALA B 59 2.93 -47.55 3.82
N ALA B 60 2.94 -46.64 2.85
CA ALA B 60 2.28 -45.35 2.97
C ALA B 60 0.79 -45.51 2.69
N GLU B 61 -0.02 -45.02 3.63
CA GLU B 61 -1.49 -44.98 3.53
C GLU B 61 -2.07 -43.56 3.44
N GLU B 62 -1.25 -42.55 3.73
CA GLU B 62 -1.63 -41.17 3.59
C GLU B 62 -0.90 -40.55 2.40
N ARG B 63 -1.66 -39.90 1.53
CA ARG B 63 -1.13 -39.38 0.27
C ARG B 63 -0.62 -37.91 0.34
N TYR B 64 -1.30 -37.07 1.13
CA TYR B 64 -1.05 -35.63 1.14
C TYR B 64 -0.08 -35.18 2.25
N VAL B 65 0.90 -34.38 1.84
CA VAL B 65 1.94 -33.87 2.71
C VAL B 65 1.71 -32.36 2.79
N LEU B 66 1.30 -31.87 3.95
CA LEU B 66 1.15 -30.42 4.18
C LEU B 66 2.51 -29.73 4.15
N LEU B 67 2.61 -28.66 3.38
CA LEU B 67 3.87 -27.90 3.19
C LEU B 67 3.81 -26.52 3.85
N GLU B 68 4.97 -25.87 3.93
CA GLU B 68 5.14 -24.60 4.66
C GLU B 68 4.25 -23.46 4.15
N ASN B 69 3.95 -23.46 2.85
CA ASN B 69 3.05 -22.45 2.22
C ASN B 69 1.56 -22.80 2.34
N GLY B 70 1.22 -23.82 3.15
CA GLY B 70 -0.16 -24.30 3.27
C GLY B 70 -0.73 -25.12 2.12
N LYS B 71 0.05 -25.38 1.08
CA LYS B 71 -0.38 -26.22 -0.05
C LYS B 71 -0.10 -27.67 0.30
N MET B 72 -0.63 -28.61 -0.47
CA MET B 72 -0.40 -30.02 -0.14
C MET B 72 0.14 -30.75 -1.33
N PHE B 73 1.16 -31.57 -1.12
CA PHE B 73 1.76 -32.32 -2.21
C PHE B 73 1.03 -33.63 -2.32
N SER B 74 0.62 -34.02 -3.54
CA SER B 74 -0.18 -35.26 -3.77
C SER B 74 0.71 -36.42 -4.26
N THR B 75 1.18 -37.21 -3.28
CA THR B 75 2.26 -38.17 -3.47
C THR B 75 1.77 -39.59 -3.16
N GLY B 76 2.52 -40.31 -2.33
CA GLY B 76 2.34 -41.74 -2.08
C GLY B 76 3.71 -42.41 -2.07
N ASN B 77 3.77 -43.74 -2.06
CA ASN B 77 5.03 -44.44 -2.28
C ASN B 77 5.39 -44.38 -3.77
N HIS B 78 6.68 -44.40 -4.10
CA HIS B 78 7.12 -44.42 -5.50
C HIS B 78 6.94 -45.85 -6.05
N PRO B 79 6.18 -46.00 -7.14
CA PRO B 79 5.94 -47.35 -7.62
C PRO B 79 7.22 -48.11 -7.93
N VAL B 80 8.14 -47.46 -8.64
CA VAL B 80 9.40 -48.10 -9.07
C VAL B 80 10.16 -48.60 -7.83
N GLU B 81 10.29 -47.74 -6.82
CA GLU B 81 11.02 -48.09 -5.59
C GLU B 81 10.36 -49.16 -4.75
N MET B 82 9.05 -49.31 -4.88
CA MET B 82 8.31 -50.40 -4.23
C MET B 82 8.39 -51.65 -5.11
N LEU B 83 7.86 -51.53 -6.32
CA LEU B 83 7.62 -52.71 -7.18
C LEU B 83 8.87 -53.38 -7.76
N LEU B 84 9.92 -52.62 -8.02
CA LEU B 84 11.08 -53.20 -8.67
C LEU B 84 11.86 -54.10 -7.72
N PRO B 85 12.25 -53.61 -6.53
CA PRO B 85 12.90 -54.52 -5.59
C PRO B 85 12.06 -55.75 -5.29
N LEU B 86 10.76 -55.58 -5.08
CA LEU B 86 9.88 -56.73 -4.81
C LEU B 86 9.88 -57.79 -5.96
N HIS B 87 10.01 -57.37 -7.22
CA HIS B 87 10.08 -58.32 -8.35
C HIS B 87 11.27 -59.28 -8.19
N HIS B 88 12.45 -58.73 -7.90
CA HIS B 88 13.64 -59.53 -7.64
C HIS B 88 13.39 -60.54 -6.55
N LEU B 89 12.84 -60.07 -5.43
CA LEU B 89 12.55 -60.93 -4.29
C LEU B 89 11.54 -62.00 -4.57
N MET B 90 10.47 -61.62 -5.23
CA MET B 90 9.37 -62.55 -5.43
C MET B 90 9.77 -63.62 -6.40
N GLU B 91 10.46 -63.24 -7.47
CA GLU B 91 10.97 -64.19 -8.47
C GLU B 91 11.97 -65.16 -7.84
N ALA B 92 12.79 -64.66 -6.92
CA ALA B 92 13.70 -65.53 -6.15
C ALA B 92 12.99 -66.61 -5.33
N GLY B 93 11.70 -66.41 -5.01
CA GLY B 93 10.94 -67.36 -4.19
C GLY B 93 10.61 -66.85 -2.79
N PHE B 94 10.78 -65.57 -2.55
CA PHE B 94 10.30 -64.95 -1.33
C PHE B 94 8.88 -64.39 -1.51
N ASP B 95 7.94 -64.86 -0.72
CA ASP B 95 6.58 -64.26 -0.65
C ASP B 95 6.61 -62.85 0.00
N VAL B 96 5.54 -62.07 -0.16
CA VAL B 96 5.49 -60.73 0.43
C VAL B 96 4.15 -60.51 1.13
N ASP B 97 4.20 -59.90 2.32
CA ASP B 97 3.01 -59.33 2.96
C ASP B 97 3.12 -57.81 3.08
N VAL B 98 1.98 -57.15 2.90
CA VAL B 98 1.88 -55.71 2.87
C VAL B 98 1.12 -55.20 4.08
N ALA B 99 1.74 -54.36 4.90
CA ALA B 99 1.07 -53.71 6.04
C ALA B 99 1.12 -52.21 5.95
N THR B 100 0.06 -51.56 6.44
CA THR B 100 0.01 -50.12 6.63
C THR B 100 -0.22 -49.89 8.11
N LEU B 101 -0.14 -48.65 8.58
CA LEU B 101 -0.32 -48.39 10.02
C LEU B 101 -1.73 -48.66 10.50
N SER B 102 -2.71 -48.37 9.64
CA SER B 102 -4.13 -48.44 10.02
C SER B 102 -4.90 -49.53 9.32
N GLY B 103 -4.33 -50.18 8.30
CA GLY B 103 -5.07 -51.15 7.49
C GLY B 103 -5.79 -50.52 6.32
N TYR B 104 -5.70 -49.19 6.20
CA TYR B 104 -6.18 -48.40 5.04
C TYR B 104 -5.45 -48.80 3.77
N PRO B 105 -6.03 -48.50 2.59
CA PRO B 105 -5.35 -48.86 1.34
C PRO B 105 -4.03 -48.10 1.06
N VAL B 106 -3.06 -48.80 0.44
CA VAL B 106 -1.74 -48.24 0.15
C VAL B 106 -1.88 -47.20 -0.95
N LYS B 107 -1.17 -46.07 -0.78
CA LYS B 107 -1.20 -44.95 -1.72
C LYS B 107 0.06 -44.90 -2.59
N LEU B 108 -0.05 -45.31 -3.85
CA LEU B 108 1.05 -45.16 -4.82
C LEU B 108 1.06 -43.74 -5.44
N GLU B 109 2.25 -43.18 -5.68
CA GLU B 109 2.44 -42.04 -6.62
C GLU B 109 2.16 -42.56 -8.08
N LEU B 110 0.87 -42.69 -8.47
CA LEU B 110 0.47 -43.27 -9.78
C LEU B 110 0.93 -42.52 -11.02
N TRP B 111 1.17 -41.21 -10.86
CA TRP B 111 1.83 -40.37 -11.87
C TRP B 111 3.27 -40.74 -12.21
N ALA B 112 3.85 -41.72 -11.51
CA ALA B 112 5.21 -42.22 -11.74
C ALA B 112 5.26 -43.72 -12.12
N MET B 113 4.11 -44.28 -12.49
CA MET B 113 4.01 -45.68 -12.86
C MET B 113 4.67 -45.84 -14.21
N PRO B 114 5.74 -46.66 -14.32
CA PRO B 114 6.25 -47.01 -15.64
C PRO B 114 5.25 -47.92 -16.34
N THR B 115 4.40 -47.29 -17.15
CA THR B 115 3.28 -47.97 -17.79
C THR B 115 3.68 -49.12 -18.73
N GLU B 116 4.85 -49.01 -19.37
CA GLU B 116 5.29 -49.95 -20.41
C GLU B 116 6.43 -50.87 -19.97
N ASP B 117 6.36 -51.39 -18.75
CA ASP B 117 7.38 -52.30 -18.22
C ASP B 117 6.68 -53.60 -17.80
N GLU B 118 7.02 -54.71 -18.47
CA GLU B 118 6.32 -56.00 -18.29
C GLU B 118 6.48 -56.48 -16.84
N ALA B 119 7.71 -56.38 -16.33
CA ALA B 119 8.03 -56.79 -14.96
C ALA B 119 7.34 -55.97 -13.87
N VAL B 120 7.47 -54.64 -13.92
CA VAL B 120 6.84 -53.75 -12.91
C VAL B 120 5.31 -53.82 -12.92
N ILE B 121 4.69 -53.75 -14.10
CA ILE B 121 3.24 -53.90 -14.19
C ILE B 121 2.73 -55.33 -13.77
N SER B 122 3.49 -56.40 -14.09
CA SER B 122 3.05 -57.78 -13.75
C SER B 122 3.19 -58.08 -12.26
N THR B 123 4.23 -57.49 -11.66
CA THR B 123 4.43 -57.52 -10.22
C THR B 123 3.34 -56.72 -9.53
N TYR B 124 3.05 -55.52 -10.05
CA TYR B 124 1.94 -54.68 -9.53
C TYR B 124 0.61 -55.41 -9.59
N ASN B 125 0.35 -56.16 -10.66
CA ASN B 125 -0.87 -56.99 -10.73
C ASN B 125 -0.89 -58.06 -9.65
N LYS B 126 0.22 -58.76 -9.44
CA LYS B 126 0.28 -59.80 -8.40
C LYS B 126 0.10 -59.25 -6.98
N LEU B 127 0.37 -57.96 -6.76
CA LEU B 127 0.17 -57.30 -5.45
C LEU B 127 -1.10 -56.44 -5.24
N LYS B 128 -1.93 -56.23 -6.27
CA LYS B 128 -3.12 -55.35 -6.17
C LYS B 128 -4.05 -55.61 -4.96
N GLU B 129 -4.44 -56.87 -4.76
CA GLU B 129 -5.19 -57.33 -3.58
C GLU B 129 -4.59 -56.88 -2.24
N LYS B 130 -3.34 -57.26 -2.01
CA LYS B 130 -2.64 -56.94 -0.78
C LYS B 130 -2.36 -55.46 -0.66
N LEU B 131 -2.32 -54.74 -1.79
CA LEU B 131 -2.22 -53.28 -1.77
C LEU B 131 -3.55 -52.54 -1.41
N LYS B 132 -4.64 -52.98 -2.03
CA LYS B 132 -5.99 -52.46 -1.75
C LYS B 132 -6.55 -52.83 -0.40
N GLN B 133 -5.99 -53.86 0.22
CA GLN B 133 -6.47 -54.37 1.50
C GLN B 133 -5.28 -54.87 2.36
N PRO B 134 -4.47 -53.91 2.87
CA PRO B 134 -3.30 -54.30 3.63
C PRO B 134 -3.66 -54.81 4.99
N LYS B 135 -2.64 -55.25 5.71
CA LYS B 135 -2.80 -55.62 7.10
C LYS B 135 -2.55 -54.41 7.98
N LYS B 136 -3.16 -54.41 9.16
CA LYS B 136 -2.85 -53.42 10.18
C LYS B 136 -1.56 -53.90 10.83
N LEU B 137 -0.53 -53.05 10.82
CA LEU B 137 0.78 -53.40 11.36
C LEU B 137 0.76 -53.79 12.83
N ALA B 138 -0.14 -53.21 13.62
CA ALA B 138 -0.31 -53.63 15.03
C ALA B 138 -0.79 -55.08 15.11
N ASP B 139 -1.68 -55.47 14.19
CA ASP B 139 -2.06 -56.87 14.07
C ASP B 139 -0.83 -57.75 13.75
N VAL B 140 0.11 -57.24 12.95
CA VAL B 140 1.38 -57.98 12.65
C VAL B 140 2.29 -58.17 13.89
N ILE B 141 2.52 -57.11 14.66
CA ILE B 141 3.38 -57.18 15.87
C ILE B 141 2.82 -58.19 16.87
N LYS B 142 1.52 -58.05 17.15
CA LYS B 142 0.78 -58.97 18.03
C LYS B 142 1.02 -60.45 17.67
N ASN B 143 0.83 -60.85 16.41
CA ASN B 143 0.90 -62.29 15.99
C ASN B 143 2.20 -62.71 15.32
N GLU B 144 2.50 -62.08 14.20
CA GLU B 144 3.41 -62.62 13.20
C GLU B 144 4.88 -62.25 13.34
N LEU B 145 5.25 -61.49 14.38
CA LEU B 145 6.66 -61.26 14.70
C LEU B 145 7.18 -62.23 15.80
N GLY B 146 7.99 -61.73 16.75
CA GLY B 146 8.66 -62.58 17.73
C GLY B 146 9.97 -63.18 17.20
N PRO B 147 10.59 -64.06 18.00
CA PRO B 147 11.86 -64.68 17.59
C PRO B 147 11.76 -65.66 16.42
N ASP B 148 10.67 -66.43 16.35
CA ASP B 148 10.53 -67.44 15.29
C ASP B 148 9.71 -66.94 14.09
N SER B 149 9.82 -65.65 13.80
CA SER B 149 9.00 -65.00 12.77
C SER B 149 9.46 -65.42 11.40
N ASP B 150 8.52 -65.64 10.51
CA ASP B 150 8.84 -66.00 9.13
C ASP B 150 9.19 -64.79 8.26
N TYR B 151 9.27 -63.60 8.85
CA TYR B 151 9.72 -62.44 8.13
C TYR B 151 11.22 -62.43 8.18
N LEU B 152 11.85 -62.44 7.01
CA LEU B 152 13.30 -62.31 6.95
C LEU B 152 13.74 -60.84 7.01
N SER B 153 12.95 -59.95 6.43
CA SER B 153 13.29 -58.53 6.39
C SER B 153 12.06 -57.69 6.31
N VAL B 154 12.23 -56.42 6.69
CA VAL B 154 11.16 -55.43 6.65
C VAL B 154 11.55 -54.35 5.63
N PHE B 155 10.74 -54.26 4.58
CA PHE B 155 10.99 -53.40 3.45
C PHE B 155 10.13 -52.15 3.57
N ILE B 156 10.77 -50.97 3.55
CA ILE B 156 10.07 -49.69 3.57
C ILE B 156 10.42 -48.95 2.28
N PRO B 157 9.50 -48.94 1.29
CA PRO B 157 9.81 -48.16 0.10
C PRO B 157 9.74 -46.63 0.31
N GLY B 158 10.16 -45.92 -0.73
CA GLY B 158 10.27 -44.47 -0.70
C GLY B 158 8.98 -43.79 -1.10
N GLY B 159 9.06 -42.92 -2.11
CA GLY B 159 8.08 -41.86 -2.30
C GLY B 159 8.14 -40.81 -1.19
N HIS B 160 7.50 -39.68 -1.46
CA HIS B 160 7.45 -38.60 -0.47
C HIS B 160 6.49 -38.91 0.67
N ALA B 161 5.47 -39.74 0.44
CA ALA B 161 4.48 -40.02 1.49
C ALA B 161 5.06 -40.72 2.71
N ALA B 162 6.12 -41.51 2.51
CA ALA B 162 6.91 -42.15 3.58
C ALA B 162 7.34 -41.25 4.75
N VAL B 163 7.46 -39.95 4.50
CA VAL B 163 7.66 -38.90 5.54
C VAL B 163 6.53 -38.78 6.58
N VAL B 164 5.29 -39.12 6.24
CA VAL B 164 4.11 -38.68 7.02
C VAL B 164 3.89 -39.44 8.34
N GLY B 165 3.29 -40.64 8.27
CA GLY B 165 2.93 -41.36 9.51
C GLY B 165 4.10 -42.19 10.01
N ILE B 166 4.61 -42.98 9.08
CA ILE B 166 5.80 -43.80 9.22
C ILE B 166 6.95 -43.20 10.05
N SER B 167 7.17 -41.88 10.02
CA SER B 167 8.29 -41.23 10.76
C SER B 167 8.12 -41.03 12.28
N GLU B 168 6.91 -41.17 12.81
CA GLU B 168 6.64 -40.92 14.26
C GLU B 168 5.71 -41.96 14.88
N SER B 169 5.92 -43.23 14.49
CA SER B 169 5.02 -44.33 14.79
C SER B 169 5.66 -45.30 15.79
N GLU B 170 4.94 -45.60 16.87
CA GLU B 170 5.44 -46.53 17.89
C GLU B 170 5.39 -47.97 17.37
N ASP B 171 4.50 -48.25 16.44
CA ASP B 171 4.41 -49.58 15.82
C ASP B 171 5.53 -49.85 14.81
N VAL B 172 6.00 -48.81 14.12
CA VAL B 172 7.25 -48.89 13.34
C VAL B 172 8.47 -49.06 14.25
N GLN B 173 8.60 -48.23 15.28
CA GLN B 173 9.64 -48.39 16.32
C GLN B 173 9.73 -49.85 16.80
N GLN B 174 8.61 -50.39 17.28
CA GLN B 174 8.55 -51.80 17.71
C GLN B 174 8.99 -52.79 16.63
N THR B 175 8.69 -52.50 15.38
CA THR B 175 9.11 -53.34 14.26
C THR B 175 10.62 -53.24 13.99
N LEU B 176 11.18 -52.02 14.07
CA LEU B 176 12.63 -51.82 13.95
C LEU B 176 13.44 -52.36 15.15
N ASP B 177 12.85 -52.32 16.35
CA ASP B 177 13.39 -53.01 17.54
C ASP B 177 13.47 -54.50 17.31
N TRP B 178 12.42 -55.09 16.75
CA TRP B 178 12.37 -56.53 16.47
C TRP B 178 13.45 -56.90 15.49
N ALA B 179 13.58 -56.11 14.43
CA ALA B 179 14.50 -56.45 13.35
C ALA B 179 15.93 -56.46 13.88
N LEU B 180 16.30 -55.40 14.59
CA LEU B 180 17.62 -55.31 15.24
C LEU B 180 17.86 -56.49 16.16
N ASP B 181 16.96 -56.69 17.12
CA ASP B 181 17.12 -57.71 18.17
C ASP B 181 16.99 -59.18 17.68
N ASN B 182 16.68 -59.43 16.40
CA ASN B 182 16.67 -60.79 15.82
C ASN B 182 17.48 -60.95 14.54
N ASP B 183 18.45 -60.06 14.33
CA ASP B 183 19.29 -60.03 13.12
C ASP B 183 18.52 -60.35 11.81
N ARG B 184 17.57 -59.45 11.46
CA ARG B 184 16.77 -59.50 10.21
C ARG B 184 17.12 -58.27 9.39
N PHE B 185 16.83 -58.27 8.09
CA PHE B 185 17.18 -57.08 7.28
C PHE B 185 16.14 -55.98 7.36
N ILE B 186 16.61 -54.74 7.35
CA ILE B 186 15.78 -53.56 7.10
C ILE B 186 16.20 -53.03 5.70
N VAL B 187 15.25 -52.97 4.76
CA VAL B 187 15.57 -52.53 3.42
C VAL B 187 14.78 -51.28 3.13
N THR B 188 15.46 -50.20 2.73
CA THR B 188 14.78 -48.91 2.53
C THR B 188 15.46 -47.96 1.53
N LEU B 189 14.71 -47.09 0.98
CA LEU B 189 15.32 -46.23 -0.07
C LEU B 189 14.54 -44.99 -0.36
N HIS B 191 13.19 -41.29 0.49
CA HIS B 191 12.71 -40.83 1.77
C HIS B 191 12.33 -42.02 2.68
N GLY B 192 12.32 -43.26 2.26
CA GLY B 192 12.02 -44.42 3.07
C GLY B 192 12.71 -44.38 4.42
N PRO B 193 13.97 -43.94 4.45
CA PRO B 193 14.67 -43.77 5.70
C PRO B 193 14.01 -42.91 6.76
N ALA B 194 13.05 -42.06 6.42
CA ALA B 194 12.28 -41.35 7.47
C ALA B 194 11.58 -42.31 8.47
N ALA B 195 11.22 -43.50 8.00
CA ALA B 195 10.84 -44.59 8.91
C ALA B 195 11.81 -44.69 10.09
N LEU B 196 13.12 -44.65 9.80
CA LEU B 196 14.15 -44.84 10.82
C LEU B 196 14.06 -43.85 11.97
N LEU B 197 13.48 -42.67 11.76
CA LEU B 197 13.28 -41.69 12.84
C LEU B 197 12.37 -42.21 13.97
N SER B 198 11.53 -43.18 13.65
CA SER B 198 10.66 -43.82 14.63
C SER B 198 11.42 -44.65 15.67
N ALA B 199 12.52 -45.29 15.25
CA ALA B 199 13.42 -45.97 16.20
C ALA B 199 13.88 -45.08 17.37
N GLY B 200 14.08 -43.78 17.14
CA GLY B 200 14.51 -42.87 18.21
C GLY B 200 13.41 -42.01 18.80
N LEU B 201 12.32 -42.64 19.21
CA LEU B 201 11.12 -41.95 19.66
C LEU B 201 11.02 -42.17 21.16
N ASN B 202 10.71 -41.10 21.92
CA ASN B 202 10.58 -41.16 23.39
C ASN B 202 11.88 -41.60 24.07
N ARG B 203 13.02 -41.26 23.45
CA ARG B 203 14.33 -41.77 23.84
C ARG B 203 15.37 -40.65 23.76
N GLU B 204 16.40 -40.76 24.59
CA GLU B 204 17.50 -39.80 24.60
C GLU B 204 18.51 -40.13 23.50
N LYS B 205 18.62 -41.40 23.11
CA LYS B 205 19.46 -41.78 21.95
C LYS B 205 18.90 -42.98 21.16
N SER B 206 19.07 -42.93 19.83
CA SER B 206 18.52 -43.93 18.91
C SER B 206 19.30 -45.24 18.90
N PRO B 207 18.60 -46.38 18.74
CA PRO B 207 19.31 -47.65 18.52
C PRO B 207 20.00 -47.80 17.16
N LEU B 208 19.82 -46.82 16.27
CA LEU B 208 20.49 -46.86 14.97
C LEU B 208 21.64 -45.85 14.86
N GLU B 209 22.06 -45.27 15.99
CA GLU B 209 23.22 -44.37 16.04
C GLU B 209 24.47 -45.00 15.43
N GLY B 210 25.18 -44.26 14.57
CA GLY B 210 26.37 -44.76 13.86
C GLY B 210 26.11 -45.80 12.78
N TYR B 211 24.90 -45.80 12.20
CA TYR B 211 24.57 -46.64 11.03
C TYR B 211 24.72 -45.76 9.77
N SER B 212 25.11 -46.39 8.67
CA SER B 212 25.37 -45.69 7.41
C SER B 212 24.18 -45.94 6.48
N VAL B 213 23.64 -44.86 5.90
CA VAL B 213 22.52 -44.95 4.96
C VAL B 213 22.62 -43.99 3.81
N CYS B 214 22.16 -44.42 2.64
CA CYS B 214 21.84 -43.53 1.53
C CYS B 214 20.45 -42.94 1.75
N VAL B 215 20.36 -41.62 1.62
CA VAL B 215 19.13 -40.86 1.84
C VAL B 215 18.96 -39.90 0.66
N PHE B 216 17.72 -39.53 0.35
CA PHE B 216 17.47 -38.50 -0.66
C PHE B 216 18.03 -37.15 -0.16
N PRO B 217 18.90 -36.49 -0.96
CA PRO B 217 19.59 -35.30 -0.46
C PRO B 217 18.65 -34.14 -0.20
N ASP B 218 18.95 -33.39 0.84
CA ASP B 218 18.15 -32.26 1.24
C ASP B 218 18.14 -31.23 0.13
N SER B 219 19.33 -30.91 -0.38
CA SER B 219 19.55 -29.93 -1.46
C SER B 219 18.45 -29.95 -2.54
N LEU B 220 18.16 -31.15 -3.05
CA LEU B 220 17.21 -31.31 -4.16
C LEU B 220 15.77 -31.00 -3.75
N ASP B 221 15.36 -31.38 -2.54
CA ASP B 221 14.04 -30.99 -2.00
C ASP B 221 13.96 -29.48 -1.71
N GLU B 222 14.97 -28.91 -1.05
CA GLU B 222 15.03 -27.47 -0.75
C GLU B 222 15.35 -26.58 -1.96
N GLY B 223 15.81 -27.17 -3.07
CA GLY B 223 16.28 -26.41 -4.24
C GLY B 223 15.62 -26.77 -5.58
N ALA B 224 16.12 -27.82 -6.23
CA ALA B 224 15.74 -28.15 -7.61
C ALA B 224 14.31 -28.60 -7.79
N ASN B 225 13.80 -29.44 -6.87
CA ASN B 225 12.42 -29.94 -6.94
C ASN B 225 11.36 -28.84 -6.87
N ILE B 226 11.61 -27.81 -6.08
CA ILE B 226 10.69 -26.66 -6.00
C ILE B 226 10.75 -25.83 -7.28
N GLU B 227 11.93 -25.67 -7.89
CA GLU B 227 12.08 -24.77 -9.04
C GLU B 227 11.49 -25.35 -10.32
N ILE B 228 11.39 -26.66 -10.41
CA ILE B 228 10.73 -27.27 -11.56
C ILE B 228 9.28 -27.70 -11.29
N GLY B 229 8.69 -27.22 -10.20
CA GLY B 229 7.34 -27.63 -9.79
C GLY B 229 7.09 -29.12 -9.58
N TYR B 230 8.08 -29.84 -9.05
CA TYR B 230 7.86 -31.23 -8.62
C TYR B 230 7.10 -31.16 -7.28
N LEU B 231 7.64 -30.41 -6.33
CA LEU B 231 6.94 -29.99 -5.09
C LEU B 231 6.35 -28.56 -5.18
N PRO B 232 5.07 -28.35 -4.77
CA PRO B 232 4.48 -27.01 -4.74
C PRO B 232 4.82 -26.12 -3.52
N GLY B 233 5.78 -26.53 -2.69
CA GLY B 233 6.26 -25.70 -1.57
C GLY B 233 7.35 -26.39 -0.76
N ARG B 234 7.85 -25.71 0.27
CA ARG B 234 8.91 -26.29 1.10
C ARG B 234 8.37 -27.30 2.09
N LEU B 235 9.14 -28.36 2.31
CA LEU B 235 8.83 -29.32 3.34
C LEU B 235 9.20 -28.69 4.67
N LYS B 236 8.43 -29.00 5.71
CA LYS B 236 8.59 -28.38 7.04
C LYS B 236 9.79 -28.89 7.84
N TRP B 237 10.36 -29.99 7.37
CA TRP B 237 11.63 -30.48 7.86
C TRP B 237 12.18 -31.43 6.81
N LEU B 238 13.43 -31.85 6.96
CA LEU B 238 14.12 -32.61 5.92
C LEU B 238 14.63 -33.94 6.47
N VAL B 239 14.39 -35.01 5.73
CA VAL B 239 14.67 -36.36 6.25
C VAL B 239 16.12 -36.46 6.69
N ALA B 240 17.05 -36.14 5.81
CA ALA B 240 18.48 -36.35 6.08
C ALA B 240 19.00 -35.46 7.20
N ASP B 241 18.46 -34.25 7.33
CA ASP B 241 18.86 -33.34 8.41
C ASP B 241 18.57 -33.96 9.79
N LEU B 242 17.33 -34.35 10.03
CA LEU B 242 16.92 -34.96 11.30
C LEU B 242 17.54 -36.37 11.53
N LEU B 243 17.77 -37.13 10.46
CA LEU B 243 18.52 -38.38 10.55
C LEU B 243 19.96 -38.24 11.04
N THR B 244 20.62 -37.18 10.59
CA THR B 244 21.94 -36.78 11.13
C THR B 244 21.89 -36.35 12.61
N LYS B 245 20.91 -35.52 13.00
CA LYS B 245 20.70 -35.18 14.43
C LYS B 245 20.32 -36.36 15.33
N GLN B 246 20.01 -37.51 14.75
CA GLN B 246 19.80 -38.75 15.51
C GLN B 246 21.06 -39.64 15.56
N GLY B 247 22.15 -39.16 14.98
CA GLY B 247 23.45 -39.81 15.09
C GLY B 247 23.68 -40.86 14.04
N LEU B 248 23.12 -40.65 12.84
CA LEU B 248 23.34 -41.54 11.72
C LEU B 248 24.28 -40.86 10.73
N LYS B 249 25.16 -41.65 10.14
CA LYS B 249 26.08 -41.21 9.10
C LYS B 249 25.34 -41.18 7.75
N VAL B 250 24.93 -40.00 7.30
CA VAL B 250 24.33 -39.86 5.97
C VAL B 250 25.46 -39.77 4.95
N VAL B 251 25.74 -40.87 4.26
CA VAL B 251 26.93 -40.95 3.42
C VAL B 251 26.86 -40.10 2.15
N ASN B 252 25.69 -40.01 1.52
CA ASN B 252 25.56 -39.29 0.24
C ASN B 252 25.13 -37.80 0.37
N ASP B 253 25.23 -37.09 -0.76
CA ASP B 253 24.55 -35.79 -0.94
C ASP B 253 24.08 -35.51 -2.40
N ASP B 254 24.05 -36.54 -3.24
CA ASP B 254 23.63 -36.43 -4.65
C ASP B 254 22.85 -37.69 -5.07
N MET B 255 22.12 -37.58 -6.19
CA MET B 255 21.15 -38.59 -6.61
C MET B 255 21.72 -39.41 -7.77
N THR B 256 22.55 -40.40 -7.44
CA THR B 256 23.30 -41.18 -8.46
C THR B 256 22.89 -42.65 -8.62
N GLY B 257 21.94 -43.12 -7.81
CA GLY B 257 21.56 -44.54 -7.79
C GLY B 257 22.50 -45.40 -6.93
N ARG B 258 23.18 -44.77 -5.97
CA ARG B 258 24.11 -45.46 -5.09
C ARG B 258 23.39 -46.26 -4.01
N THR B 259 23.76 -47.54 -3.86
CA THR B 259 23.29 -48.41 -2.79
C THR B 259 24.35 -48.59 -1.71
N LEU B 260 23.91 -49.01 -0.53
CA LEU B 260 24.78 -49.13 0.64
C LEU B 260 24.26 -50.18 1.61
N LYS B 261 25.05 -51.23 1.80
CA LYS B 261 24.92 -52.17 2.91
C LYS B 261 25.66 -51.61 4.15
N ASP B 262 25.12 -51.87 5.33
CA ASP B 262 25.81 -51.58 6.60
C ASP B 262 25.17 -52.42 7.69
N ARG B 263 25.85 -53.50 8.07
CA ARG B 263 25.28 -54.55 8.91
C ARG B 263 24.10 -55.08 8.06
N LYS B 264 22.87 -55.09 8.60
CA LYS B 264 21.68 -55.54 7.84
C LYS B 264 20.70 -54.40 7.43
N LEU B 265 21.20 -53.16 7.39
CA LEU B 265 20.46 -52.00 6.87
C LEU B 265 20.96 -51.63 5.45
N LEU B 266 20.29 -52.22 4.45
CA LEU B 266 20.61 -52.01 3.04
C LEU B 266 19.77 -50.81 2.51
N THR B 267 20.42 -49.78 1.95
CA THR B 267 19.72 -48.57 1.48
C THR B 267 19.96 -48.19 0.02
N GLY B 268 19.15 -47.25 -0.46
CA GLY B 268 19.30 -46.61 -1.78
C GLY B 268 19.07 -45.12 -1.66
N ASP B 269 19.78 -44.33 -2.47
CA ASP B 269 19.73 -42.85 -2.39
C ASP B 269 18.56 -42.20 -3.12
N SER B 270 17.89 -42.94 -3.99
CA SER B 270 17.00 -42.31 -4.95
C SER B 270 16.22 -43.36 -5.70
N PRO B 271 15.24 -42.93 -6.53
CA PRO B 271 14.58 -43.85 -7.47
C PRO B 271 15.49 -44.61 -8.45
N LEU B 272 16.65 -44.03 -8.77
CA LEU B 272 17.61 -44.68 -9.68
C LEU B 272 18.12 -46.01 -9.13
N ALA B 273 18.28 -46.10 -7.80
CA ALA B 273 18.86 -47.28 -7.13
C ALA B 273 17.92 -48.46 -6.96
N SER B 274 16.69 -48.33 -7.46
CA SER B 274 15.66 -49.35 -7.32
C SER B 274 16.12 -50.72 -7.76
N ASN B 275 16.61 -50.79 -8.99
CA ASN B 275 17.00 -52.07 -9.58
C ASN B 275 18.19 -52.77 -8.89
N GLU B 276 19.16 -51.97 -8.43
CA GLU B 276 20.38 -52.51 -7.80
C GLU B 276 20.20 -52.77 -6.29
N LEU B 277 19.30 -52.04 -5.63
CA LEU B 277 18.89 -52.37 -4.25
C LEU B 277 18.10 -53.65 -4.24
N GLY B 278 17.32 -53.88 -5.29
CA GLY B 278 16.64 -55.16 -5.51
C GLY B 278 17.63 -56.30 -5.58
N LYS B 279 18.66 -56.13 -6.40
CA LYS B 279 19.75 -57.11 -6.53
C LYS B 279 20.57 -57.31 -5.24
N LEU B 280 20.93 -56.22 -4.56
CA LEU B 280 21.67 -56.30 -3.27
C LEU B 280 20.91 -57.10 -2.20
N ALA B 281 19.64 -56.80 -2.01
CA ALA B 281 18.84 -57.45 -0.98
C ALA B 281 18.70 -58.94 -1.25
N VAL B 282 18.42 -59.33 -2.49
CA VAL B 282 18.30 -60.76 -2.80
C VAL B 282 19.63 -61.50 -2.49
N ASN B 283 20.76 -60.97 -2.93
CA ASN B 283 22.06 -61.52 -2.57
C ASN B 283 22.15 -61.67 -1.04
N GLU B 284 21.98 -60.57 -0.31
CA GLU B 284 22.17 -60.59 1.15
C GLU B 284 21.26 -61.60 1.85
N MET B 285 19.99 -61.61 1.47
CA MET B 285 19.04 -62.55 2.04
C MET B 285 19.42 -64.01 1.80
N LEU B 286 19.74 -64.36 0.56
CA LEU B 286 20.20 -65.72 0.23
C LEU B 286 21.53 -66.09 0.93
N ASN B 287 22.46 -65.13 1.00
CA ASN B 287 23.68 -65.28 1.82
C ASN B 287 23.35 -65.66 3.26
N ALA B 288 22.55 -64.84 3.94
CA ALA B 288 22.16 -65.09 5.34
C ALA B 288 21.45 -66.45 5.56
N ILE B 289 20.92 -67.09 4.51
CA ILE B 289 20.52 -68.51 4.57
C ILE B 289 21.75 -69.39 4.24
N GLN B 290 22.48 -69.79 5.28
CA GLN B 290 23.69 -70.63 5.14
C GLN B 290 24.18 -71.16 6.51
N ASN C 6 -19.79 7.44 4.37
CA ASN C 6 -20.76 7.88 3.32
C ASN C 6 -20.48 7.08 2.03
N GLU C 7 -19.51 7.56 1.24
CA GLU C 7 -18.81 6.78 0.20
C GLU C 7 -17.35 6.49 0.63
N LEU C 8 -17.06 6.67 1.93
CA LEU C 8 -15.72 6.51 2.46
C LEU C 8 -15.39 5.05 2.60
N SER C 9 -14.09 4.74 2.55
CA SER C 9 -13.59 3.37 2.68
C SER C 9 -13.92 2.77 4.06
N LYS C 10 -14.44 1.55 4.08
CA LYS C 10 -14.57 0.77 5.33
C LYS C 10 -13.36 -0.15 5.49
N GLN C 11 -12.24 0.23 4.86
CA GLN C 11 -10.99 -0.52 4.91
C GLN C 11 -10.02 0.22 5.84
N PRO C 12 -9.41 -0.50 6.81
CA PRO C 12 -8.53 0.19 7.77
C PRO C 12 -7.26 0.76 7.13
N THR C 13 -6.89 1.97 7.52
CA THR C 13 -5.72 2.66 6.96
C THR C 13 -4.44 2.14 7.59
N PRO C 14 -3.39 1.85 6.80
CA PRO C 14 -2.12 1.34 7.38
C PRO C 14 -1.23 2.40 8.07
N ASP C 15 -0.80 2.13 9.30
CA ASP C 15 0.15 2.99 10.06
C ASP C 15 1.55 2.75 9.52
N LYS C 16 2.19 3.80 9.01
CA LYS C 16 3.52 3.68 8.39
C LYS C 16 4.58 3.30 9.40
N ALA C 17 4.44 3.76 10.64
CA ALA C 17 5.41 3.49 11.71
C ALA C 17 5.64 2.02 12.10
N GLU C 18 4.65 1.14 11.89
CA GLU C 18 4.76 -0.26 12.37
C GLU C 18 4.30 -1.29 11.34
N ASP C 19 4.82 -2.50 11.48
CA ASP C 19 4.55 -3.60 10.58
C ASP C 19 3.15 -4.17 10.76
N ASN C 20 2.41 -4.34 9.66
CA ASN C 20 1.08 -4.99 9.66
C ASN C 20 0.14 -4.33 10.66
N ALA C 21 0.14 -3.00 10.66
CA ALA C 21 -0.60 -2.22 11.65
C ALA C 21 -1.45 -1.17 10.97
N PHE C 22 -2.54 -0.77 11.63
CA PHE C 22 -3.61 -0.04 10.97
C PHE C 22 -4.32 0.91 11.93
N PHE C 23 -4.66 2.08 11.43
CA PHE C 23 -5.58 3.00 12.09
C PHE C 23 -7.00 2.51 11.80
N PRO C 24 -8.02 3.17 12.37
CA PRO C 24 -9.39 2.92 11.91
C PRO C 24 -9.66 3.41 10.46
N SER C 25 -10.67 2.80 9.84
CA SER C 25 -11.08 3.12 8.47
C SER C 25 -11.58 4.56 8.34
N PRO C 26 -11.46 5.15 7.14
CA PRO C 26 -12.04 6.48 6.89
C PRO C 26 -13.52 6.59 7.24
N TYR C 27 -14.27 5.54 6.88
CA TYR C 27 -15.68 5.43 7.27
C TYR C 27 -15.86 5.46 8.80
N SER C 28 -15.09 4.64 9.53
CA SER C 28 -15.27 4.55 10.99
C SER C 28 -14.90 5.84 11.77
N LEU C 29 -13.90 6.57 11.27
CA LEU C 29 -13.57 7.87 11.86
C LEU C 29 -14.70 8.89 11.69
N SER C 30 -15.42 8.83 10.58
CA SER C 30 -16.55 9.75 10.31
C SER C 30 -17.71 9.53 11.27
N GLN C 31 -17.89 8.29 11.71
CA GLN C 31 -19.01 7.89 12.58
C GLN C 31 -18.78 7.98 14.11
N TYR C 32 -17.56 7.67 14.57
CA TYR C 32 -17.23 7.70 16.00
C TYR C 32 -16.24 8.79 16.37
N THR C 33 -16.02 9.80 15.53
CA THR C 33 -15.27 10.99 15.97
C THR C 33 -15.91 12.28 15.43
N ALA C 34 -15.71 13.36 16.18
CA ALA C 34 -16.26 14.67 15.86
C ALA C 34 -15.20 15.73 16.16
N PRO C 35 -15.16 16.84 15.37
CA PRO C 35 -14.15 17.85 15.71
C PRO C 35 -14.44 18.60 17.02
N LYS C 36 -15.71 18.63 17.46
CA LYS C 36 -16.08 19.18 18.77
C LYS C 36 -16.74 18.11 19.65
N THR C 37 -16.78 18.37 20.96
CA THR C 37 -17.48 17.53 21.92
C THR C 37 -18.74 18.27 22.34
N ASP C 38 -19.53 17.63 23.20
CA ASP C 38 -20.75 18.24 23.76
C ASP C 38 -20.51 18.98 25.08
N PHE C 39 -19.25 19.22 25.41
CA PHE C 39 -18.92 20.05 26.55
C PHE C 39 -19.50 21.42 26.33
N ASP C 40 -20.18 21.96 27.33
CA ASP C 40 -20.56 23.37 27.36
C ASP C 40 -20.70 23.81 28.81
N GLY C 41 -19.56 23.79 29.48
CA GLY C 41 -19.42 24.40 30.78
C GLY C 41 -19.10 23.45 31.90
N VAL C 42 -18.24 23.94 32.79
CA VAL C 42 -17.79 23.26 33.99
C VAL C 42 -18.76 23.66 35.10
N GLU C 43 -19.12 22.76 36.00
CA GLU C 43 -20.07 23.13 37.07
C GLU C 43 -19.49 23.89 38.27
N HIS C 44 -18.22 23.67 38.61
CA HIS C 44 -17.66 24.22 39.87
C HIS C 44 -16.30 24.93 39.74
N LYS C 45 -16.14 25.86 38.79
CA LYS C 45 -14.83 26.53 38.61
C LYS C 45 -14.27 27.04 39.95
N GLY C 46 -13.11 26.53 40.37
CA GLY C 46 -12.41 27.07 41.52
C GLY C 46 -13.05 26.82 42.86
N ALA C 47 -13.72 25.69 43.00
CA ALA C 47 -14.35 25.32 44.28
C ALA C 47 -13.34 24.91 45.33
N TYR C 48 -12.27 24.22 44.90
CA TYR C 48 -11.18 23.83 45.79
C TYR C 48 -10.08 24.86 45.67
N LYS C 49 -9.92 25.67 46.72
CA LYS C 49 -8.98 26.78 46.70
C LYS C 49 -7.58 26.39 47.20
N ASP C 50 -7.49 25.45 48.15
CA ASP C 50 -6.17 24.99 48.65
C ASP C 50 -5.49 24.17 47.55
N GLY C 51 -4.22 23.82 47.77
CA GLY C 51 -3.40 23.16 46.74
C GLY C 51 -3.06 21.71 47.00
N LYS C 52 -3.68 21.11 48.02
CA LYS C 52 -3.27 19.76 48.47
C LYS C 52 -3.79 18.65 47.56
N TRP C 53 -5.09 18.42 47.57
CA TRP C 53 -5.71 17.34 46.80
C TRP C 53 -5.43 17.38 45.28
N LYS C 54 -4.82 16.30 44.77
CA LYS C 54 -4.47 16.11 43.35
C LYS C 54 -5.18 14.86 42.81
N VAL C 55 -5.16 14.68 41.49
CA VAL C 55 -5.65 13.47 40.81
C VAL C 55 -4.48 12.69 40.19
N LEU C 56 -4.46 11.39 40.38
CA LEU C 56 -3.41 10.62 39.81
C LEU C 56 -3.93 9.96 38.55
N MET C 57 -3.35 10.27 37.38
CA MET C 57 -3.71 9.55 36.14
C MET C 57 -2.74 8.42 35.73
N ILE C 58 -3.28 7.22 35.58
CA ILE C 58 -2.57 6.12 35.00
C ILE C 58 -2.94 6.09 33.52
N ALA C 59 -1.95 6.34 32.66
CA ALA C 59 -2.11 6.38 31.20
C ALA C 59 -1.38 5.20 30.53
N ALA C 60 -1.72 4.94 29.28
CA ALA C 60 -1.13 3.86 28.51
C ALA C 60 0.09 4.34 27.72
N GLU C 61 1.11 3.49 27.71
CA GLU C 61 2.39 3.75 27.07
C GLU C 61 2.65 2.79 25.92
N GLU C 62 1.63 2.06 25.47
CA GLU C 62 1.74 1.14 24.35
C GLU C 62 0.54 1.39 23.43
N ARG C 63 0.83 1.59 22.16
CA ARG C 63 -0.16 2.00 21.16
C ARG C 63 -0.75 0.84 20.42
N TYR C 64 -0.02 -0.26 20.35
CA TYR C 64 -0.28 -1.37 19.42
C TYR C 64 -0.87 -2.56 20.17
N VAL C 65 -1.98 -3.08 19.66
CA VAL C 65 -2.64 -4.23 20.26
C VAL C 65 -2.64 -5.34 19.23
N LEU C 66 -1.90 -6.40 19.49
CA LEU C 66 -1.90 -7.56 18.60
C LEU C 66 -3.28 -8.22 18.67
N LEU C 67 -3.79 -8.63 17.51
CA LEU C 67 -5.13 -9.20 17.35
C LEU C 67 -5.15 -10.63 16.82
N GLU C 68 -6.32 -11.26 16.91
CA GLU C 68 -6.49 -12.70 16.61
C GLU C 68 -5.87 -13.12 15.24
N ASN C 69 -5.94 -12.23 14.24
CA ASN C 69 -5.40 -12.51 12.90
C ASN C 69 -3.98 -11.95 12.66
N GLY C 70 -3.22 -11.68 13.72
CA GLY C 70 -1.83 -11.19 13.58
C GLY C 70 -1.64 -9.71 13.26
N LYS C 71 -2.69 -9.02 12.83
CA LYS C 71 -2.62 -7.58 12.52
C LYS C 71 -2.60 -6.75 13.81
N MET C 72 -2.08 -5.53 13.74
CA MET C 72 -2.01 -4.69 14.92
C MET C 72 -2.84 -3.46 14.72
N PHE C 73 -3.51 -3.07 15.80
CA PHE C 73 -4.39 -1.94 15.79
C PHE C 73 -3.58 -0.81 16.37
N SER C 74 -3.52 0.34 15.70
CA SER C 74 -2.76 1.51 16.17
C SER C 74 -3.61 2.45 17.02
N THR C 75 -3.73 2.09 18.28
CA THR C 75 -4.66 2.76 19.18
C THR C 75 -3.92 3.74 20.11
N GLY C 76 -4.24 3.73 21.40
CA GLY C 76 -3.71 4.66 22.41
C GLY C 76 -4.79 4.90 23.46
N ASN C 77 -4.61 5.83 24.38
CA ASN C 77 -5.74 6.33 25.14
C ASN C 77 -6.61 7.20 24.24
N HIS C 78 -7.91 7.18 24.48
CA HIS C 78 -8.83 8.08 23.75
C HIS C 78 -8.75 9.52 24.28
N PRO C 79 -8.47 10.52 23.41
CA PRO C 79 -8.31 11.89 23.91
C PRO C 79 -9.53 12.46 24.63
N VAL C 80 -10.73 12.17 24.14
CA VAL C 80 -11.95 12.70 24.77
C VAL C 80 -12.23 12.07 26.13
N GLU C 81 -11.98 10.78 26.29
CA GLU C 81 -12.12 10.13 27.60
C GLU C 81 -11.01 10.53 28.58
N MET C 82 -9.87 10.95 28.06
CA MET C 82 -8.80 11.46 28.89
C MET C 82 -9.07 12.91 29.28
N LEU C 83 -9.11 13.78 28.28
CA LEU C 83 -8.93 15.22 28.52
C LEU C 83 -10.19 15.95 28.98
N LEU C 84 -11.34 15.45 28.60
CA LEU C 84 -12.59 16.08 28.97
C LEU C 84 -12.87 15.95 30.47
N PRO C 85 -12.72 14.75 31.06
CA PRO C 85 -12.87 14.68 32.52
C PRO C 85 -11.76 15.41 33.26
N LEU C 86 -10.56 15.45 32.68
CA LEU C 86 -9.47 16.17 33.31
C LEU C 86 -9.69 17.67 33.26
N HIS C 87 -10.34 18.18 32.21
CA HIS C 87 -10.68 19.59 32.15
C HIS C 87 -11.60 19.96 33.29
N HIS C 88 -12.66 19.17 33.49
CA HIS C 88 -13.60 19.42 34.61
C HIS C 88 -12.90 19.55 35.97
N LEU C 89 -12.02 18.59 36.25
CA LEU C 89 -11.27 18.48 37.52
C LEU C 89 -10.23 19.59 37.75
N MET C 90 -9.47 19.95 36.72
CA MET C 90 -8.47 21.01 36.83
C MET C 90 -9.15 22.34 37.08
N GLU C 91 -10.25 22.59 36.37
CA GLU C 91 -11.06 23.79 36.57
C GLU C 91 -11.62 23.85 37.97
N ALA C 92 -12.05 22.73 38.53
CA ALA C 92 -12.44 22.72 39.96
C ALA C 92 -11.29 22.98 40.97
N GLY C 93 -10.05 22.88 40.51
CA GLY C 93 -8.87 23.24 41.29
C GLY C 93 -8.02 22.07 41.79
N PHE C 94 -8.16 20.91 41.15
CA PHE C 94 -7.36 19.74 41.45
C PHE C 94 -6.30 19.66 40.37
N ASP C 95 -5.02 19.68 40.75
CA ASP C 95 -3.94 19.46 39.78
C ASP C 95 -3.81 17.95 39.46
N VAL C 96 -3.23 17.65 38.29
CA VAL C 96 -3.09 16.28 37.81
C VAL C 96 -1.62 15.91 37.72
N ASP C 97 -1.29 14.68 38.16
CA ASP C 97 0.01 14.04 37.92
C ASP C 97 -0.28 12.87 37.00
N VAL C 98 0.60 12.70 36.02
CA VAL C 98 0.46 11.69 35.01
C VAL C 98 1.51 10.63 35.27
N ALA C 99 1.15 9.35 35.09
CA ALA C 99 2.07 8.21 35.29
C ALA C 99 1.83 7.08 34.29
N THR C 100 2.91 6.44 33.88
CA THR C 100 2.84 5.23 33.08
C THR C 100 3.65 4.14 33.78
N LEU C 101 3.55 2.91 33.29
CA LEU C 101 4.22 1.78 33.96
C LEU C 101 5.75 1.88 33.97
N SER C 102 6.34 2.32 32.86
CA SER C 102 7.79 2.35 32.71
C SER C 102 8.38 3.76 32.56
N GLY C 103 7.54 4.79 32.58
CA GLY C 103 7.99 6.17 32.36
C GLY C 103 8.01 6.62 30.91
N TYR C 104 7.60 5.74 29.99
CA TYR C 104 7.53 6.08 28.55
C TYR C 104 6.46 7.16 28.30
N PRO C 105 6.58 7.90 27.18
CA PRO C 105 5.56 8.92 26.89
C PRO C 105 4.17 8.32 26.79
N VAL C 106 3.17 9.08 27.21
CA VAL C 106 1.77 8.64 27.12
C VAL C 106 1.41 8.58 25.65
N LYS C 107 0.70 7.52 25.27
CA LYS C 107 0.31 7.26 23.88
C LYS C 107 -1.20 7.53 23.64
N LEU C 108 -1.53 8.55 22.82
CA LEU C 108 -2.93 8.85 22.49
C LEU C 108 -3.39 8.32 21.12
N GLU C 109 -4.68 7.99 21.02
CA GLU C 109 -5.38 7.82 19.74
C GLU C 109 -5.59 9.21 19.11
N LEU C 110 -4.61 9.75 18.40
CA LEU C 110 -4.72 11.16 17.93
C LEU C 110 -5.73 11.37 16.81
N TRP C 111 -5.95 10.34 15.99
CA TRP C 111 -7.08 10.28 15.04
C TRP C 111 -8.45 10.65 15.66
N ALA C 112 -8.64 10.42 16.96
CA ALA C 112 -9.86 10.81 17.65
C ALA C 112 -9.79 12.19 18.35
N MET C 113 -8.71 12.95 18.13
CA MET C 113 -8.51 14.19 18.84
C MET C 113 -9.53 15.21 18.31
N PRO C 114 -10.48 15.68 19.14
CA PRO C 114 -11.40 16.72 18.62
C PRO C 114 -10.66 18.05 18.39
N THR C 115 -10.05 18.17 17.21
CA THR C 115 -9.16 19.29 16.84
C THR C 115 -9.63 20.71 17.15
N GLU C 116 -10.95 20.93 17.04
CA GLU C 116 -11.54 22.25 17.19
C GLU C 116 -12.45 22.38 18.43
N ASP C 117 -12.16 21.62 19.48
CA ASP C 117 -12.77 21.84 20.78
C ASP C 117 -11.72 22.56 21.61
N GLU C 118 -11.91 23.86 21.74
CA GLU C 118 -11.00 24.75 22.50
C GLU C 118 -10.72 24.28 23.94
N ALA C 119 -11.75 23.77 24.62
CA ALA C 119 -11.60 23.28 26.01
C ALA C 119 -10.70 22.04 26.08
N VAL C 120 -10.89 21.11 25.15
CA VAL C 120 -10.05 19.93 25.08
C VAL C 120 -8.62 20.29 24.67
N ILE C 121 -8.46 21.15 23.67
CA ILE C 121 -7.10 21.46 23.19
C ILE C 121 -6.32 22.29 24.23
N SER C 122 -7.06 23.16 24.92
CA SER C 122 -6.53 23.90 26.07
C SER C 122 -5.96 22.95 27.14
N THR C 123 -6.67 21.84 27.40
CA THR C 123 -6.25 20.86 28.41
C THR C 123 -5.12 19.99 27.86
N TYR C 124 -5.23 19.57 26.61
CA TYR C 124 -4.15 18.84 25.97
C TYR C 124 -2.83 19.59 26.17
N ASN C 125 -2.84 20.86 25.78
CA ASN C 125 -1.65 21.72 25.86
C ASN C 125 -1.03 21.80 27.29
N LYS C 126 -1.79 22.20 28.31
CA LYS C 126 -1.29 22.15 29.69
C LYS C 126 -0.49 20.86 29.96
N LEU C 127 -1.06 19.71 29.60
CA LEU C 127 -0.51 18.41 30.02
C LEU C 127 0.63 17.87 29.15
N LYS C 128 0.86 18.45 27.97
CA LYS C 128 1.90 17.96 27.03
C LYS C 128 3.24 17.58 27.67
N GLU C 129 3.69 18.38 28.64
CA GLU C 129 4.96 18.06 29.30
C GLU C 129 4.82 16.80 30.15
N LYS C 130 3.79 16.76 30.99
CA LYS C 130 3.52 15.59 31.83
C LYS C 130 3.18 14.39 31.01
N LEU C 131 2.56 14.61 29.86
CA LEU C 131 2.23 13.52 28.92
C LEU C 131 3.42 12.93 28.18
N LYS C 132 4.39 13.79 27.85
CA LYS C 132 5.59 13.36 27.13
C LYS C 132 6.68 12.80 28.07
N GLN C 133 6.63 13.18 29.34
CA GLN C 133 7.62 12.81 30.35
C GLN C 133 6.94 12.47 31.69
N PRO C 134 6.09 11.43 31.67
CA PRO C 134 5.35 11.11 32.86
C PRO C 134 6.22 10.46 33.92
N LYS C 135 5.62 10.18 35.06
CA LYS C 135 6.30 9.55 36.16
C LYS C 135 6.28 8.03 35.94
N LYS C 136 7.09 7.33 36.73
CA LYS C 136 7.13 5.88 36.73
C LYS C 136 6.23 5.46 37.89
N LEU C 137 5.24 4.61 37.64
CA LEU C 137 4.23 4.30 38.64
C LEU C 137 4.83 3.69 39.88
N ALA C 138 5.81 2.81 39.72
CA ALA C 138 6.53 2.25 40.87
C ALA C 138 7.09 3.35 41.79
N ASP C 139 7.66 4.41 41.21
CA ASP C 139 8.16 5.53 42.01
C ASP C 139 7.04 6.33 42.71
N VAL C 140 5.87 6.42 42.08
CA VAL C 140 4.71 7.01 42.71
C VAL C 140 4.35 6.13 43.92
N ILE C 141 4.31 4.81 43.71
CA ILE C 141 3.94 3.85 44.76
C ILE C 141 4.90 3.90 45.96
N LYS C 142 6.21 3.88 45.69
CA LYS C 142 7.24 4.02 46.72
C LYS C 142 7.11 5.33 47.54
N ASN C 143 6.87 6.46 46.88
CA ASN C 143 7.10 7.79 47.48
C ASN C 143 5.87 8.65 47.78
N GLU C 144 4.83 8.52 46.98
CA GLU C 144 3.74 9.45 47.00
C GLU C 144 2.40 8.84 47.41
N LEU C 145 2.34 7.58 47.82
CA LEU C 145 1.05 7.01 48.28
C LEU C 145 0.90 7.01 49.82
N GLY C 146 0.62 5.87 50.46
CA GLY C 146 0.35 5.84 51.90
C GLY C 146 -0.97 6.51 52.29
N PRO C 147 -1.28 6.54 53.61
CA PRO C 147 -2.52 7.16 54.07
C PRO C 147 -2.57 8.69 53.93
N ASP C 148 -1.40 9.33 53.87
CA ASP C 148 -1.26 10.78 53.81
C ASP C 148 -0.98 11.29 52.39
N SER C 149 -1.31 10.49 51.40
CA SER C 149 -1.15 10.92 50.02
C SER C 149 -2.03 12.13 49.73
N ASP C 150 -1.51 13.00 48.88
CA ASP C 150 -2.27 14.10 48.32
C ASP C 150 -3.26 13.65 47.24
N TYR C 151 -3.13 12.41 46.75
CA TYR C 151 -4.03 11.90 45.71
C TYR C 151 -5.40 11.48 46.24
N LEU C 152 -6.44 12.11 45.71
CA LEU C 152 -7.80 11.93 46.20
C LEU C 152 -8.50 10.87 45.33
N SER C 153 -8.04 10.76 44.09
CA SER C 153 -8.67 9.93 43.09
C SER C 153 -7.59 9.42 42.13
N VAL C 154 -7.69 8.15 41.78
CA VAL C 154 -6.90 7.57 40.68
C VAL C 154 -7.83 7.49 39.46
N PHE C 155 -7.30 7.92 38.31
CA PHE C 155 -8.06 8.08 37.08
C PHE C 155 -7.44 7.25 35.97
N ILE C 156 -8.17 6.28 35.46
CA ILE C 156 -7.65 5.43 34.39
C ILE C 156 -8.55 5.58 33.13
N PRO C 157 -8.20 6.51 32.21
CA PRO C 157 -9.00 6.69 30.99
C PRO C 157 -8.96 5.49 30.04
N GLY C 158 -9.95 5.44 29.17
CA GLY C 158 -10.08 4.33 28.25
C GLY C 158 -9.24 4.52 27.01
N GLY C 159 -9.72 3.97 25.91
CA GLY C 159 -8.93 3.75 24.71
C GLY C 159 -8.58 2.28 24.72
N HIS C 160 -8.58 1.66 23.53
CA HIS C 160 -8.24 0.23 23.38
C HIS C 160 -6.85 -0.15 23.90
N ALA C 161 -5.90 0.79 23.87
CA ALA C 161 -4.54 0.54 24.37
C ALA C 161 -4.43 0.27 25.87
N ALA C 162 -5.46 0.70 26.62
CA ALA C 162 -5.62 0.40 28.06
C ALA C 162 -5.64 -1.08 28.37
N VAL C 163 -5.89 -1.88 27.34
CA VAL C 163 -5.97 -3.34 27.42
C VAL C 163 -4.58 -4.00 27.48
N VAL C 164 -3.49 -3.24 27.21
CA VAL C 164 -2.11 -3.77 27.17
C VAL C 164 -1.35 -3.32 28.40
N GLY C 165 -0.65 -4.26 29.04
CA GLY C 165 0.20 -3.96 30.22
C GLY C 165 -0.62 -3.68 31.45
N ILE C 166 -1.24 -2.50 31.48
CA ILE C 166 -2.13 -2.03 32.56
C ILE C 166 -3.05 -3.09 33.20
N SER C 167 -3.51 -4.06 32.41
CA SER C 167 -4.47 -5.08 32.89
C SER C 167 -3.84 -6.32 33.47
N GLU C 168 -2.51 -6.43 33.43
CA GLU C 168 -1.80 -7.53 34.06
C GLU C 168 -0.62 -7.01 34.87
N SER C 169 -0.81 -5.89 35.59
CA SER C 169 0.28 -5.11 36.22
C SER C 169 0.21 -5.10 37.75
N GLU C 170 1.24 -5.63 38.41
CA GLU C 170 1.30 -5.57 39.89
C GLU C 170 1.38 -4.12 40.42
N ASP C 171 2.01 -3.22 39.67
CA ASP C 171 1.94 -1.79 39.99
C ASP C 171 0.50 -1.33 40.08
N VAL C 172 -0.29 -1.64 39.06
CA VAL C 172 -1.68 -1.24 39.06
C VAL C 172 -2.41 -1.92 40.20
N GLN C 173 -2.02 -3.11 40.61
CA GLN C 173 -2.68 -3.74 41.76
C GLN C 173 -2.46 -3.03 43.06
N GLN C 174 -1.22 -2.60 43.28
CA GLN C 174 -0.86 -1.85 44.47
C GLN C 174 -1.52 -0.48 44.53
N THR C 175 -1.77 0.11 43.38
CA THR C 175 -2.48 1.37 43.30
C THR C 175 -3.95 1.23 43.66
N LEU C 176 -4.63 0.25 43.07
CA LEU C 176 -6.04 -0.01 43.39
C LEU C 176 -6.18 -0.47 44.84
N ASP C 177 -5.19 -1.21 45.34
CA ASP C 177 -5.22 -1.66 46.73
C ASP C 177 -5.18 -0.46 47.62
N TRP C 178 -4.30 0.48 47.31
CA TRP C 178 -4.18 1.73 48.06
C TRP C 178 -5.49 2.56 48.09
N ALA C 179 -6.16 2.66 46.93
CA ALA C 179 -7.39 3.46 46.79
C ALA C 179 -8.53 2.90 47.61
N LEU C 180 -8.67 1.57 47.65
CA LEU C 180 -9.70 0.90 48.49
C LEU C 180 -9.42 1.09 49.97
N ASP C 181 -8.23 0.64 50.39
CA ASP C 181 -7.75 0.74 51.77
C ASP C 181 -7.75 2.16 52.35
N ASN C 182 -7.65 3.17 51.50
CA ASN C 182 -7.71 4.58 51.93
C ASN C 182 -8.96 5.38 51.51
N ASP C 183 -9.95 4.71 50.91
CA ASP C 183 -11.22 5.35 50.59
C ASP C 183 -11.07 6.52 49.59
N ARG C 184 -10.30 6.25 48.55
CA ARG C 184 -10.01 7.19 47.49
C ARG C 184 -10.74 6.71 46.24
N PHE C 185 -11.08 7.65 45.35
CA PHE C 185 -11.91 7.35 44.17
C PHE C 185 -11.13 6.69 43.07
N ILE C 186 -11.66 5.58 42.56
CA ILE C 186 -11.19 4.98 41.31
C ILE C 186 -12.17 5.45 40.22
N VAL C 187 -11.66 6.13 39.20
CA VAL C 187 -12.50 6.74 38.17
C VAL C 187 -11.99 6.28 36.80
N THR C 188 -12.84 5.57 36.07
CA THR C 188 -12.43 4.94 34.82
C THR C 188 -13.55 5.08 33.77
N LEU C 189 -13.24 4.70 32.51
CA LEU C 189 -14.34 4.56 31.56
C LEU C 189 -13.91 3.83 30.33
N HIS C 191 -12.67 1.28 27.89
CA HIS C 191 -11.87 0.09 28.06
C HIS C 191 -10.99 0.21 29.28
N GLY C 192 -11.01 1.36 29.87
CA GLY C 192 -10.31 1.66 31.13
C GLY C 192 -10.52 0.62 32.20
N PRO C 193 -11.76 0.17 32.40
CA PRO C 193 -11.97 -0.88 33.38
C PRO C 193 -11.15 -2.17 33.18
N ALA C 194 -10.52 -2.36 32.02
CA ALA C 194 -9.49 -3.39 31.90
C ALA C 194 -8.46 -3.30 33.02
N ALA C 195 -8.10 -2.08 33.42
CA ALA C 195 -7.20 -1.87 34.56
C ALA C 195 -7.60 -2.64 35.81
N LEU C 196 -8.91 -2.75 36.06
CA LEU C 196 -9.45 -3.41 37.25
C LEU C 196 -9.20 -4.93 37.30
N LEU C 197 -8.85 -5.53 36.16
CA LEU C 197 -8.39 -6.92 36.12
C LEU C 197 -7.15 -7.12 36.95
N SER C 198 -6.30 -6.12 37.02
CA SER C 198 -5.07 -6.25 37.77
C SER C 198 -5.28 -6.54 39.25
N ALA C 199 -6.38 -6.05 39.82
CA ALA C 199 -6.76 -6.37 41.22
C ALA C 199 -6.87 -7.88 41.57
N GLY C 200 -7.12 -8.74 40.58
CA GLY C 200 -7.16 -10.19 40.76
C GLY C 200 -5.86 -10.96 40.52
N LEU C 201 -4.83 -10.32 39.96
CA LEU C 201 -3.50 -10.95 39.88
C LEU C 201 -3.11 -11.65 41.17
N ASN C 202 -2.75 -12.93 41.05
CA ASN C 202 -2.12 -13.70 42.17
C ASN C 202 -3.05 -13.89 43.37
N ARG C 203 -4.33 -14.09 43.04
CA ARG C 203 -5.42 -14.08 44.02
C ARG C 203 -6.61 -14.89 43.55
N GLU C 204 -7.18 -15.73 44.41
CA GLU C 204 -8.44 -16.39 44.11
C GLU C 204 -9.59 -15.42 43.99
N LYS C 205 -9.58 -14.34 44.78
CA LYS C 205 -10.69 -13.37 44.83
C LYS C 205 -10.20 -11.93 44.67
N SER C 206 -10.82 -11.18 43.77
CA SER C 206 -10.52 -9.76 43.55
C SER C 206 -11.23 -8.90 44.63
N PRO C 207 -10.53 -7.92 45.26
CA PRO C 207 -11.17 -6.91 46.14
C PRO C 207 -12.34 -6.13 45.51
N LEU C 208 -12.30 -6.00 44.18
CA LEU C 208 -13.41 -5.42 43.41
C LEU C 208 -14.52 -6.41 43.02
N GLU C 209 -14.46 -7.68 43.45
CA GLU C 209 -15.59 -8.60 43.31
C GLU C 209 -16.82 -7.96 43.91
N GLY C 210 -17.92 -8.00 43.18
CA GLY C 210 -19.18 -7.44 43.63
C GLY C 210 -19.49 -6.08 43.05
N TYR C 211 -18.49 -5.28 42.68
CA TYR C 211 -18.73 -3.90 42.21
C TYR C 211 -19.44 -3.83 40.87
N SER C 212 -20.30 -2.83 40.73
CA SER C 212 -21.00 -2.51 39.48
C SER C 212 -20.06 -1.66 38.65
N VAL C 213 -20.03 -1.91 37.34
CA VAL C 213 -19.29 -1.07 36.39
C VAL C 213 -19.89 -0.96 35.00
N CYS C 214 -19.64 0.18 34.36
CA CYS C 214 -19.89 0.38 32.92
C CYS C 214 -18.63 -0.04 32.20
N VAL C 215 -18.79 -0.73 31.08
CA VAL C 215 -17.69 -1.23 30.31
C VAL C 215 -18.10 -1.23 28.85
N PHE C 216 -17.11 -1.08 27.96
CA PHE C 216 -17.35 -1.17 26.53
C PHE C 216 -17.88 -2.55 26.14
N PRO C 217 -18.93 -2.59 25.31
CA PRO C 217 -19.62 -3.85 25.05
C PRO C 217 -18.89 -4.91 24.19
N ASP C 218 -19.02 -6.17 24.59
CA ASP C 218 -18.49 -7.29 23.83
C ASP C 218 -19.12 -7.39 22.44
N SER C 219 -20.43 -7.13 22.38
CA SER C 219 -21.17 -7.09 21.11
C SER C 219 -20.60 -6.08 20.13
N LEU C 220 -20.17 -4.92 20.62
CA LEU C 220 -19.65 -3.86 19.74
C LEU C 220 -18.22 -4.09 19.26
N ASP C 221 -17.36 -4.68 20.08
CA ASP C 221 -16.01 -5.07 19.64
C ASP C 221 -16.00 -6.35 18.76
N GLU C 222 -16.95 -7.27 18.98
CA GLU C 222 -17.03 -8.48 18.17
C GLU C 222 -17.84 -8.30 16.88
N GLY C 223 -18.68 -7.27 16.80
CA GLY C 223 -19.56 -7.07 15.65
C GLY C 223 -19.31 -5.77 14.92
N ALA C 224 -20.11 -4.75 15.24
CA ALA C 224 -20.09 -3.43 14.55
C ALA C 224 -18.72 -2.79 14.30
N ASN C 225 -17.81 -2.82 15.30
CA ASN C 225 -16.43 -2.31 15.13
C ASN C 225 -15.63 -3.10 14.08
N ILE C 226 -15.85 -4.41 13.96
CA ILE C 226 -15.13 -5.20 12.96
C ILE C 226 -15.70 -4.91 11.58
N GLU C 227 -17.01 -4.81 11.49
CA GLU C 227 -17.69 -4.74 10.19
C GLU C 227 -17.51 -3.39 9.48
N ILE C 228 -17.33 -2.31 10.24
CA ILE C 228 -17.05 -0.99 9.64
C ILE C 228 -15.57 -0.62 9.58
N GLY C 229 -14.70 -1.52 10.05
CA GLY C 229 -13.24 -1.34 9.95
C GLY C 229 -12.63 -0.34 10.91
N TYR C 230 -13.24 -0.18 12.09
CA TYR C 230 -12.59 0.51 13.21
C TYR C 230 -11.40 -0.37 13.64
N LEU C 231 -11.69 -1.64 13.91
CA LEU C 231 -10.65 -2.64 14.16
C LEU C 231 -10.32 -3.47 12.89
N PRO C 232 -9.03 -3.72 12.61
CA PRO C 232 -8.67 -4.61 11.51
C PRO C 232 -8.70 -6.08 11.87
N GLY C 233 -9.35 -6.44 12.98
CA GLY C 233 -9.42 -7.84 13.38
C GLY C 233 -9.94 -7.96 14.78
N ARG C 234 -9.94 -9.20 15.27
CA ARG C 234 -10.64 -9.55 16.49
C ARG C 234 -9.69 -9.48 17.72
N LEU C 235 -10.19 -8.97 18.84
CA LEU C 235 -9.41 -8.96 20.07
C LEU C 235 -9.24 -10.39 20.62
N LYS C 236 -8.08 -10.67 21.21
CA LYS C 236 -7.79 -12.00 21.74
C LYS C 236 -8.60 -12.31 23.00
N TRP C 237 -8.97 -11.27 23.73
CA TRP C 237 -9.96 -11.39 24.79
C TRP C 237 -10.73 -10.10 24.97
N LEU C 238 -11.96 -10.24 25.45
CA LEU C 238 -12.88 -9.15 25.64
C LEU C 238 -12.93 -8.75 27.10
N VAL C 239 -13.04 -7.44 27.34
CA VAL C 239 -12.89 -6.82 28.67
C VAL C 239 -14.11 -6.98 29.54
N ALA C 240 -15.31 -6.81 29.00
CA ALA C 240 -16.55 -7.03 29.78
C ALA C 240 -16.68 -8.50 30.24
N ASP C 241 -16.22 -9.41 29.38
CA ASP C 241 -16.24 -10.84 29.68
C ASP C 241 -15.32 -11.28 30.80
N LEU C 242 -14.06 -10.88 30.74
CA LEU C 242 -13.07 -11.19 31.78
C LEU C 242 -13.41 -10.57 33.16
N LEU C 243 -13.84 -9.33 33.17
CA LEU C 243 -14.36 -8.73 34.39
C LEU C 243 -15.53 -9.52 34.94
N THR C 244 -16.41 -10.00 34.07
CA THR C 244 -17.49 -10.88 34.50
C THR C 244 -16.94 -12.17 35.12
N LYS C 245 -15.95 -12.83 34.49
CA LYS C 245 -15.34 -14.02 35.09
C LYS C 245 -14.69 -13.77 36.46
N GLN C 246 -14.26 -12.52 36.73
CA GLN C 246 -13.62 -12.12 38.00
C GLN C 246 -14.60 -11.70 39.09
N GLY C 247 -15.89 -11.67 38.81
CA GLY C 247 -16.90 -11.40 39.83
C GLY C 247 -17.47 -10.00 39.85
N LEU C 248 -17.05 -9.15 38.91
CA LEU C 248 -17.64 -7.81 38.82
C LEU C 248 -18.91 -7.90 38.03
N LYS C 249 -19.76 -6.91 38.21
CA LYS C 249 -21.08 -6.88 37.61
C LYS C 249 -21.10 -5.88 36.48
N VAL C 250 -21.07 -6.39 35.25
CA VAL C 250 -21.12 -5.54 34.05
C VAL C 250 -22.56 -5.12 33.73
N VAL C 251 -22.80 -3.82 33.85
CA VAL C 251 -24.12 -3.26 33.96
C VAL C 251 -24.78 -2.91 32.60
N ASN C 252 -23.96 -2.67 31.57
CA ASN C 252 -24.42 -2.24 30.24
C ASN C 252 -24.06 -3.21 29.08
N ASP C 253 -25.02 -3.46 28.20
CA ASP C 253 -24.73 -4.18 26.96
C ASP C 253 -24.94 -3.29 25.72
N ASP C 254 -24.84 -1.97 25.90
CA ASP C 254 -24.90 -1.00 24.79
C ASP C 254 -24.04 0.25 25.06
N MET C 255 -23.90 1.11 24.06
CA MET C 255 -23.13 2.38 24.14
C MET C 255 -24.07 3.59 24.12
N THR C 256 -24.35 4.13 25.30
CA THR C 256 -25.38 5.16 25.50
C THR C 256 -24.92 6.39 26.25
N GLY C 257 -23.64 6.47 26.63
CA GLY C 257 -23.14 7.59 27.46
C GLY C 257 -23.58 7.47 28.91
N ARG C 258 -23.80 6.24 29.33
CA ARG C 258 -24.20 5.93 30.69
C ARG C 258 -23.01 6.02 31.65
N THR C 259 -23.29 6.46 32.89
CA THR C 259 -22.34 6.51 34.00
C THR C 259 -22.91 5.74 35.19
N LEU C 260 -22.08 5.49 36.20
CA LEU C 260 -22.48 4.67 37.35
C LEU C 260 -21.49 4.83 38.52
N LYS C 261 -22.03 5.07 39.72
CA LYS C 261 -21.26 5.28 40.93
C LYS C 261 -21.58 4.10 41.82
N ASP C 262 -20.59 3.27 42.11
CA ASP C 262 -20.73 2.20 43.10
C ASP C 262 -19.67 2.49 44.17
N ARG C 263 -20.15 2.94 45.33
CA ARG C 263 -19.31 3.43 46.40
C ARG C 263 -18.38 4.50 45.78
N LYS C 264 -17.06 4.29 45.79
CA LYS C 264 -16.11 5.28 45.19
C LYS C 264 -15.53 4.95 43.79
N LEU C 265 -15.93 3.81 43.21
CA LEU C 265 -15.63 3.42 41.78
C LEU C 265 -16.67 4.08 40.82
N LEU C 266 -16.21 5.06 40.03
CA LEU C 266 -17.04 5.80 39.07
C LEU C 266 -16.64 5.41 37.66
N THR C 267 -17.58 4.82 36.91
CA THR C 267 -17.35 4.32 35.53
C THR C 267 -18.27 4.96 34.49
N GLY C 268 -17.81 4.89 33.25
CA GLY C 268 -18.54 5.39 32.07
C GLY C 268 -18.50 4.31 31.02
N ASP C 269 -19.49 4.29 30.13
CA ASP C 269 -19.60 3.18 29.21
C ASP C 269 -18.81 3.36 27.94
N SER C 270 -18.35 4.56 27.64
CA SER C 270 -17.84 4.89 26.31
C SER C 270 -17.27 6.33 26.23
N PRO C 271 -16.78 6.76 25.03
CA PRO C 271 -16.39 8.17 24.88
C PRO C 271 -17.54 9.16 25.00
N LEU C 272 -18.77 8.73 24.69
CA LEU C 272 -19.99 9.58 24.85
C LEU C 272 -20.16 10.01 26.30
N ALA C 273 -19.73 9.13 27.23
CA ALA C 273 -19.84 9.39 28.67
C ALA C 273 -18.82 10.37 29.25
N SER C 274 -17.88 10.85 28.45
CA SER C 274 -16.77 11.64 28.98
C SER C 274 -17.22 12.81 29.83
N ASN C 275 -18.11 13.62 29.27
CA ASN C 275 -18.52 14.87 29.92
C ASN C 275 -19.27 14.63 31.21
N GLU C 276 -20.21 13.69 31.21
CA GLU C 276 -21.02 13.42 32.40
C GLU C 276 -20.21 12.85 33.56
N LEU C 277 -19.23 12.01 33.22
CA LEU C 277 -18.27 11.43 34.18
C LEU C 277 -17.41 12.51 34.84
N GLY C 278 -16.87 13.38 34.00
CA GLY C 278 -16.20 14.60 34.43
C GLY C 278 -17.05 15.28 35.49
N LYS C 279 -18.28 15.62 35.12
CA LYS C 279 -19.21 16.26 36.06
C LYS C 279 -19.42 15.45 37.37
N LEU C 280 -19.69 14.14 37.23
CA LEU C 280 -19.88 13.23 38.38
C LEU C 280 -18.63 13.11 39.25
N ALA C 281 -17.45 13.11 38.65
CA ALA C 281 -16.21 12.97 39.43
C ALA C 281 -15.98 14.18 40.33
N VAL C 282 -16.10 15.38 39.77
CA VAL C 282 -15.91 16.62 40.53
C VAL C 282 -16.92 16.74 41.69
N ASN C 283 -18.18 16.42 41.41
CA ASN C 283 -19.20 16.43 42.47
C ASN C 283 -18.86 15.49 43.62
N GLU C 284 -18.66 14.20 43.35
CA GLU C 284 -18.32 13.22 44.40
C GLU C 284 -17.06 13.62 45.18
N MET C 285 -16.05 14.13 44.47
CA MET C 285 -14.80 14.60 45.09
C MET C 285 -15.03 15.80 46.00
N LEU C 286 -15.76 16.81 45.52
CA LEU C 286 -16.03 18.00 46.32
C LEU C 286 -16.81 17.60 47.56
N ASN C 287 -17.82 16.76 47.38
CA ASN C 287 -18.60 16.25 48.50
C ASN C 287 -17.75 15.39 49.48
N ALA C 288 -16.77 14.62 48.99
CA ALA C 288 -15.87 13.88 49.88
C ALA C 288 -14.98 14.78 50.73
N ILE C 289 -14.61 15.96 50.21
CA ILE C 289 -13.76 16.89 50.94
C ILE C 289 -14.49 17.50 52.12
N GLN C 290 -15.71 18.00 51.86
CA GLN C 290 -16.54 18.59 52.91
C GLN C 290 -16.76 17.62 54.06
N ASN C 291 -17.28 16.43 53.77
CA ASN C 291 -17.65 15.49 54.83
C ASN C 291 -16.45 14.65 55.37
N LYS C 292 -15.26 14.83 54.80
CA LYS C 292 -14.02 14.36 55.44
C LYS C 292 -13.57 15.37 56.51
N LEU C 293 -13.90 16.66 56.32
CA LEU C 293 -13.62 17.69 57.35
C LEU C 293 -14.35 17.36 58.67
N GLU C 294 -15.69 17.44 58.65
CA GLU C 294 -16.56 17.24 59.83
C GLU C 294 -16.01 16.20 60.81
N HIS C 295 -15.74 15.01 60.28
CA HIS C 295 -15.29 13.86 61.08
C HIS C 295 -13.82 14.00 61.44
N GLU D 7 19.76 17.66 -3.39
CA GLU D 7 18.41 17.94 -4.00
C GLU D 7 17.22 17.51 -3.10
N LEU D 8 17.41 16.43 -2.34
CA LEU D 8 16.36 15.89 -1.47
C LEU D 8 16.21 16.76 -0.23
N SER D 9 15.01 16.76 0.34
CA SER D 9 14.73 17.59 1.51
C SER D 9 15.48 17.10 2.75
N LYS D 10 16.13 18.03 3.44
CA LYS D 10 16.79 17.75 4.71
C LYS D 10 15.85 17.89 5.90
N GLN D 11 14.66 18.46 5.70
CA GLN D 11 13.62 18.57 6.75
C GLN D 11 13.14 17.17 7.23
N PRO D 12 13.19 16.91 8.56
CA PRO D 12 12.64 15.67 9.11
C PRO D 12 11.14 15.51 8.87
N THR D 13 10.71 14.29 8.49
CA THR D 13 9.31 14.05 8.08
C THR D 13 8.39 13.87 9.27
N PRO D 14 7.15 14.41 9.23
CA PRO D 14 6.27 14.15 10.38
C PRO D 14 5.80 12.70 10.42
N ASP D 15 5.56 12.17 11.63
CA ASP D 15 4.93 10.84 11.83
C ASP D 15 3.52 11.08 12.40
N LYS D 16 2.51 10.76 11.59
CA LYS D 16 1.12 11.10 11.92
C LYS D 16 0.59 10.36 13.16
N ALA D 17 1.16 9.20 13.46
CA ALA D 17 0.80 8.43 14.68
C ALA D 17 1.08 9.11 16.05
N GLU D 18 1.91 10.15 16.10
CA GLU D 18 2.31 10.77 17.38
C GLU D 18 2.41 12.29 17.27
N ASP D 19 2.13 12.99 18.36
CA ASP D 19 2.22 14.45 18.39
C ASP D 19 3.67 14.93 18.36
N ASN D 20 3.97 15.79 17.39
CA ASN D 20 5.25 16.52 17.29
C ASN D 20 6.46 15.59 17.33
N ALA D 21 6.53 14.71 16.36
CA ALA D 21 7.52 13.65 16.32
C ALA D 21 7.74 13.16 14.92
N PHE D 22 9.00 12.92 14.58
CA PHE D 22 9.42 12.93 13.17
C PHE D 22 10.27 11.73 12.78
N PHE D 23 10.11 11.29 11.53
CA PHE D 23 11.01 10.31 10.91
C PHE D 23 12.30 11.03 10.45
N PRO D 24 13.33 10.26 10.03
CA PRO D 24 14.51 10.91 9.44
C PRO D 24 14.20 11.58 8.11
N SER D 25 15.04 12.52 7.68
CA SER D 25 14.80 13.25 6.43
C SER D 25 14.97 12.35 5.19
N PRO D 26 14.28 12.71 4.07
CA PRO D 26 14.55 11.98 2.81
C PRO D 26 16.04 11.90 2.46
N TYR D 27 16.71 13.06 2.51
CA TYR D 27 18.15 13.16 2.25
C TYR D 27 18.93 12.18 3.10
N SER D 28 18.77 12.29 4.42
CA SER D 28 19.48 11.43 5.41
C SER D 28 19.17 9.96 5.28
N LEU D 29 17.96 9.65 4.84
CA LEU D 29 17.58 8.28 4.56
C LEU D 29 18.37 7.70 3.37
N SER D 30 18.66 8.50 2.33
CA SER D 30 19.47 8.00 1.20
C SER D 30 20.98 8.04 1.46
N GLN D 31 21.40 8.73 2.53
CA GLN D 31 22.83 8.74 2.96
C GLN D 31 23.14 7.69 4.03
N TYR D 32 22.13 7.18 4.75
CA TYR D 32 22.35 6.16 5.82
C TYR D 32 21.59 4.84 5.69
N THR D 33 20.71 4.69 4.71
CA THR D 33 19.99 3.43 4.48
C THR D 33 20.23 2.88 3.08
N ALA D 34 20.10 1.58 2.92
CA ALA D 34 20.34 0.91 1.66
C ALA D 34 19.24 -0.13 1.40
N PRO D 35 18.85 -0.33 0.13
CA PRO D 35 17.96 -1.44 -0.27
C PRO D 35 18.48 -2.83 0.09
N LYS D 36 19.78 -3.01 -0.02
CA LYS D 36 20.43 -4.29 0.25
C LYS D 36 21.54 -4.11 1.28
N THR D 37 21.74 -5.12 2.11
CA THR D 37 22.84 -5.16 3.07
C THR D 37 24.05 -5.73 2.35
N ASP D 38 25.20 -5.68 3.02
CA ASP D 38 26.47 -6.21 2.45
C ASP D 38 26.73 -7.65 2.91
N PHE D 39 25.68 -8.45 2.95
CA PHE D 39 25.77 -9.85 3.37
C PHE D 39 26.36 -10.70 2.24
N ASP D 40 27.28 -11.59 2.59
CA ASP D 40 28.01 -12.42 1.63
C ASP D 40 28.15 -13.84 2.20
N GLY D 41 27.01 -14.45 2.49
CA GLY D 41 26.93 -15.82 3.02
C GLY D 41 27.30 -15.97 4.49
N VAL D 42 26.65 -16.93 5.15
CA VAL D 42 27.02 -17.34 6.51
C VAL D 42 28.30 -18.18 6.43
N GLU D 43 29.19 -18.10 7.43
CA GLU D 43 30.32 -19.04 7.53
C GLU D 43 29.84 -20.45 7.91
N HIS D 44 29.50 -20.64 9.18
CA HIS D 44 29.26 -21.98 9.77
C HIS D 44 27.80 -22.46 9.77
N LYS D 45 27.25 -22.89 8.62
CA LYS D 45 25.92 -23.52 8.63
C LYS D 45 25.97 -24.89 9.34
N GLY D 46 24.88 -25.23 10.04
CA GLY D 46 24.75 -26.53 10.70
C GLY D 46 25.74 -26.91 11.79
N ALA D 47 26.60 -25.97 12.24
CA ALA D 47 27.75 -26.29 13.10
C ALA D 47 27.36 -26.91 14.45
N TYR D 48 26.63 -26.13 15.25
CA TYR D 48 26.07 -26.61 16.52
C TYR D 48 24.74 -27.32 16.25
N LYS D 49 24.66 -28.61 16.59
CA LYS D 49 23.49 -29.48 16.29
C LYS D 49 22.84 -30.19 17.48
N ASP D 50 23.30 -29.95 18.71
CA ASP D 50 22.70 -30.57 19.91
C ASP D 50 21.33 -29.96 20.25
N GLY D 51 21.23 -28.64 20.15
CA GLY D 51 19.96 -27.90 20.24
C GLY D 51 19.65 -27.14 21.53
N LYS D 52 20.61 -27.05 22.46
CA LYS D 52 20.33 -26.49 23.79
C LYS D 52 20.65 -25.01 23.88
N TRP D 53 21.88 -24.63 23.58
CA TRP D 53 22.31 -23.23 23.69
C TRP D 53 21.54 -22.29 22.74
N LYS D 54 21.08 -21.17 23.29
CA LYS D 54 20.31 -20.19 22.51
C LYS D 54 20.74 -18.78 22.86
N VAL D 55 20.21 -17.80 22.13
CA VAL D 55 20.50 -16.37 22.40
C VAL D 55 19.28 -15.68 23.02
N LEU D 56 19.57 -14.79 23.96
CA LEU D 56 18.58 -13.94 24.56
C LEU D 56 18.77 -12.57 23.97
N MET D 57 17.79 -12.07 23.22
CA MET D 57 17.78 -10.67 22.81
C MET D 57 17.00 -9.78 23.79
N ILE D 58 17.56 -8.61 24.05
CA ILE D 58 16.88 -7.57 24.81
C ILE D 58 16.57 -6.41 23.86
N ALA D 59 15.30 -6.32 23.47
CA ALA D 59 14.86 -5.41 22.43
C ALA D 59 14.16 -4.20 23.01
N ALA D 60 14.19 -3.11 22.26
CA ALA D 60 13.52 -1.88 22.61
C ALA D 60 12.04 -1.99 22.28
N GLU D 61 11.22 -1.47 23.20
CA GLU D 61 9.77 -1.47 23.09
C GLU D 61 9.19 -0.07 23.02
N GLU D 62 10.03 0.96 23.16
CA GLU D 62 9.59 2.34 23.04
C GLU D 62 10.22 2.94 21.80
N ARG D 63 9.41 3.52 20.92
CA ARG D 63 9.87 3.99 19.61
C ARG D 63 10.23 5.46 19.62
N TYR D 64 9.68 6.26 20.55
CA TYR D 64 9.91 7.71 20.58
C TYR D 64 10.90 8.21 21.64
N VAL D 65 11.93 8.92 21.19
CA VAL D 65 12.93 9.52 22.06
C VAL D 65 12.71 11.02 22.14
N LEU D 66 12.38 11.53 23.32
CA LEU D 66 12.09 12.96 23.48
C LEU D 66 13.40 13.76 23.41
N LEU D 67 13.42 14.83 22.61
CA LEU D 67 14.65 15.59 22.36
C LEU D 67 14.71 16.90 23.15
N GLU D 68 15.93 17.44 23.18
CA GLU D 68 16.24 18.66 23.92
C GLU D 68 15.29 19.78 23.55
N ASN D 69 14.88 19.87 22.30
CA ASN D 69 13.95 20.93 21.85
C ASN D 69 12.43 20.64 21.95
N GLY D 70 12.03 19.67 22.76
CA GLY D 70 10.60 19.30 22.88
C GLY D 70 9.99 18.38 21.82
N LYS D 71 10.73 18.09 20.74
CA LYS D 71 10.29 17.19 19.65
C LYS D 71 10.74 15.76 19.92
N MET D 72 10.24 14.83 19.12
CA MET D 72 10.49 13.41 19.34
C MET D 72 10.93 12.70 18.08
N PHE D 73 11.96 11.89 18.22
CA PHE D 73 12.52 11.13 17.12
C PHE D 73 11.77 9.80 17.07
N SER D 74 11.16 9.48 15.92
CA SER D 74 10.41 8.23 15.75
C SER D 74 11.36 7.13 15.27
N THR D 75 11.78 6.29 16.21
CA THR D 75 12.89 5.36 15.99
C THR D 75 12.46 3.96 16.41
N GLY D 76 13.37 3.22 17.05
CA GLY D 76 13.20 1.81 17.40
C GLY D 76 14.55 1.11 17.31
N ASN D 77 14.58 -0.20 17.44
CA ASN D 77 15.81 -0.94 17.12
C ASN D 77 16.12 -0.79 15.63
N HIS D 78 17.41 -0.80 15.29
CA HIS D 78 17.82 -0.81 13.89
C HIS D 78 17.66 -2.25 13.43
N PRO D 79 16.94 -2.47 12.32
CA PRO D 79 16.61 -3.82 11.88
C PRO D 79 17.79 -4.60 11.33
N VAL D 80 18.77 -3.90 10.77
CA VAL D 80 19.97 -4.55 10.24
C VAL D 80 20.83 -5.03 11.41
N GLU D 81 21.12 -4.11 12.35
CA GLU D 81 21.88 -4.43 13.57
C GLU D 81 21.23 -5.57 14.35
N MET D 82 19.91 -5.67 14.30
CA MET D 82 19.22 -6.80 14.88
C MET D 82 19.31 -8.04 13.99
N LEU D 83 18.71 -7.97 12.81
CA LEU D 83 18.35 -9.16 12.01
C LEU D 83 19.49 -9.87 11.31
N LEU D 84 20.57 -9.15 11.02
CA LEU D 84 21.68 -9.74 10.31
C LEU D 84 22.55 -10.65 11.18
N PRO D 85 22.96 -10.17 12.38
CA PRO D 85 23.62 -11.09 13.30
C PRO D 85 22.80 -12.32 13.60
N LEU D 86 21.51 -12.13 13.88
CA LEU D 86 20.64 -13.25 14.24
C LEU D 86 20.51 -14.28 13.11
N HIS D 87 20.72 -13.88 11.85
CA HIS D 87 20.75 -14.83 10.72
C HIS D 87 21.96 -15.79 10.83
N HIS D 88 23.14 -15.24 11.08
CA HIS D 88 24.34 -16.09 11.25
C HIS D 88 24.07 -17.07 12.36
N LEU D 89 23.67 -16.54 13.52
CA LEU D 89 23.39 -17.35 14.69
C LEU D 89 22.34 -18.44 14.41
N MET D 90 21.24 -18.06 13.78
CA MET D 90 20.16 -19.00 13.52
C MET D 90 20.56 -20.11 12.54
N GLU D 91 21.21 -19.75 11.44
CA GLU D 91 21.71 -20.76 10.48
C GLU D 91 22.85 -21.62 11.08
N ALA D 92 23.56 -21.10 12.09
CA ALA D 92 24.53 -21.92 12.86
C ALA D 92 23.91 -22.94 13.87
N GLY D 93 22.57 -22.99 13.97
CA GLY D 93 21.85 -23.93 14.84
C GLY D 93 21.56 -23.42 16.25
N PHE D 94 21.58 -22.11 16.44
CA PHE D 94 21.22 -21.49 17.71
C PHE D 94 19.84 -20.82 17.61
N ASP D 95 18.89 -21.26 18.43
CA ASP D 95 17.59 -20.59 18.53
C ASP D 95 17.75 -19.20 19.16
N VAL D 96 16.68 -18.41 19.14
CA VAL D 96 16.67 -17.06 19.72
C VAL D 96 15.41 -16.85 20.55
N ASP D 97 15.56 -16.20 21.71
CA ASP D 97 14.41 -15.71 22.48
C ASP D 97 14.45 -14.19 22.58
N VAL D 98 13.29 -13.60 22.36
CA VAL D 98 13.18 -12.18 22.33
C VAL D 98 12.52 -11.76 23.61
N ALA D 99 13.06 -10.71 24.24
CA ALA D 99 12.56 -10.20 25.52
C ALA D 99 12.55 -8.69 25.52
N THR D 100 11.45 -8.13 25.96
CA THR D 100 11.41 -6.71 26.22
C THR D 100 11.12 -6.49 27.70
N LEU D 101 11.31 -5.25 28.14
CA LEU D 101 11.16 -4.92 29.55
C LEU D 101 9.75 -5.20 30.06
N SER D 102 8.72 -4.92 29.26
CA SER D 102 7.30 -5.05 29.67
C SER D 102 6.61 -6.26 29.06
N GLY D 103 7.21 -6.82 28.00
CA GLY D 103 6.53 -7.79 27.15
C GLY D 103 5.73 -7.13 26.04
N TYR D 104 5.89 -5.82 25.86
CA TYR D 104 5.26 -5.12 24.77
C TYR D 104 5.96 -5.52 23.47
N PRO D 105 5.30 -5.33 22.32
CA PRO D 105 5.97 -5.69 21.06
C PRO D 105 7.29 -4.93 20.78
N VAL D 106 8.16 -5.55 19.99
CA VAL D 106 9.42 -4.92 19.59
C VAL D 106 9.16 -3.80 18.59
N LYS D 107 9.80 -2.65 18.80
CA LYS D 107 9.71 -1.49 17.90
C LYS D 107 10.98 -1.42 17.05
N LEU D 108 10.85 -1.63 15.74
CA LEU D 108 11.97 -1.47 14.79
C LEU D 108 11.92 -0.10 14.12
N GLU D 109 13.08 0.38 13.65
CA GLU D 109 13.17 1.51 12.68
C GLU D 109 12.88 0.86 11.31
N LEU D 110 11.61 0.89 10.89
CA LEU D 110 11.14 0.18 9.65
C LEU D 110 11.50 0.96 8.39
N TRP D 111 11.81 2.24 8.55
CA TRP D 111 12.40 3.04 7.48
C TRP D 111 13.85 2.64 7.10
N ALA D 112 14.47 1.73 7.86
CA ALA D 112 15.84 1.24 7.59
C ALA D 112 15.84 -0.22 7.18
N MET D 113 14.68 -0.73 6.80
CA MET D 113 14.55 -2.10 6.37
C MET D 113 15.16 -2.22 4.96
N PRO D 114 16.10 -3.18 4.77
CA PRO D 114 16.55 -3.53 3.43
C PRO D 114 15.50 -4.45 2.75
N THR D 115 14.53 -3.84 2.08
CA THR D 115 13.33 -4.54 1.60
C THR D 115 13.60 -5.49 0.43
N GLU D 116 14.72 -5.29 -0.27
CA GLU D 116 15.16 -6.21 -1.30
C GLU D 116 16.39 -7.00 -0.82
N ASP D 117 16.28 -7.64 0.35
CA ASP D 117 17.36 -8.48 0.91
C ASP D 117 16.77 -9.76 1.51
N GLU D 118 16.96 -10.89 0.80
CA GLU D 118 16.33 -12.19 1.15
C GLU D 118 16.67 -12.71 2.54
N ALA D 119 17.94 -12.58 2.93
CA ALA D 119 18.42 -13.10 4.22
C ALA D 119 17.82 -12.37 5.43
N VAL D 120 17.90 -11.03 5.39
CA VAL D 120 17.35 -10.16 6.43
C VAL D 120 15.82 -10.26 6.53
N ILE D 121 15.16 -10.36 5.38
CA ILE D 121 13.69 -10.43 5.34
C ILE D 121 13.15 -11.83 5.73
N SER D 122 13.80 -12.92 5.30
CA SER D 122 13.35 -14.28 5.69
C SER D 122 13.57 -14.51 7.19
N THR D 123 14.61 -13.86 7.73
CA THR D 123 14.86 -13.78 9.17
C THR D 123 13.76 -13.02 9.94
N TYR D 124 13.42 -11.83 9.45
CA TYR D 124 12.29 -11.07 9.97
C TYR D 124 10.96 -11.85 9.96
N ASN D 125 10.76 -12.72 8.98
CA ASN D 125 9.58 -13.62 8.93
C ASN D 125 9.69 -14.80 9.89
N LYS D 126 10.90 -15.35 10.05
CA LYS D 126 11.15 -16.38 11.08
C LYS D 126 10.96 -15.85 12.51
N LEU D 127 11.21 -14.56 12.73
CA LEU D 127 11.11 -13.95 14.08
C LEU D 127 9.83 -13.12 14.42
N LYS D 128 9.06 -12.66 13.43
CA LYS D 128 7.84 -11.84 13.65
C LYS D 128 6.99 -12.20 14.88
N GLU D 129 6.65 -13.47 15.07
CA GLU D 129 5.83 -13.90 16.22
C GLU D 129 6.47 -13.60 17.57
N LYS D 130 7.76 -13.83 17.68
CA LYS D 130 8.48 -13.53 18.92
C LYS D 130 8.65 -12.03 19.06
N LEU D 131 8.92 -11.35 17.96
CA LEU D 131 9.07 -9.88 17.97
C LEU D 131 7.74 -9.19 18.34
N LYS D 132 6.64 -9.70 17.79
CA LYS D 132 5.31 -9.15 18.05
C LYS D 132 4.78 -9.51 19.44
N GLN D 133 5.28 -10.62 20.00
CA GLN D 133 4.77 -11.12 21.29
C GLN D 133 5.91 -11.71 22.12
N PRO D 134 6.76 -10.85 22.68
CA PRO D 134 7.96 -11.32 23.35
C PRO D 134 7.74 -11.72 24.81
N LYS D 135 8.82 -12.09 25.48
CA LYS D 135 8.76 -12.37 26.91
C LYS D 135 9.00 -11.08 27.70
N LYS D 136 8.73 -11.14 28.99
CA LYS D 136 9.11 -10.05 29.88
C LYS D 136 10.44 -10.41 30.52
N LEU D 137 11.36 -9.45 30.55
CA LEU D 137 12.69 -9.69 31.03
C LEU D 137 12.72 -10.10 32.50
N ALA D 138 11.89 -9.50 33.33
CA ALA D 138 11.74 -9.94 34.73
C ALA D 138 11.28 -11.40 34.85
N ASP D 139 10.47 -11.89 33.91
CA ASP D 139 10.09 -13.31 33.85
C ASP D 139 11.28 -14.21 33.46
N VAL D 140 12.07 -13.76 32.48
CA VAL D 140 13.30 -14.44 32.08
C VAL D 140 14.33 -14.52 33.23
N ILE D 141 14.43 -13.46 34.02
CA ILE D 141 15.30 -13.45 35.20
C ILE D 141 14.89 -14.48 36.29
N LYS D 142 13.60 -14.56 36.61
CA LYS D 142 13.15 -15.45 37.68
C LYS D 142 13.26 -16.91 37.28
N ASN D 143 12.96 -17.23 36.02
CA ASN D 143 12.77 -18.63 35.57
C ASN D 143 13.91 -19.28 34.76
N GLU D 144 14.50 -18.54 33.83
CA GLU D 144 15.35 -19.14 32.78
C GLU D 144 16.88 -18.96 32.95
N LEU D 145 17.32 -17.99 33.78
CA LEU D 145 18.78 -17.72 33.96
C LEU D 145 19.44 -18.61 35.05
N GLY D 146 20.23 -18.03 35.96
CA GLY D 146 20.97 -18.78 36.95
C GLY D 146 22.13 -19.53 36.32
N PRO D 147 22.97 -20.18 37.16
CA PRO D 147 24.14 -20.99 36.73
C PRO D 147 23.92 -21.95 35.56
N ASP D 148 22.88 -22.80 35.62
CA ASP D 148 22.61 -23.80 34.56
C ASP D 148 21.72 -23.28 33.40
N SER D 149 21.85 -22.00 33.05
CA SER D 149 21.08 -21.38 31.97
C SER D 149 21.40 -21.97 30.59
N ASP D 150 20.43 -21.93 29.67
CA ASP D 150 20.64 -22.31 28.28
C ASP D 150 21.00 -21.11 27.40
N TYR D 151 21.11 -19.92 27.98
CA TYR D 151 21.48 -18.74 27.21
C TYR D 151 22.98 -18.64 27.21
N LEU D 152 23.58 -18.84 26.04
CA LEU D 152 25.02 -18.67 25.87
C LEU D 152 25.46 -17.21 25.79
N SER D 153 24.53 -16.32 25.46
CA SER D 153 24.85 -14.95 25.13
C SER D 153 23.62 -14.11 25.28
N VAL D 154 23.78 -12.89 25.78
CA VAL D 154 22.72 -11.89 25.76
C VAL D 154 23.09 -10.85 24.70
N PHE D 155 22.18 -10.60 23.77
CA PHE D 155 22.44 -9.76 22.60
C PHE D 155 21.53 -8.52 22.62
N ILE D 156 22.11 -7.33 22.60
CA ILE D 156 21.36 -6.07 22.70
C ILE D 156 21.62 -5.24 21.45
N PRO D 157 20.71 -5.32 20.43
CA PRO D 157 20.91 -4.44 19.28
C PRO D 157 20.72 -2.96 19.61
N GLY D 158 21.11 -2.12 18.65
CA GLY D 158 21.08 -0.67 18.79
C GLY D 158 19.84 -0.06 18.14
N GLY D 159 20.05 0.96 17.31
CA GLY D 159 19.02 1.94 16.99
C GLY D 159 18.92 2.94 18.15
N HIS D 160 18.44 4.14 17.87
CA HIS D 160 18.37 5.21 18.88
C HIS D 160 17.41 4.90 20.04
N ALA D 161 16.48 3.97 19.88
CA ALA D 161 15.57 3.61 20.97
C ALA D 161 16.23 2.81 22.11
N ALA D 162 17.36 2.15 21.83
CA ALA D 162 18.11 1.44 22.89
C ALA D 162 18.51 2.34 24.05
N VAL D 163 18.65 3.63 23.77
CA VAL D 163 18.87 4.69 24.77
C VAL D 163 17.74 4.81 25.82
N VAL D 164 16.54 4.30 25.55
CA VAL D 164 15.38 4.71 26.35
C VAL D 164 15.23 3.90 27.65
N GLY D 165 14.56 2.76 27.63
CA GLY D 165 14.27 2.05 28.89
C GLY D 165 15.51 1.31 29.38
N ILE D 166 16.18 0.71 28.42
CA ILE D 166 17.25 -0.24 28.62
C ILE D 166 18.50 0.35 29.30
N SER D 167 18.68 1.66 29.24
CA SER D 167 19.87 2.32 29.81
C SER D 167 19.82 2.59 31.32
N GLU D 168 18.62 2.47 31.92
CA GLU D 168 18.45 2.65 33.37
C GLU D 168 17.49 1.60 33.97
N SER D 169 17.74 0.34 33.69
CA SER D 169 16.85 -0.74 34.06
C SER D 169 17.49 -1.70 35.06
N GLU D 170 16.99 -1.69 36.30
CA GLU D 170 17.37 -2.68 37.32
C GLU D 170 17.24 -4.14 36.84
N ASP D 171 16.28 -4.42 35.96
CA ASP D 171 16.12 -5.76 35.35
C ASP D 171 17.22 -6.08 34.28
N VAL D 172 17.70 -5.06 33.57
CA VAL D 172 18.86 -5.23 32.66
C VAL D 172 20.16 -5.48 33.43
N GLN D 173 20.33 -4.78 34.54
CA GLN D 173 21.51 -4.88 35.41
C GLN D 173 21.68 -6.30 35.95
N GLN D 174 20.59 -6.88 36.43
CA GLN D 174 20.60 -8.29 36.84
C GLN D 174 20.96 -9.24 35.70
N THR D 175 20.50 -8.93 34.50
CA THR D 175 20.84 -9.71 33.31
C THR D 175 22.32 -9.56 32.96
N LEU D 176 22.84 -8.33 32.95
CA LEU D 176 24.28 -8.07 32.72
C LEU D 176 25.16 -8.72 33.77
N ASP D 177 24.73 -8.68 35.03
CA ASP D 177 25.47 -9.35 36.12
C ASP D 177 25.44 -10.85 36.03
N TRP D 178 24.32 -11.45 35.67
CA TRP D 178 24.30 -12.88 35.39
C TRP D 178 25.33 -13.28 34.29
N ALA D 179 25.53 -12.40 33.30
CA ALA D 179 26.46 -12.67 32.20
C ALA D 179 27.90 -12.65 32.68
N LEU D 180 28.27 -11.63 33.45
CA LEU D 180 29.59 -11.58 34.12
C LEU D 180 29.84 -12.76 35.07
N ASP D 181 28.87 -13.03 35.97
CA ASP D 181 29.00 -14.05 37.04
C ASP D 181 28.83 -15.53 36.58
N ASN D 182 28.46 -15.75 35.31
CA ASN D 182 28.54 -17.10 34.76
C ASN D 182 29.25 -17.06 33.41
N ASP D 183 30.17 -16.11 33.24
CA ASP D 183 31.07 -16.07 32.09
C ASP D 183 30.37 -16.31 30.72
N ARG D 184 29.48 -15.38 30.37
CA ARG D 184 28.70 -15.44 29.14
C ARG D 184 28.98 -14.22 28.29
N PHE D 185 28.50 -14.31 27.04
CA PHE D 185 28.73 -13.27 26.05
C PHE D 185 27.73 -12.14 26.21
N ILE D 186 28.20 -10.92 25.98
CA ILE D 186 27.37 -9.73 25.96
C ILE D 186 27.64 -9.08 24.60
N VAL D 187 26.88 -9.49 23.59
CA VAL D 187 27.03 -8.98 22.22
C VAL D 187 26.15 -7.75 22.05
N THR D 188 26.71 -6.64 21.59
CA THR D 188 25.95 -5.38 21.47
C THR D 188 26.47 -4.48 20.34
N LEU D 189 25.66 -3.52 19.84
CA LEU D 189 26.23 -2.56 18.87
C LEU D 189 25.46 -1.28 18.69
N HIS D 191 24.10 2.29 19.47
CA HIS D 191 23.68 2.83 20.74
C HIS D 191 23.38 1.71 21.73
N GLY D 192 23.24 0.47 21.33
CA GLY D 192 22.90 -0.65 22.21
C GLY D 192 23.79 -0.84 23.42
N PRO D 193 25.06 -0.39 23.33
CA PRO D 193 25.91 -0.25 24.51
C PRO D 193 25.39 0.67 25.63
N ALA D 194 24.44 1.58 25.36
CA ALA D 194 23.69 2.27 26.43
C ALA D 194 23.08 1.33 27.47
N ALA D 195 22.67 0.14 27.04
CA ALA D 195 22.28 -0.93 27.96
C ALA D 195 23.28 -1.18 29.11
N LEU D 196 24.58 -1.02 28.85
CA LEU D 196 25.62 -1.24 29.84
C LEU D 196 25.71 -0.13 30.90
N LEU D 197 24.99 0.98 30.71
CA LEU D 197 24.86 1.98 31.79
C LEU D 197 24.06 1.43 32.97
N SER D 198 23.18 0.46 32.71
CA SER D 198 22.39 -0.16 33.77
C SER D 198 23.24 -0.95 34.76
N ALA D 199 24.32 -1.57 34.30
CA ALA D 199 25.30 -2.23 35.18
C ALA D 199 25.80 -1.31 36.31
N GLY D 200 25.99 -0.02 36.00
CA GLY D 200 26.47 0.96 36.99
C GLY D 200 25.42 1.64 37.85
N LEU D 201 24.15 1.35 37.58
CA LEU D 201 22.99 1.96 38.29
C LEU D 201 22.94 1.54 39.77
N ASN D 202 22.66 2.49 40.65
CA ASN D 202 22.59 2.27 42.12
C ASN D 202 23.96 1.92 42.75
N ARG D 203 25.07 2.32 42.13
CA ARG D 203 26.43 1.86 42.55
C ARG D 203 27.51 2.97 42.60
N GLU D 204 28.66 2.63 43.18
CA GLU D 204 29.81 3.54 43.28
C GLU D 204 30.74 3.36 42.09
N LYS D 205 30.97 2.10 41.69
CA LYS D 205 31.67 1.79 40.44
C LYS D 205 30.89 0.78 39.59
N SER D 206 30.95 0.95 38.27
CA SER D 206 30.39 -0.02 37.35
C SER D 206 31.34 -1.21 37.23
N PRO D 207 30.83 -2.46 37.33
CA PRO D 207 31.69 -3.64 37.18
C PRO D 207 32.19 -3.91 35.75
N LEU D 208 31.83 -3.07 34.77
CA LEU D 208 32.46 -3.07 33.46
C LEU D 208 33.54 -1.97 33.35
N GLU D 209 34.16 -1.60 34.47
CA GLU D 209 35.28 -0.63 34.50
C GLU D 209 36.52 -1.31 33.88
N GLY D 210 37.09 -0.68 32.85
CA GLY D 210 38.23 -1.27 32.13
C GLY D 210 37.89 -2.19 30.95
N TYR D 211 36.60 -2.43 30.70
CA TYR D 211 36.17 -3.05 29.45
C TYR D 211 36.29 -2.02 28.33
N SER D 212 36.35 -2.54 27.11
CA SER D 212 36.49 -1.73 25.91
C SER D 212 35.45 -2.16 24.89
N VAL D 213 34.89 -1.14 24.23
CA VAL D 213 33.74 -1.31 23.36
C VAL D 213 33.79 -0.29 22.25
N CYS D 214 33.13 -0.64 21.16
CA CYS D 214 32.75 0.32 20.15
C CYS D 214 31.38 0.88 20.48
N VAL D 215 31.20 2.16 20.15
CA VAL D 215 30.02 2.96 20.52
C VAL D 215 29.82 4.02 19.44
N PHE D 216 28.57 4.34 19.11
CA PHE D 216 28.29 5.35 18.10
C PHE D 216 28.76 6.74 18.60
N PRO D 217 29.54 7.47 17.77
CA PRO D 217 30.26 8.67 18.20
C PRO D 217 29.42 9.90 18.60
N ASP D 218 29.72 10.46 19.76
CA ASP D 218 29.24 11.79 20.18
C ASP D 218 29.13 12.79 19.04
N SER D 219 30.24 12.90 18.29
CA SER D 219 30.41 13.91 17.24
C SER D 219 29.31 13.84 16.18
N LEU D 220 29.01 12.64 15.68
CA LEU D 220 27.96 12.46 14.67
C LEU D 220 26.60 12.86 15.22
N ASP D 221 26.24 12.34 16.39
CA ASP D 221 24.99 12.72 17.07
C ASP D 221 24.87 14.25 17.28
N GLU D 222 25.90 14.92 17.81
CA GLU D 222 25.85 16.39 18.06
C GLU D 222 26.09 17.33 16.84
N GLY D 223 26.73 16.83 15.78
CA GLY D 223 26.97 17.62 14.57
C GLY D 223 26.15 17.17 13.36
N ALA D 224 26.65 16.16 12.66
CA ALA D 224 26.14 15.78 11.33
C ALA D 224 24.66 15.44 11.29
N ASN D 225 24.26 14.53 12.19
CA ASN D 225 22.87 14.05 12.27
C ASN D 225 21.83 15.17 12.49
N ILE D 226 22.18 16.22 13.25
CA ILE D 226 21.31 17.41 13.36
C ILE D 226 21.28 18.17 12.04
N GLU D 227 22.45 18.29 11.40
CA GLU D 227 22.61 19.11 10.19
C GLU D 227 21.79 18.58 8.99
N ILE D 228 21.88 17.26 8.73
CA ILE D 228 21.10 16.59 7.66
C ILE D 228 19.65 16.13 8.01
N GLY D 229 19.27 16.20 9.29
CA GLY D 229 17.90 15.86 9.72
C GLY D 229 17.60 14.39 9.92
N TYR D 230 18.62 13.62 10.33
CA TYR D 230 18.40 12.27 10.88
C TYR D 230 17.69 12.37 12.26
N LEU D 231 18.03 13.41 13.02
CA LEU D 231 17.36 13.82 14.26
C LEU D 231 16.76 15.21 14.09
N PRO D 232 15.54 15.46 14.57
CA PRO D 232 15.00 16.82 14.55
C PRO D 232 15.39 17.72 15.75
N GLY D 233 16.33 17.27 16.57
CA GLY D 233 16.84 18.06 17.71
C GLY D 233 18.01 17.35 18.35
N ARG D 234 18.59 17.95 19.39
CA ARG D 234 19.74 17.35 20.07
C ARG D 234 19.26 16.30 21.04
N LEU D 235 20.03 15.21 21.18
CA LEU D 235 19.80 14.24 22.23
C LEU D 235 20.03 14.91 23.57
N LYS D 236 19.36 14.40 24.59
CA LYS D 236 19.47 14.93 25.96
C LYS D 236 20.79 14.54 26.65
N TRP D 237 21.42 13.47 26.18
CA TRP D 237 22.70 13.02 26.70
C TRP D 237 23.33 11.98 25.79
N LEU D 238 24.65 12.03 25.62
CA LEU D 238 25.35 11.18 24.66
C LEU D 238 25.85 9.91 25.31
N VAL D 239 25.80 8.81 24.56
CA VAL D 239 26.04 7.49 25.14
C VAL D 239 27.50 7.17 25.34
N ALA D 240 28.36 7.58 24.39
CA ALA D 240 29.81 7.34 24.49
C ALA D 240 30.39 8.18 25.61
N ASP D 241 29.92 9.43 25.71
CA ASP D 241 30.23 10.34 26.82
C ASP D 241 29.92 9.75 28.20
N LEU D 242 28.74 9.15 28.38
CA LEU D 242 28.35 8.62 29.69
C LEU D 242 28.96 7.26 30.02
N LEU D 243 29.54 6.57 29.03
CA LEU D 243 30.27 5.33 29.27
C LEU D 243 31.71 5.60 29.68
N THR D 244 32.27 6.68 29.15
CA THR D 244 33.52 7.24 29.65
C THR D 244 33.43 7.46 31.17
N LYS D 245 32.48 8.28 31.60
CA LYS D 245 32.29 8.61 33.01
C LYS D 245 31.87 7.44 33.93
N GLN D 246 31.58 6.26 33.37
CA GLN D 246 31.51 5.01 34.14
C GLN D 246 32.82 4.20 34.05
N GLY D 247 33.87 4.79 33.47
CA GLY D 247 35.19 4.15 33.35
C GLY D 247 35.32 3.07 32.29
N LEU D 248 34.70 3.28 31.13
CA LEU D 248 34.89 2.39 30.00
C LEU D 248 35.76 3.06 28.97
N LYS D 249 36.44 2.26 28.17
CA LYS D 249 37.36 2.76 27.15
C LYS D 249 36.58 2.94 25.83
N VAL D 250 36.24 4.19 25.53
CA VAL D 250 35.56 4.54 24.29
C VAL D 250 36.60 4.51 23.16
N VAL D 251 36.84 3.33 22.58
CA VAL D 251 37.93 3.13 21.59
C VAL D 251 37.86 3.98 20.31
N ASN D 252 36.65 4.25 19.82
CA ASN D 252 36.46 4.95 18.54
C ASN D 252 35.98 6.39 18.72
N ASP D 253 36.09 7.17 17.65
CA ASP D 253 35.58 8.56 17.58
C ASP D 253 34.73 8.84 16.32
N ASP D 254 34.48 7.79 15.53
CA ASP D 254 33.92 7.90 14.19
C ASP D 254 33.27 6.57 13.76
N MET D 255 32.50 6.62 12.68
CA MET D 255 31.78 5.46 12.14
C MET D 255 32.56 4.88 10.96
N THR D 256 33.17 3.71 11.15
CA THR D 256 33.93 3.02 10.08
C THR D 256 33.47 1.59 9.77
N GLY D 257 32.62 0.99 10.60
CA GLY D 257 32.36 -0.45 10.56
C GLY D 257 33.22 -1.28 11.52
N ARG D 258 33.95 -0.59 12.42
CA ARG D 258 34.77 -1.20 13.51
C ARG D 258 34.10 -2.38 14.24
N THR D 259 34.93 -3.22 14.84
CA THR D 259 34.47 -4.38 15.61
C THR D 259 35.53 -4.73 16.65
N LEU D 260 35.14 -4.71 17.93
CA LEU D 260 36.04 -4.95 19.06
C LEU D 260 35.55 -6.10 19.95
N LYS D 261 36.52 -6.79 20.56
CA LYS D 261 36.29 -7.87 21.52
C LYS D 261 37.12 -7.56 22.77
N ASP D 262 36.50 -7.53 23.96
CA ASP D 262 37.20 -7.39 25.25
C ASP D 262 36.62 -8.44 26.19
N ARG D 263 37.17 -9.64 26.10
CA ARG D 263 36.76 -10.82 26.88
C ARG D 263 35.49 -11.42 26.22
N LYS D 264 34.34 -11.36 26.89
CA LYS D 264 33.09 -11.83 26.32
C LYS D 264 32.17 -10.67 25.84
N LEU D 265 32.68 -9.44 25.91
CA LEU D 265 31.94 -8.25 25.45
C LEU D 265 32.34 -7.90 24.01
N LEU D 266 31.51 -8.32 23.06
CA LEU D 266 31.71 -8.03 21.63
C LEU D 266 30.88 -6.81 21.27
N THR D 267 31.48 -5.79 20.65
CA THR D 267 30.71 -4.64 20.16
C THR D 267 31.03 -4.26 18.71
N GLY D 268 30.22 -3.36 18.16
CA GLY D 268 30.43 -2.76 16.84
C GLY D 268 30.08 -1.27 16.91
N ASP D 269 30.59 -0.47 15.99
CA ASP D 269 30.48 0.99 16.11
C ASP D 269 29.27 1.63 15.43
N SER D 270 28.53 0.87 14.62
CA SER D 270 27.51 1.44 13.75
C SER D 270 26.70 0.35 13.02
N PRO D 271 25.65 0.74 12.25
CA PRO D 271 24.92 -0.21 11.37
C PRO D 271 25.82 -0.97 10.39
N LEU D 272 26.84 -0.27 9.89
CA LEU D 272 27.91 -0.81 9.05
C LEU D 272 28.58 -2.05 9.66
N ALA D 273 28.65 -2.12 10.99
CA ALA D 273 29.27 -3.26 11.67
C ALA D 273 28.38 -4.49 11.88
N SER D 274 27.14 -4.46 11.41
CA SER D 274 26.21 -5.58 11.62
C SER D 274 26.78 -6.91 11.14
N ASN D 275 27.09 -6.97 9.85
CA ASN D 275 27.54 -8.23 9.25
C ASN D 275 28.83 -8.73 9.90
N GLU D 276 29.76 -7.82 10.12
CA GLU D 276 31.01 -8.18 10.76
C GLU D 276 30.83 -8.65 12.22
N LEU D 277 29.89 -8.05 12.96
CA LEU D 277 29.65 -8.46 14.36
C LEU D 277 28.96 -9.81 14.46
N GLY D 278 28.17 -10.15 13.46
CA GLY D 278 27.56 -11.47 13.37
C GLY D 278 28.55 -12.59 13.09
N LYS D 279 29.63 -12.30 12.37
CA LYS D 279 30.68 -13.29 12.13
C LYS D 279 31.54 -13.48 13.37
N LEU D 280 31.93 -12.37 14.01
CA LEU D 280 32.66 -12.39 15.29
C LEU D 280 31.91 -13.10 16.43
N ALA D 281 30.60 -12.87 16.52
CA ALA D 281 29.76 -13.47 17.54
C ALA D 281 29.65 -14.98 17.35
N VAL D 282 29.40 -15.42 16.12
CA VAL D 282 29.28 -16.84 15.83
C VAL D 282 30.62 -17.58 15.98
N ASN D 283 31.72 -16.95 15.58
CA ASN D 283 33.05 -17.57 15.76
C ASN D 283 33.35 -17.82 17.25
N GLU D 284 33.10 -16.82 18.10
CA GLU D 284 33.37 -16.91 19.55
C GLU D 284 32.52 -17.96 20.30
N MET D 285 31.25 -18.06 19.96
CA MET D 285 30.33 -18.99 20.65
C MET D 285 30.63 -20.48 20.38
N LEU D 286 31.16 -20.80 19.20
CA LEU D 286 31.62 -22.15 18.86
C LEU D 286 32.94 -22.49 19.58
N ASN D 287 33.80 -21.48 19.76
CA ASN D 287 35.04 -21.61 20.56
C ASN D 287 34.76 -21.86 22.05
N ALA D 288 33.55 -21.57 22.50
CA ALA D 288 33.13 -21.84 23.87
C ALA D 288 32.61 -23.26 24.15
N ILE D 289 32.56 -24.15 23.13
CA ILE D 289 32.08 -25.54 23.32
C ILE D 289 33.24 -26.58 23.10
N GLN D 290 34.37 -26.32 23.77
CA GLN D 290 35.63 -27.08 23.59
C GLN D 290 36.18 -27.48 24.95
N LEU E 8 17.60 -17.89 -6.12
CA LEU E 8 16.36 -17.16 -6.56
C LEU E 8 15.87 -17.79 -7.87
N SER E 9 14.54 -17.89 -8.07
CA SER E 9 13.96 -18.65 -9.20
C SER E 9 14.19 -18.02 -10.60
N LYS E 10 14.59 -18.84 -11.56
CA LYS E 10 14.62 -18.47 -12.98
C LYS E 10 13.29 -18.83 -13.72
N GLN E 11 12.26 -19.29 -13.01
CA GLN E 11 11.01 -19.65 -13.67
C GLN E 11 9.99 -18.49 -13.64
N PRO E 12 9.51 -18.08 -14.83
CA PRO E 12 8.57 -16.96 -14.91
C PRO E 12 7.31 -17.16 -14.05
N THR E 13 6.81 -16.05 -13.51
CA THR E 13 5.74 -16.05 -12.52
C THR E 13 4.40 -15.81 -13.20
N PRO E 14 3.39 -16.70 -12.99
CA PRO E 14 2.12 -16.48 -13.71
C PRO E 14 1.38 -15.21 -13.31
N ASP E 15 0.91 -14.47 -14.30
CA ASP E 15 0.07 -13.28 -14.10
C ASP E 15 -1.34 -13.80 -14.07
N LYS E 16 -1.98 -13.67 -12.89
CA LYS E 16 -3.27 -14.32 -12.60
C LYS E 16 -4.46 -13.70 -13.33
N ALA E 17 -4.24 -12.52 -13.93
CA ALA E 17 -5.27 -11.83 -14.70
C ALA E 17 -5.50 -12.41 -16.09
N GLU E 18 -4.56 -13.20 -16.63
CA GLU E 18 -4.65 -13.69 -18.01
C GLU E 18 -4.20 -15.14 -18.22
N ASP E 19 -4.86 -15.79 -19.17
CA ASP E 19 -4.58 -17.16 -19.51
C ASP E 19 -3.15 -17.28 -20.02
N ASN E 20 -2.41 -18.19 -19.40
CA ASN E 20 -1.12 -18.64 -19.88
C ASN E 20 -0.16 -17.44 -20.15
N ALA E 21 -0.14 -16.53 -19.19
CA ALA E 21 0.65 -15.31 -19.28
C ALA E 21 1.60 -15.25 -18.11
N PHE E 22 2.73 -14.58 -18.27
CA PHE E 22 3.74 -14.61 -17.23
C PHE E 22 4.49 -13.30 -17.03
N PHE E 23 4.59 -12.85 -15.78
CA PHE E 23 5.55 -11.83 -15.37
C PHE E 23 6.93 -12.42 -15.40
N PRO E 24 7.97 -11.59 -15.34
CA PRO E 24 9.33 -12.13 -15.27
C PRO E 24 9.68 -12.87 -13.99
N SER E 25 10.72 -13.69 -14.11
CA SER E 25 11.18 -14.59 -13.04
C SER E 25 11.78 -13.76 -11.92
N PRO E 26 11.63 -14.19 -10.64
CA PRO E 26 12.21 -13.45 -9.50
C PRO E 26 13.69 -13.13 -9.64
N TYR E 27 14.43 -14.01 -10.31
CA TYR E 27 15.86 -13.78 -10.63
C TYR E 27 16.09 -12.61 -11.61
N SER E 28 15.38 -12.62 -12.72
CA SER E 28 15.50 -11.53 -13.72
C SER E 28 15.11 -10.18 -13.12
N LEU E 29 14.04 -10.14 -12.34
CA LEU E 29 13.68 -8.90 -11.66
C LEU E 29 14.87 -8.39 -10.83
N SER E 30 15.45 -9.23 -9.98
CA SER E 30 16.60 -8.81 -9.16
C SER E 30 17.96 -8.73 -9.92
N GLN E 31 17.92 -8.56 -11.24
CA GLN E 31 19.10 -8.30 -12.07
C GLN E 31 18.89 -7.14 -13.05
N TYR E 32 17.66 -6.96 -13.55
CA TYR E 32 17.32 -5.85 -14.44
C TYR E 32 16.48 -4.74 -13.80
N THR E 33 16.02 -4.90 -12.56
CA THR E 33 15.35 -3.79 -11.86
C THR E 33 16.07 -3.43 -10.57
N ALA E 34 15.73 -2.25 -10.06
CA ALA E 34 16.18 -1.83 -8.73
C ALA E 34 15.19 -0.81 -8.19
N PRO E 35 15.20 -0.59 -6.87
CA PRO E 35 14.24 0.39 -6.37
C PRO E 35 14.74 1.85 -6.51
N LYS E 36 15.99 2.05 -6.94
CA LYS E 36 16.54 3.37 -7.30
C LYS E 36 17.12 3.34 -8.71
N THR E 37 16.97 4.45 -9.44
CA THR E 37 17.63 4.67 -10.73
C THR E 37 18.89 5.48 -10.45
N ASP E 38 19.65 5.81 -11.50
CA ASP E 38 20.90 6.61 -11.35
C ASP E 38 20.74 8.15 -11.49
N PHE E 39 19.49 8.62 -11.44
CA PHE E 39 19.19 10.02 -11.57
C PHE E 39 20.02 10.88 -10.62
N ASP E 40 21.08 11.49 -11.14
CA ASP E 40 21.93 12.40 -10.34
C ASP E 40 21.61 13.90 -10.54
N GLY E 41 20.32 14.23 -10.70
CA GLY E 41 19.85 15.61 -10.89
C GLY E 41 19.54 16.00 -12.33
N VAL E 42 18.73 17.05 -12.47
CA VAL E 42 18.32 17.61 -13.77
C VAL E 42 19.28 18.76 -14.07
N GLU E 43 19.63 18.98 -15.32
CA GLU E 43 20.59 20.03 -15.70
C GLU E 43 19.99 21.43 -15.93
N HIS E 44 18.73 21.52 -16.37
CA HIS E 44 18.20 22.79 -16.84
C HIS E 44 16.87 23.16 -16.18
N LYS E 45 16.74 22.95 -14.88
CA LYS E 45 15.45 23.17 -14.22
C LYS E 45 14.90 24.55 -14.56
N GLY E 46 13.65 24.61 -14.99
CA GLY E 46 12.93 25.86 -15.25
C GLY E 46 13.45 26.71 -16.41
N ALA E 47 14.27 26.14 -17.27
CA ALA E 47 14.96 26.91 -18.31
C ALA E 47 14.09 27.33 -19.48
N TYR E 48 12.87 26.81 -19.59
CA TYR E 48 11.93 27.25 -20.63
C TYR E 48 10.72 27.88 -19.95
N LYS E 49 10.61 29.20 -20.04
CA LYS E 49 9.63 29.97 -19.24
C LYS E 49 8.27 30.15 -19.90
N ASP E 50 8.23 30.25 -21.23
CA ASP E 50 6.96 30.45 -21.95
C ASP E 50 6.05 29.22 -21.76
N GLY E 51 4.76 29.36 -22.03
CA GLY E 51 3.81 28.25 -21.79
C GLY E 51 3.52 27.29 -22.95
N LYS E 52 4.21 27.42 -24.08
CA LYS E 52 3.72 26.86 -25.36
C LYS E 52 4.15 25.42 -25.60
N TRP E 53 5.46 25.21 -25.76
CA TRP E 53 6.04 23.92 -26.21
C TRP E 53 5.83 22.74 -25.23
N LYS E 54 5.18 21.69 -25.73
CA LYS E 54 4.93 20.44 -25.01
C LYS E 54 5.56 19.26 -25.73
N VAL E 55 5.74 18.15 -25.02
CA VAL E 55 6.04 16.83 -25.60
C VAL E 55 4.73 16.10 -25.82
N LEU E 56 4.58 15.43 -26.96
CA LEU E 56 3.47 14.52 -27.19
C LEU E 56 4.02 13.15 -26.90
N MET E 57 3.37 12.34 -26.06
CA MET E 57 3.83 10.94 -25.83
C MET E 57 2.85 9.87 -26.35
N ILE E 58 3.43 8.84 -26.98
CA ILE E 58 2.67 7.71 -27.53
C ILE E 58 2.96 6.47 -26.70
N ALA E 59 1.97 6.07 -25.90
CA ALA E 59 2.12 4.95 -24.98
C ALA E 59 1.46 3.68 -25.50
N ALA E 60 2.01 2.55 -25.08
CA ALA E 60 1.38 1.24 -25.25
C ALA E 60 0.10 1.15 -24.40
N GLU E 61 -0.92 0.52 -24.98
CA GLU E 61 -2.18 0.29 -24.29
C GLU E 61 -2.55 -1.19 -24.21
N GLU E 62 -1.65 -2.07 -24.67
CA GLU E 62 -1.82 -3.53 -24.59
C GLU E 62 -0.64 -4.11 -23.88
N ARG E 63 -0.88 -4.84 -22.78
CA ARG E 63 0.21 -5.39 -21.98
C ARG E 63 0.57 -6.86 -22.16
N TYR E 64 -0.09 -7.56 -23.05
CA TYR E 64 0.21 -8.96 -23.27
C TYR E 64 0.72 -9.15 -24.69
N VAL E 65 1.84 -9.82 -24.80
CA VAL E 65 2.52 -10.07 -26.06
C VAL E 65 2.54 -11.57 -26.35
N LEU E 66 1.84 -12.01 -27.39
CA LEU E 66 1.86 -13.42 -27.80
C LEU E 66 3.19 -13.85 -28.45
N LEU E 67 3.75 -14.91 -27.90
CA LEU E 67 5.04 -15.45 -28.30
C LEU E 67 4.91 -16.72 -29.15
N GLU E 68 6.04 -17.24 -29.65
CA GLU E 68 6.07 -18.45 -30.51
C GLU E 68 5.41 -19.67 -29.89
N ASN E 69 5.87 -20.04 -28.71
CA ASN E 69 5.30 -21.15 -27.94
C ASN E 69 3.84 -20.98 -27.41
N GLY E 70 3.16 -19.88 -27.72
CA GLY E 70 1.75 -19.72 -27.34
C GLY E 70 1.50 -19.18 -25.93
N LYS E 71 2.56 -18.90 -25.17
CA LYS E 71 2.48 -18.18 -23.90
C LYS E 71 2.49 -16.69 -24.18
N MET E 72 2.13 -15.91 -23.18
CA MET E 72 2.04 -14.46 -23.31
C MET E 72 2.94 -13.79 -22.30
N PHE E 73 3.63 -12.75 -22.73
CA PHE E 73 4.43 -11.96 -21.82
C PHE E 73 3.55 -10.87 -21.21
N SER E 74 3.57 -10.76 -19.89
CA SER E 74 2.85 -9.69 -19.18
C SER E 74 3.84 -8.56 -19.01
N THR E 75 3.73 -7.55 -19.89
CA THR E 75 4.70 -6.46 -19.95
C THR E 75 3.98 -5.09 -19.87
N GLY E 76 4.29 -4.19 -20.79
CA GLY E 76 3.78 -2.82 -20.77
C GLY E 76 4.92 -1.91 -21.16
N ASN E 77 4.73 -0.60 -21.00
CA ASN E 77 5.84 0.31 -21.17
C ASN E 77 6.69 0.15 -19.94
N HIS E 78 7.99 0.39 -20.10
CA HIS E 78 8.93 0.37 -18.98
C HIS E 78 8.80 1.70 -18.25
N PRO E 79 8.39 1.68 -16.98
CA PRO E 79 8.15 2.95 -16.31
C PRO E 79 9.43 3.79 -16.07
N VAL E 80 10.62 3.17 -16.12
CA VAL E 80 11.87 3.93 -16.09
C VAL E 80 12.07 4.61 -17.44
N GLU E 81 11.99 3.86 -18.54
CA GLU E 81 12.14 4.48 -19.87
C GLU E 81 11.06 5.49 -20.23
N MET E 82 9.92 5.46 -19.55
CA MET E 82 8.91 6.47 -19.69
C MET E 82 9.18 7.67 -18.78
N LEU E 83 9.10 7.46 -17.47
CA LEU E 83 8.94 8.54 -16.50
C LEU E 83 10.23 9.32 -16.21
N LEU E 84 11.35 8.63 -16.28
CA LEU E 84 12.63 9.28 -16.03
C LEU E 84 13.00 10.35 -17.11
N PRO E 85 13.00 9.99 -18.42
CA PRO E 85 13.15 11.06 -19.43
C PRO E 85 12.08 12.16 -19.39
N LEU E 86 10.85 11.82 -18.99
CA LEU E 86 9.79 12.81 -18.79
C LEU E 86 10.04 13.74 -17.60
N HIS E 87 10.84 13.33 -16.62
CA HIS E 87 11.13 14.17 -15.43
C HIS E 87 12.04 15.34 -15.79
N HIS E 88 13.19 15.02 -16.39
CA HIS E 88 14.07 16.00 -17.04
C HIS E 88 13.33 17.05 -17.87
N LEU E 89 12.32 16.61 -18.61
CA LEU E 89 11.58 17.48 -19.51
C LEU E 89 10.53 18.39 -18.83
N MET E 90 9.82 17.89 -17.83
CA MET E 90 8.89 18.76 -17.09
C MET E 90 9.64 19.69 -16.16
N GLU E 91 10.69 19.19 -15.51
CA GLU E 91 11.60 20.04 -14.75
C GLU E 91 12.05 21.18 -15.66
N ALA E 92 12.58 20.85 -16.83
CA ALA E 92 13.04 21.87 -17.79
C ALA E 92 11.98 22.80 -18.38
N GLY E 93 10.70 22.57 -18.07
CA GLY E 93 9.63 23.49 -18.43
C GLY E 93 8.70 23.07 -19.58
N PHE E 94 8.69 21.78 -19.95
CA PHE E 94 7.78 21.28 -20.99
C PHE E 94 6.68 20.39 -20.41
N ASP E 95 5.42 20.77 -20.61
CA ASP E 95 4.30 19.90 -20.25
C ASP E 95 4.23 18.67 -21.18
N VAL E 96 3.42 17.68 -20.79
CA VAL E 96 3.30 16.41 -21.52
C VAL E 96 1.85 16.10 -21.82
N ASP E 97 1.54 15.77 -23.07
CA ASP E 97 0.25 15.16 -23.42
C ASP E 97 0.48 13.68 -23.71
N VAL E 98 -0.37 12.85 -23.09
CA VAL E 98 -0.31 11.41 -23.24
C VAL E 98 -1.42 10.99 -24.23
N ALA E 99 -1.01 10.21 -25.26
CA ALA E 99 -1.95 9.58 -26.21
C ALA E 99 -1.72 8.09 -26.29
N THR E 100 -2.80 7.37 -26.57
CA THR E 100 -2.72 5.98 -26.98
C THR E 100 -3.57 5.84 -28.26
N LEU E 101 -3.46 4.70 -28.92
CA LEU E 101 -4.20 4.46 -30.15
C LEU E 101 -5.73 4.53 -30.02
N SER E 102 -6.27 3.95 -28.96
CA SER E 102 -7.72 3.82 -28.83
C SER E 102 -8.30 4.65 -27.70
N GLY E 103 -7.43 5.28 -26.90
CA GLY E 103 -7.85 6.06 -25.76
C GLY E 103 -7.86 5.24 -24.51
N TYR E 104 -7.43 3.97 -24.61
CA TYR E 104 -7.40 3.06 -23.46
C TYR E 104 -6.31 3.46 -22.46
N PRO E 105 -6.40 3.01 -21.20
CA PRO E 105 -5.39 3.36 -20.22
C PRO E 105 -4.02 2.88 -20.61
N VAL E 106 -3.00 3.67 -20.30
CA VAL E 106 -1.62 3.29 -20.55
C VAL E 106 -1.27 2.11 -19.66
N LYS E 107 -0.49 1.18 -20.20
CA LYS E 107 -0.13 -0.06 -19.49
C LYS E 107 1.35 -0.06 -19.20
N LEU E 108 1.69 -0.11 -17.90
CA LEU E 108 3.11 -0.11 -17.43
C LEU E 108 3.59 -1.48 -16.93
N GLU E 109 4.87 -1.78 -17.14
CA GLU E 109 5.57 -2.87 -16.45
C GLU E 109 5.78 -2.41 -15.00
N LEU E 110 4.76 -2.54 -14.15
CA LEU E 110 4.85 -2.06 -12.76
C LEU E 110 5.87 -2.85 -11.93
N TRP E 111 6.02 -4.15 -12.23
CA TRP E 111 7.15 -4.97 -11.70
C TRP E 111 8.55 -4.36 -11.86
N ALA E 112 8.72 -3.30 -12.66
CA ALA E 112 10.02 -2.62 -12.82
C ALA E 112 9.99 -1.17 -12.32
N MET E 113 8.92 -0.81 -11.62
CA MET E 113 8.78 0.51 -11.04
C MET E 113 9.82 0.62 -9.93
N PRO E 114 10.72 1.63 -9.97
CA PRO E 114 11.66 1.77 -8.87
C PRO E 114 10.95 2.50 -7.72
N THR E 115 10.45 1.72 -6.77
CA THR E 115 9.51 2.17 -5.73
C THR E 115 10.08 3.19 -4.72
N GLU E 116 11.41 3.19 -4.60
CA GLU E 116 12.15 4.12 -3.77
C GLU E 116 12.98 5.06 -4.65
N ASP E 117 12.38 5.67 -5.67
CA ASP E 117 13.07 6.72 -6.47
C ASP E 117 12.12 7.89 -6.51
N GLU E 118 12.39 8.91 -5.70
CA GLU E 118 11.42 9.96 -5.41
C GLU E 118 11.06 10.82 -6.63
N ALA E 119 12.06 11.14 -7.47
CA ALA E 119 11.80 11.96 -8.67
C ALA E 119 10.92 11.24 -9.72
N VAL E 120 11.19 9.94 -9.94
CA VAL E 120 10.38 9.05 -10.80
C VAL E 120 8.95 8.87 -10.30
N ILE E 121 8.81 8.51 -9.02
CA ILE E 121 7.49 8.35 -8.37
C ILE E 121 6.68 9.67 -8.32
N SER E 122 7.39 10.79 -8.11
CA SER E 122 6.80 12.16 -8.15
C SER E 122 6.11 12.46 -9.50
N THR E 123 6.86 12.19 -10.57
CA THR E 123 6.43 12.31 -11.97
C THR E 123 5.28 11.37 -12.33
N TYR E 124 5.32 10.14 -11.85
CA TYR E 124 4.21 9.21 -11.97
C TYR E 124 2.92 9.80 -11.39
N ASN E 125 3.01 10.43 -10.22
CA ASN E 125 1.80 10.95 -9.56
C ASN E 125 1.20 12.23 -10.19
N LYS E 126 1.94 12.93 -11.06
CA LYS E 126 1.36 14.01 -11.86
C LYS E 126 0.67 13.44 -13.11
N LEU E 127 1.34 12.48 -13.73
CA LEU E 127 0.87 11.85 -14.96
C LEU E 127 -0.27 10.82 -14.76
N LYS E 128 -0.44 10.30 -13.54
CA LYS E 128 -1.42 9.23 -13.28
C LYS E 128 -2.80 9.41 -13.89
N GLU E 129 -3.33 10.62 -13.89
CA GLU E 129 -4.68 10.87 -14.44
C GLU E 129 -4.69 10.87 -15.96
N LYS E 130 -3.67 11.43 -16.58
CA LYS E 130 -3.50 11.33 -18.02
C LYS E 130 -3.17 9.90 -18.46
N LEU E 131 -2.38 9.18 -17.66
CA LEU E 131 -2.05 7.78 -17.96
C LEU E 131 -3.27 6.81 -17.81
N LYS E 132 -4.22 7.12 -16.92
CA LYS E 132 -5.46 6.35 -16.76
C LYS E 132 -6.60 6.77 -17.69
N GLN E 133 -6.43 7.91 -18.37
CA GLN E 133 -7.48 8.52 -19.22
C GLN E 133 -6.79 9.38 -20.29
N PRO E 134 -6.04 8.75 -21.20
CA PRO E 134 -5.26 9.49 -22.17
C PRO E 134 -6.08 9.91 -23.37
N LYS E 135 -5.42 10.65 -24.24
CA LYS E 135 -5.98 11.06 -25.52
C LYS E 135 -6.03 9.90 -26.51
N LYS E 136 -6.93 9.99 -27.48
CA LYS E 136 -6.91 9.06 -28.58
C LYS E 136 -6.07 9.71 -29.67
N LEU E 137 -5.09 8.95 -30.18
CA LEU E 137 -4.11 9.51 -31.10
C LEU E 137 -4.74 9.98 -32.42
N ALA E 138 -5.75 9.26 -32.90
CA ALA E 138 -6.52 9.73 -34.05
C ALA E 138 -7.05 11.15 -33.81
N ASP E 139 -7.55 11.45 -32.61
CA ASP E 139 -8.04 12.80 -32.24
C ASP E 139 -6.93 13.84 -32.14
N VAL E 140 -5.76 13.43 -31.64
CA VAL E 140 -4.61 14.32 -31.58
C VAL E 140 -4.25 14.75 -32.99
N ILE E 141 -4.10 13.79 -33.90
CA ILE E 141 -3.74 14.02 -35.32
C ILE E 141 -4.66 15.02 -35.98
N LYS E 142 -5.95 14.86 -35.76
CA LYS E 142 -6.99 15.69 -36.37
C LYS E 142 -6.98 17.12 -35.90
N ASN E 143 -6.80 17.35 -34.60
CA ASN E 143 -6.95 18.70 -33.99
C ASN E 143 -5.65 19.38 -33.52
N GLU E 144 -4.65 18.63 -33.09
CA GLU E 144 -3.50 19.19 -32.38
C GLU E 144 -2.20 18.97 -33.15
N LEU E 145 -2.19 18.92 -34.48
CA LEU E 145 -0.90 18.86 -35.22
C LEU E 145 -0.75 20.01 -36.22
N GLY E 146 -0.41 19.72 -37.48
CA GLY E 146 -0.20 20.78 -38.47
C GLY E 146 1.13 21.48 -38.29
N PRO E 147 1.42 22.48 -39.15
CA PRO E 147 2.72 23.17 -39.06
C PRO E 147 2.86 24.04 -37.83
N ASP E 148 1.73 24.46 -37.24
CA ASP E 148 1.74 25.32 -36.04
C ASP E 148 1.28 24.56 -34.79
N SER E 149 1.81 23.36 -34.65
CA SER E 149 1.53 22.50 -33.53
C SER E 149 2.36 23.00 -32.35
N ASP E 150 1.76 22.89 -31.15
CA ASP E 150 2.48 23.17 -29.90
C ASP E 150 3.44 22.04 -29.52
N TYR E 151 3.44 20.93 -30.26
CA TYR E 151 4.30 19.82 -29.89
C TYR E 151 5.67 19.97 -30.54
N LEU E 152 6.70 20.02 -29.71
CA LEU E 152 8.09 20.07 -30.19
C LEU E 152 8.65 18.66 -30.37
N SER E 153 8.07 17.68 -29.68
CA SER E 153 8.57 16.28 -29.69
C SER E 153 7.51 15.20 -29.55
N VAL E 154 7.75 14.12 -30.27
CA VAL E 154 7.04 12.87 -30.14
C VAL E 154 7.95 11.94 -29.35
N PHE E 155 7.54 11.64 -28.12
CA PHE E 155 8.26 10.73 -27.24
C PHE E 155 7.60 9.36 -27.33
N ILE E 156 8.41 8.32 -27.52
CA ILE E 156 7.87 6.97 -27.64
C ILE E 156 8.68 6.04 -26.72
N PRO E 157 8.28 5.92 -25.45
CA PRO E 157 9.07 5.04 -24.59
C PRO E 157 8.87 3.56 -24.94
N GLY E 158 9.87 2.77 -24.57
CA GLY E 158 9.88 1.33 -24.80
C GLY E 158 9.19 0.56 -23.68
N GLY E 159 9.80 -0.56 -23.29
CA GLY E 159 9.08 -1.70 -22.72
C GLY E 159 8.76 -2.63 -23.89
N HIS E 160 8.57 -3.91 -23.62
CA HIS E 160 8.30 -4.87 -24.70
C HIS E 160 6.94 -4.70 -25.35
N ALA E 161 6.01 -3.99 -24.68
CA ALA E 161 4.66 -3.74 -25.23
C ALA E 161 4.62 -2.77 -26.40
N ALA E 162 5.71 -2.03 -26.63
CA ALA E 162 5.84 -1.15 -27.77
C ALA E 162 5.69 -1.89 -29.09
N VAL E 163 6.08 -3.17 -29.08
CA VAL E 163 5.94 -4.13 -30.18
C VAL E 163 4.51 -4.40 -30.72
N VAL E 164 3.45 -4.11 -29.97
CA VAL E 164 2.11 -4.65 -30.32
C VAL E 164 1.35 -3.83 -31.38
N GLY E 165 0.73 -2.72 -30.98
CA GLY E 165 -0.15 -1.97 -31.88
C GLY E 165 0.57 -0.84 -32.60
N ILE E 166 1.50 -0.23 -31.86
CA ILE E 166 2.25 0.93 -32.28
C ILE E 166 3.12 0.65 -33.51
N SER E 167 3.59 -0.59 -33.63
CA SER E 167 4.54 -0.96 -34.67
C SER E 167 3.91 -1.20 -36.03
N GLU E 168 2.58 -1.16 -36.11
CA GLU E 168 1.83 -1.35 -37.36
C GLU E 168 0.60 -0.41 -37.44
N SER E 169 0.81 0.85 -37.04
CA SER E 169 -0.24 1.87 -36.92
C SER E 169 -0.18 2.99 -38.00
N GLU E 170 -1.25 3.12 -38.76
CA GLU E 170 -1.42 4.29 -39.62
C GLU E 170 -1.42 5.63 -38.86
N ASP E 171 -1.92 5.65 -37.63
CA ASP E 171 -1.89 6.85 -36.78
C ASP E 171 -0.46 7.24 -36.38
N VAL E 172 0.34 6.27 -35.93
CA VAL E 172 1.75 6.50 -35.62
C VAL E 172 2.48 7.01 -36.86
N GLN E 173 2.18 6.40 -38.00
CA GLN E 173 2.75 6.84 -39.27
C GLN E 173 2.46 8.31 -39.58
N GLN E 174 1.20 8.71 -39.51
CA GLN E 174 0.86 10.11 -39.75
C GLN E 174 1.55 11.09 -38.80
N THR E 175 1.73 10.63 -37.57
CA THR E 175 2.50 11.34 -36.55
C THR E 175 3.98 11.42 -36.91
N LEU E 176 4.60 10.32 -37.33
CA LEU E 176 6.02 10.35 -37.70
C LEU E 176 6.28 11.15 -38.95
N ASP E 177 5.33 11.12 -39.89
CA ASP E 177 5.38 11.98 -41.06
C ASP E 177 5.36 13.43 -40.63
N TRP E 178 4.36 13.80 -39.84
CA TRP E 178 4.25 15.15 -39.27
C TRP E 178 5.52 15.61 -38.58
N ALA E 179 6.20 14.70 -37.88
CA ALA E 179 7.42 15.06 -37.18
C ALA E 179 8.53 15.39 -38.18
N LEU E 180 8.75 14.50 -39.15
CA LEU E 180 9.73 14.73 -40.25
C LEU E 180 9.46 16.01 -41.07
N ASP E 181 8.20 16.15 -41.49
CA ASP E 181 7.78 17.25 -42.35
C ASP E 181 7.73 18.61 -41.63
N ASN E 182 7.75 18.64 -40.31
CA ASN E 182 7.76 19.89 -39.56
C ASN E 182 8.97 20.09 -38.67
N ASP E 183 10.00 19.25 -38.85
CA ASP E 183 11.28 19.44 -38.21
C ASP E 183 11.19 19.29 -36.69
N ARG E 184 10.46 18.29 -36.22
CA ARG E 184 10.30 18.05 -34.79
C ARG E 184 11.16 16.89 -34.34
N PHE E 185 11.31 16.74 -33.04
CA PHE E 185 12.10 15.63 -32.54
C PHE E 185 11.26 14.38 -32.42
N ILE E 186 11.84 13.26 -32.88
CA ILE E 186 11.40 11.89 -32.61
C ILE E 186 12.35 11.27 -31.56
N VAL E 187 11.83 11.00 -30.35
CA VAL E 187 12.64 10.50 -29.22
C VAL E 187 12.11 9.17 -28.75
N THR E 188 12.98 8.17 -28.70
CA THR E 188 12.55 6.80 -28.41
C THR E 188 13.66 6.03 -27.72
N LEU E 189 13.39 4.91 -27.04
CA LEU E 189 14.50 4.07 -26.51
C LEU E 189 14.07 2.62 -26.21
N HIS E 191 12.77 -0.77 -26.88
CA HIS E 191 11.86 -1.32 -27.89
C HIS E 191 10.95 -0.26 -28.49
N GLY E 192 10.90 0.93 -27.99
CA GLY E 192 10.31 2.12 -28.60
C GLY E 192 10.52 2.20 -30.11
N PRO E 193 11.76 2.00 -30.58
CA PRO E 193 11.99 2.07 -32.00
C PRO E 193 11.11 1.19 -32.87
N ALA E 194 10.43 0.20 -32.30
CA ALA E 194 9.40 -0.54 -33.06
C ALA E 194 8.32 0.37 -33.61
N ALA E 195 8.02 1.47 -32.92
CA ALA E 195 7.12 2.50 -33.49
C ALA E 195 7.58 3.00 -34.83
N LEU E 196 8.90 3.12 -35.01
CA LEU E 196 9.47 3.59 -36.28
C LEU E 196 9.17 2.70 -37.51
N LEU E 197 8.84 1.42 -37.28
CA LEU E 197 8.44 0.49 -38.36
C LEU E 197 7.17 0.92 -39.04
N SER E 198 6.25 1.53 -38.31
CA SER E 198 5.02 1.91 -38.95
C SER E 198 5.16 3.11 -39.89
N ALA E 199 6.32 3.78 -39.90
CA ALA E 199 6.67 4.70 -41.01
C ALA E 199 6.76 3.97 -42.36
N GLY E 200 7.20 2.70 -42.36
CA GLY E 200 7.26 1.87 -43.58
C GLY E 200 5.98 1.18 -44.06
N LEU E 201 4.85 1.54 -43.45
CA LEU E 201 3.62 0.79 -43.63
C LEU E 201 2.99 1.14 -44.96
N ASN E 202 2.61 0.11 -45.69
CA ASN E 202 2.03 0.24 -47.03
C ASN E 202 2.88 1.07 -47.98
N ARG E 203 4.22 0.96 -47.82
CA ARG E 203 5.19 1.71 -48.62
C ARG E 203 6.41 0.84 -48.93
N GLU E 204 6.92 0.92 -50.17
CA GLU E 204 8.16 0.24 -50.56
C GLU E 204 9.37 0.84 -49.88
N LYS E 205 9.28 2.10 -49.45
CA LYS E 205 10.38 2.80 -48.82
C LYS E 205 9.88 3.55 -47.58
N SER E 206 10.70 3.56 -46.54
CA SER E 206 10.37 4.21 -45.26
C SER E 206 11.04 5.59 -45.26
N PRO E 207 10.32 6.67 -44.90
CA PRO E 207 10.99 7.97 -44.88
C PRO E 207 12.18 8.04 -43.94
N LEU E 208 12.25 7.09 -43.01
CA LEU E 208 13.37 6.97 -42.12
C LEU E 208 14.52 6.07 -42.63
N GLU E 209 14.50 5.58 -43.87
CA GLU E 209 15.64 4.81 -44.42
C GLU E 209 16.89 5.64 -44.22
N GLY E 210 17.98 5.02 -43.76
CA GLY E 210 19.27 5.69 -43.59
C GLY E 210 19.50 6.40 -42.26
N TYR E 211 18.46 6.56 -41.45
CA TYR E 211 18.64 7.05 -40.09
C TYR E 211 19.36 6.02 -39.25
N SER E 212 20.07 6.48 -38.22
CA SER E 212 20.82 5.60 -37.32
C SER E 212 20.19 5.61 -35.95
N VAL E 213 20.12 4.43 -35.34
CA VAL E 213 19.36 4.24 -34.11
C VAL E 213 20.00 3.23 -33.17
N CYS E 214 19.91 3.50 -31.88
CA CYS E 214 20.07 2.47 -30.86
C CYS E 214 18.81 1.65 -30.73
N VAL E 215 18.98 0.35 -30.52
CA VAL E 215 17.87 -0.58 -30.34
C VAL E 215 18.30 -1.65 -29.34
N PHE E 216 17.35 -2.15 -28.57
CA PHE E 216 17.59 -3.30 -27.70
C PHE E 216 17.98 -4.50 -28.58
N PRO E 217 19.14 -5.11 -28.28
CA PRO E 217 19.70 -6.05 -29.24
C PRO E 217 18.98 -7.38 -29.31
N ASP E 218 19.10 -8.01 -30.48
CA ASP E 218 18.45 -9.28 -30.77
C ASP E 218 19.16 -10.47 -30.11
N SER E 219 20.45 -10.32 -29.80
CA SER E 219 21.17 -11.32 -29.01
C SER E 219 20.45 -11.55 -27.66
N LEU E 220 20.24 -10.48 -26.89
CA LEU E 220 19.60 -10.55 -25.55
C LEU E 220 18.19 -11.19 -25.50
N ASP E 221 17.31 -10.79 -26.42
CA ASP E 221 15.96 -11.35 -26.48
C ASP E 221 15.92 -12.79 -27.05
N GLU E 222 16.97 -13.22 -27.75
CA GLU E 222 17.05 -14.62 -28.22
C GLU E 222 17.74 -15.52 -27.20
N GLY E 223 18.89 -15.07 -26.68
CA GLY E 223 19.69 -15.88 -25.76
C GLY E 223 19.33 -15.69 -24.30
N ALA E 224 19.80 -14.58 -23.72
CA ALA E 224 19.87 -14.40 -22.26
C ALA E 224 18.52 -14.30 -21.57
N ASN E 225 17.69 -13.37 -22.04
CA ASN E 225 16.32 -13.14 -21.51
C ASN E 225 15.44 -14.41 -21.50
N ILE E 226 15.74 -15.38 -22.37
CA ILE E 226 15.08 -16.68 -22.32
C ILE E 226 15.72 -17.62 -21.29
N GLU E 227 17.06 -17.65 -21.22
CA GLU E 227 17.76 -18.49 -20.23
C GLU E 227 17.48 -18.11 -18.76
N ILE E 228 17.27 -16.83 -18.44
CA ILE E 228 16.99 -16.41 -17.05
C ILE E 228 15.52 -16.13 -16.69
N GLY E 229 14.61 -16.38 -17.62
CA GLY E 229 13.17 -16.25 -17.36
C GLY E 229 12.61 -14.85 -17.30
N TYR E 230 13.23 -13.91 -18.02
CA TYR E 230 12.60 -12.63 -18.27
C TYR E 230 11.37 -12.90 -19.14
N LEU E 231 11.59 -13.55 -20.29
CA LEU E 231 10.52 -13.96 -21.19
C LEU E 231 10.20 -15.44 -20.99
N PRO E 232 8.92 -15.86 -21.13
CA PRO E 232 8.55 -17.27 -21.09
C PRO E 232 8.49 -17.90 -22.49
N GLY E 233 9.01 -17.18 -23.47
CA GLY E 233 8.95 -17.62 -24.85
C GLY E 233 9.73 -16.68 -25.73
N ARG E 234 9.85 -17.08 -26.99
CA ARG E 234 10.66 -16.42 -27.97
C ARG E 234 9.71 -15.51 -28.76
N LEU E 235 10.16 -14.33 -29.13
CA LEU E 235 9.34 -13.44 -29.96
C LEU E 235 9.22 -13.96 -31.40
N LYS E 236 8.15 -13.54 -32.08
CA LYS E 236 7.85 -13.94 -33.46
C LYS E 236 8.57 -13.09 -34.50
N TRP E 237 8.95 -11.87 -34.13
CA TRP E 237 9.94 -11.14 -34.88
C TRP E 237 10.83 -10.44 -33.92
N LEU E 238 11.92 -9.90 -34.43
CA LEU E 238 12.91 -9.18 -33.62
C LEU E 238 12.92 -7.76 -34.14
N VAL E 239 13.01 -6.78 -33.24
CA VAL E 239 12.84 -5.37 -33.61
C VAL E 239 14.02 -4.85 -34.36
N ALA E 240 15.23 -5.20 -33.90
CA ALA E 240 16.41 -4.71 -34.60
C ALA E 240 16.44 -5.28 -36.00
N ASP E 241 16.11 -6.56 -36.13
CA ASP E 241 16.14 -7.20 -37.44
C ASP E 241 15.20 -6.53 -38.44
N LEU E 242 13.93 -6.37 -38.07
CA LEU E 242 12.93 -5.79 -38.95
C LEU E 242 13.27 -4.34 -39.34
N LEU E 243 13.81 -3.58 -38.39
CA LEU E 243 14.34 -2.25 -38.68
C LEU E 243 15.48 -2.28 -39.70
N THR E 244 16.39 -3.23 -39.58
CA THR E 244 17.48 -3.33 -40.53
C THR E 244 16.97 -3.63 -41.90
N LYS E 245 15.91 -4.43 -41.98
CA LYS E 245 15.26 -4.76 -43.27
C LYS E 245 14.53 -3.57 -43.94
N GLN E 246 14.18 -2.56 -43.15
CA GLN E 246 13.54 -1.35 -43.66
C GLN E 246 14.54 -0.32 -44.16
N GLY E 247 15.82 -0.52 -43.89
CA GLY E 247 16.85 0.46 -44.25
C GLY E 247 17.41 1.32 -43.13
N LEU E 248 16.95 1.16 -41.90
CA LEU E 248 17.63 1.83 -40.79
C LEU E 248 18.94 1.08 -40.42
N LYS E 249 19.80 1.77 -39.68
CA LYS E 249 21.13 1.28 -39.39
C LYS E 249 21.21 1.11 -37.91
N VAL E 250 20.99 -0.12 -37.47
CA VAL E 250 21.12 -0.46 -36.05
C VAL E 250 22.59 -0.38 -35.70
N VAL E 251 22.86 0.51 -34.75
CA VAL E 251 24.18 1.01 -34.49
C VAL E 251 24.90 0.16 -33.43
N ASN E 252 24.15 -0.66 -32.65
CA ASN E 252 24.69 -1.39 -31.48
C ASN E 252 24.30 -2.87 -31.45
N ASP E 253 25.23 -3.72 -30.99
CA ASP E 253 24.98 -5.14 -30.77
C ASP E 253 24.71 -5.51 -29.29
N ASP E 254 25.19 -4.71 -28.35
CA ASP E 254 24.95 -4.95 -26.90
C ASP E 254 24.33 -3.75 -26.18
N MET E 255 23.68 -4.04 -25.05
CA MET E 255 23.06 -3.00 -24.21
C MET E 255 24.04 -2.52 -23.15
N THR E 256 24.31 -1.21 -23.16
CA THR E 256 25.34 -0.60 -22.31
C THR E 256 24.96 0.80 -21.79
N GLY E 257 23.72 1.23 -22.02
CA GLY E 257 23.29 2.62 -21.81
C GLY E 257 23.65 3.61 -22.91
N ARG E 258 23.98 3.11 -24.12
CA ARG E 258 24.14 3.95 -25.36
C ARG E 258 22.98 4.91 -25.66
N THR E 259 23.31 6.12 -26.08
CA THR E 259 22.37 7.00 -26.77
C THR E 259 22.97 7.42 -28.10
N LEU E 260 22.15 8.07 -28.92
CA LEU E 260 22.55 8.47 -30.27
C LEU E 260 21.69 9.62 -30.78
N LYS E 261 22.34 10.55 -31.46
CA LYS E 261 21.71 11.66 -32.14
C LYS E 261 21.98 11.46 -33.63
N ASP E 262 20.92 11.40 -34.45
CA ASP E 262 21.02 11.46 -35.91
C ASP E 262 19.98 12.48 -36.30
N ARG E 263 20.43 13.71 -36.51
CA ARG E 263 19.57 14.81 -36.90
C ARG E 263 18.55 15.08 -35.76
N LYS E 264 17.27 14.75 -35.92
CA LYS E 264 16.29 14.95 -34.85
C LYS E 264 15.74 13.64 -34.22
N LEU E 265 16.34 12.50 -34.61
CA LEU E 265 15.99 11.16 -34.11
C LEU E 265 16.92 10.76 -32.96
N LEU E 266 16.48 11.04 -31.74
CA LEU E 266 17.25 10.72 -30.53
C LEU E 266 16.81 9.33 -30.04
N THR E 267 17.76 8.40 -29.93
CA THR E 267 17.50 7.01 -29.47
C THR E 267 18.38 6.60 -28.29
N GLY E 268 17.94 5.56 -27.59
CA GLY E 268 18.69 4.94 -26.48
C GLY E 268 18.63 3.44 -26.61
N ASP E 269 19.60 2.72 -26.04
CA ASP E 269 19.72 1.26 -26.27
C ASP E 269 18.91 0.35 -25.34
N SER E 270 18.51 0.85 -24.18
CA SER E 270 17.91 0.01 -23.14
C SER E 270 17.43 0.90 -21.97
N PRO E 271 16.90 0.28 -20.87
CA PRO E 271 16.56 1.13 -19.71
C PRO E 271 17.75 1.89 -19.11
N LEU E 272 18.95 1.36 -19.28
CA LEU E 272 20.17 1.98 -18.77
C LEU E 272 20.41 3.37 -19.33
N ALA E 273 19.95 3.63 -20.55
CA ALA E 273 20.11 4.95 -21.20
C ALA E 273 19.02 5.98 -20.87
N SER E 274 18.06 5.62 -20.02
CA SER E 274 16.94 6.52 -19.69
C SER E 274 17.39 7.88 -19.19
N ASN E 275 18.43 7.92 -18.35
CA ASN E 275 18.84 9.18 -17.75
C ASN E 275 19.63 10.03 -18.74
N GLU E 276 20.50 9.38 -19.50
CA GLU E 276 21.37 10.05 -20.49
C GLU E 276 20.56 10.67 -21.65
N LEU E 277 19.57 9.91 -22.13
CA LEU E 277 18.64 10.36 -23.16
C LEU E 277 17.73 11.52 -22.70
N GLY E 278 17.22 11.45 -21.47
CA GLY E 278 16.48 12.57 -20.90
C GLY E 278 17.29 13.84 -20.89
N LYS E 279 18.53 13.72 -20.42
CA LYS E 279 19.48 14.82 -20.46
C LYS E 279 19.71 15.27 -21.90
N LEU E 280 19.90 14.32 -22.80
CA LEU E 280 20.05 14.63 -24.23
C LEU E 280 18.85 15.34 -24.87
N ALA E 281 17.63 14.87 -24.63
CA ALA E 281 16.43 15.48 -25.23
C ALA E 281 16.25 16.93 -24.79
N VAL E 282 16.39 17.18 -23.49
CA VAL E 282 16.25 18.52 -22.95
C VAL E 282 17.28 19.50 -23.54
N ASN E 283 18.49 19.00 -23.84
CA ASN E 283 19.53 19.83 -24.47
C ASN E 283 19.16 20.22 -25.89
N GLU E 284 18.86 19.24 -26.73
CA GLU E 284 18.56 19.52 -28.13
C GLU E 284 17.29 20.34 -28.31
N MET E 285 16.26 20.04 -27.52
CA MET E 285 15.03 20.85 -27.49
C MET E 285 15.28 22.32 -27.14
N LEU E 286 16.07 22.59 -26.10
CA LEU E 286 16.39 23.98 -25.75
C LEU E 286 17.30 24.67 -26.78
N ASN E 287 18.32 23.98 -27.28
CA ASN E 287 19.18 24.49 -28.37
C ASN E 287 18.38 24.78 -29.64
N ALA E 288 17.30 24.04 -29.86
CA ALA E 288 16.46 24.24 -31.05
C ALA E 288 15.44 25.38 -30.88
N ILE E 289 15.14 25.77 -29.63
CA ILE E 289 14.41 27.01 -29.34
C ILE E 289 15.35 28.21 -29.47
N GLN E 290 16.54 28.07 -28.90
CA GLN E 290 17.61 29.10 -28.93
C GLN E 290 17.74 29.73 -30.32
N ASN E 291 18.06 28.94 -31.35
CA ASN E 291 18.16 29.50 -32.72
C ASN E 291 16.82 29.55 -33.45
N LYS E 292 15.91 30.42 -32.97
CA LYS E 292 14.64 30.73 -33.64
C LYS E 292 14.20 32.16 -33.34
N GLU F 7 -9.83 -15.09 3.23
CA GLU F 7 -10.27 -16.03 2.15
C GLU F 7 -11.80 -15.93 1.84
N LEU F 8 -12.60 -15.37 2.74
CA LEU F 8 -13.97 -14.89 2.41
C LEU F 8 -14.19 -13.41 2.80
N SER F 9 -13.15 -12.61 2.62
CA SER F 9 -13.26 -11.15 2.72
C SER F 9 -14.30 -10.58 1.72
N LYS F 10 -14.98 -9.51 2.11
CA LYS F 10 -15.86 -8.74 1.20
C LYS F 10 -15.08 -7.64 0.50
N GLN F 11 -13.79 -7.50 0.84
CA GLN F 11 -12.91 -6.54 0.18
C GLN F 11 -12.47 -7.01 -1.22
N PRO F 12 -12.56 -6.09 -2.21
CA PRO F 12 -11.97 -6.26 -3.54
C PRO F 12 -10.51 -6.69 -3.51
N THR F 13 -10.19 -7.79 -4.20
CA THR F 13 -8.83 -8.34 -4.21
C THR F 13 -7.98 -7.47 -5.15
N PRO F 14 -6.82 -6.97 -4.71
CA PRO F 14 -5.95 -6.19 -5.61
C PRO F 14 -5.43 -6.99 -6.78
N ASP F 15 -5.43 -6.41 -7.99
CA ASP F 15 -4.83 -7.04 -9.19
C ASP F 15 -3.40 -6.57 -9.24
N LYS F 16 -2.46 -7.51 -9.08
CA LYS F 16 -1.04 -7.16 -9.04
C LYS F 16 -0.58 -6.40 -10.31
N ALA F 17 -1.10 -6.81 -11.49
CA ALA F 17 -0.60 -6.33 -12.80
C ALA F 17 -0.84 -4.85 -13.13
N GLU F 18 -1.79 -4.21 -12.46
CA GLU F 18 -2.19 -2.83 -12.76
C GLU F 18 -2.21 -1.94 -11.50
N ASP F 19 -2.06 -0.63 -11.69
CA ASP F 19 -2.02 0.31 -10.58
C ASP F 19 -3.44 0.63 -10.09
N ASN F 20 -3.66 0.50 -8.79
CA ASN F 20 -4.93 0.85 -8.15
C ASN F 20 -6.13 0.13 -8.79
N ALA F 21 -5.91 -1.11 -9.22
CA ALA F 21 -6.91 -1.92 -9.90
C ALA F 21 -7.30 -3.09 -9.03
N PHE F 22 -8.52 -3.60 -9.18
CA PHE F 22 -9.07 -4.57 -8.23
C PHE F 22 -9.94 -5.66 -8.85
N PHE F 23 -9.69 -6.91 -8.46
CA PHE F 23 -10.59 -8.03 -8.78
C PHE F 23 -11.86 -7.97 -7.89
N PRO F 24 -12.90 -8.74 -8.27
CA PRO F 24 -14.00 -8.89 -7.33
C PRO F 24 -13.60 -9.56 -6.00
N SER F 25 -14.39 -9.26 -4.97
CA SER F 25 -14.19 -9.79 -3.64
C SER F 25 -14.43 -11.31 -3.57
N PRO F 26 -13.65 -12.02 -2.71
CA PRO F 26 -13.86 -13.43 -2.45
C PRO F 26 -15.31 -13.80 -2.12
N TYR F 27 -15.96 -12.98 -1.30
CA TYR F 27 -17.37 -13.20 -0.99
C TYR F 27 -18.25 -13.14 -2.26
N SER F 28 -18.04 -12.14 -3.10
CA SER F 28 -18.87 -11.93 -4.30
C SER F 28 -18.63 -13.00 -5.35
N LEU F 29 -17.37 -13.44 -5.43
CA LEU F 29 -17.00 -14.55 -6.28
C LEU F 29 -17.75 -15.83 -5.86
N SER F 30 -17.81 -16.07 -4.54
CA SER F 30 -18.57 -17.21 -3.97
C SER F 30 -20.05 -17.18 -4.35
N GLN F 31 -20.63 -15.98 -4.41
CA GLN F 31 -22.05 -15.79 -4.76
C GLN F 31 -22.35 -15.72 -6.27
N TYR F 32 -21.49 -15.07 -7.05
CA TYR F 32 -21.79 -14.85 -8.49
C TYR F 32 -21.07 -15.74 -9.50
N THR F 33 -20.08 -16.52 -9.07
CA THR F 33 -19.49 -17.52 -9.96
C THR F 33 -19.75 -18.92 -9.44
N ALA F 34 -19.74 -19.86 -10.37
CA ALA F 34 -19.96 -21.25 -10.10
C ALA F 34 -18.87 -22.06 -10.82
N PRO F 35 -18.33 -23.10 -10.16
CA PRO F 35 -17.47 -24.04 -10.90
C PRO F 35 -18.16 -24.81 -12.05
N LYS F 36 -19.48 -24.91 -12.06
CA LYS F 36 -20.19 -25.48 -13.19
C LYS F 36 -21.38 -24.60 -13.58
N THR F 37 -21.87 -24.78 -14.80
CA THR F 37 -22.98 -23.98 -15.28
C THR F 37 -24.28 -24.77 -15.13
N ASP F 38 -25.32 -24.37 -15.87
CA ASP F 38 -26.62 -25.04 -15.90
C ASP F 38 -26.85 -25.70 -17.26
N PHE F 39 -25.78 -26.23 -17.84
CA PHE F 39 -25.83 -26.76 -19.20
C PHE F 39 -26.52 -28.12 -19.28
N ASP F 40 -27.51 -28.21 -20.17
CA ASP F 40 -28.35 -29.41 -20.35
C ASP F 40 -27.83 -30.37 -21.43
N GLY F 41 -27.24 -29.81 -22.48
CA GLY F 41 -27.06 -30.47 -23.78
C GLY F 41 -27.54 -29.51 -24.85
N VAL F 42 -27.31 -29.86 -26.11
CA VAL F 42 -27.70 -29.02 -27.25
C VAL F 42 -28.97 -29.57 -27.89
N GLU F 43 -29.86 -28.68 -28.31
CA GLU F 43 -31.08 -29.09 -29.01
C GLU F 43 -30.85 -29.55 -30.48
N HIS F 44 -29.71 -29.23 -31.08
CA HIS F 44 -29.61 -29.21 -32.55
C HIS F 44 -28.27 -29.67 -33.11
N LYS F 45 -27.59 -30.59 -32.43
CA LYS F 45 -26.35 -31.16 -32.96
C LYS F 45 -26.55 -31.48 -34.45
N GLY F 46 -25.73 -30.85 -35.29
CA GLY F 46 -25.67 -31.16 -36.69
C GLY F 46 -26.46 -30.23 -37.57
N ALA F 47 -27.63 -29.80 -37.10
CA ALA F 47 -28.66 -29.16 -37.94
C ALA F 47 -28.17 -28.52 -39.25
N TYR F 48 -27.37 -27.47 -39.12
CA TYR F 48 -26.88 -26.73 -40.28
C TYR F 48 -25.64 -27.44 -40.77
N LYS F 49 -25.71 -27.95 -42.00
CA LYS F 49 -24.60 -28.68 -42.60
C LYS F 49 -24.07 -28.02 -43.87
N ASP F 50 -24.78 -27.01 -44.42
CA ASP F 50 -24.45 -26.48 -45.76
C ASP F 50 -23.10 -25.75 -45.80
N GLY F 51 -22.59 -25.34 -44.61
CA GLY F 51 -21.20 -24.90 -44.42
C GLY F 51 -20.83 -23.44 -44.65
N LYS F 52 -21.83 -22.57 -44.78
CA LYS F 52 -21.63 -21.15 -45.15
C LYS F 52 -21.79 -20.19 -43.96
N TRP F 53 -23.00 -20.06 -43.43
CA TRP F 53 -23.31 -19.02 -42.46
C TRP F 53 -22.51 -19.17 -41.18
N LYS F 54 -21.80 -18.12 -40.78
CA LYS F 54 -21.04 -18.12 -39.53
C LYS F 54 -21.41 -16.92 -38.65
N VAL F 55 -20.91 -16.93 -37.42
CA VAL F 55 -21.17 -15.91 -36.41
C VAL F 55 -19.97 -14.99 -36.29
N LEU F 56 -20.20 -13.70 -36.38
CA LEU F 56 -19.17 -12.72 -36.08
C LEU F 56 -19.33 -12.28 -34.64
N MET F 57 -18.34 -12.60 -33.79
CA MET F 57 -18.29 -12.09 -32.43
C MET F 57 -17.41 -10.84 -32.33
N ILE F 58 -17.92 -9.80 -31.67
CA ILE F 58 -17.13 -8.63 -31.26
C ILE F 58 -16.81 -8.78 -29.79
N ALA F 59 -15.52 -8.76 -29.46
CA ALA F 59 -15.07 -8.94 -28.08
C ALA F 59 -14.35 -7.68 -27.59
N ALA F 60 -14.29 -7.57 -26.27
CA ALA F 60 -13.62 -6.49 -25.57
C ALA F 60 -12.17 -6.83 -25.50
N GLU F 61 -11.33 -5.83 -25.74
CA GLU F 61 -9.87 -6.02 -25.64
C GLU F 61 -9.23 -5.23 -24.49
N GLU F 62 -10.06 -4.57 -23.67
CA GLU F 62 -9.61 -3.80 -22.53
C GLU F 62 -10.27 -4.37 -21.25
N ARG F 63 -9.45 -4.72 -20.27
CA ARG F 63 -9.92 -5.39 -19.08
C ARG F 63 -10.19 -4.40 -17.94
N TYR F 64 -9.64 -3.17 -18.01
CA TYR F 64 -9.70 -2.20 -16.89
C TYR F 64 -10.68 -1.02 -17.13
N VAL F 65 -11.60 -0.84 -16.17
CA VAL F 65 -12.68 0.14 -16.25
C VAL F 65 -12.47 1.15 -15.14
N LEU F 66 -12.41 2.44 -15.52
CA LEU F 66 -12.09 3.53 -14.57
C LEU F 66 -13.34 4.13 -13.94
N LEU F 67 -13.32 4.23 -12.61
CA LEU F 67 -14.51 4.52 -11.79
C LEU F 67 -14.45 5.95 -11.20
N GLU F 68 -15.55 6.37 -10.59
CA GLU F 68 -15.67 7.72 -10.01
C GLU F 68 -14.63 7.97 -8.91
N ASN F 69 -14.38 6.98 -8.06
CA ASN F 69 -13.38 7.12 -6.99
C ASN F 69 -11.93 6.98 -7.46
N GLY F 70 -11.70 6.67 -8.74
CA GLY F 70 -10.35 6.57 -9.31
C GLY F 70 -9.70 5.18 -9.27
N LYS F 71 -10.38 4.22 -8.64
CA LYS F 71 -10.00 2.80 -8.73
C LYS F 71 -10.41 2.27 -10.09
N MET F 72 -9.81 1.13 -10.42
CA MET F 72 -10.10 0.42 -11.65
C MET F 72 -10.58 -0.98 -11.37
N PHE F 73 -11.64 -1.39 -12.08
CA PHE F 73 -12.23 -2.70 -11.91
C PHE F 73 -11.61 -3.61 -12.95
N SER F 74 -10.94 -4.67 -12.48
CA SER F 74 -10.21 -5.61 -13.35
C SER F 74 -11.21 -6.63 -13.85
N THR F 75 -11.69 -6.42 -15.07
CA THR F 75 -12.82 -7.19 -15.62
C THR F 75 -12.44 -7.88 -16.95
N GLY F 76 -13.36 -7.87 -17.91
CA GLY F 76 -13.21 -8.57 -19.18
C GLY F 76 -14.58 -8.91 -19.73
N ASN F 77 -14.62 -9.68 -20.82
CA ASN F 77 -15.88 -10.29 -21.24
C ASN F 77 -16.14 -11.42 -20.26
N HIS F 78 -17.41 -11.72 -19.99
CA HIS F 78 -17.77 -12.77 -19.04
C HIS F 78 -17.66 -14.10 -19.77
N PRO F 79 -16.93 -15.09 -19.20
CA PRO F 79 -16.71 -16.30 -19.98
C PRO F 79 -17.97 -17.14 -20.18
N VAL F 80 -18.85 -17.20 -19.18
CA VAL F 80 -20.09 -17.93 -19.31
C VAL F 80 -20.95 -17.28 -20.41
N GLU F 81 -21.06 -15.94 -20.36
CA GLU F 81 -21.85 -15.19 -21.36
C GLU F 81 -21.30 -15.31 -22.75
N MET F 82 -19.99 -15.45 -22.87
CA MET F 82 -19.38 -15.69 -24.16
C MET F 82 -19.54 -17.12 -24.65
N LEU F 83 -19.07 -18.08 -23.86
CA LEU F 83 -18.75 -19.43 -24.37
C LEU F 83 -19.94 -20.39 -24.43
N LEU F 84 -20.90 -20.29 -23.50
CA LEU F 84 -22.12 -21.14 -23.56
C LEU F 84 -22.93 -20.91 -24.83
N PRO F 85 -23.23 -19.64 -25.16
CA PRO F 85 -23.93 -19.41 -26.41
C PRO F 85 -23.17 -19.89 -27.64
N LEU F 86 -21.86 -19.66 -27.65
CA LEU F 86 -21.03 -20.13 -28.77
C LEU F 86 -21.02 -21.67 -28.88
N HIS F 87 -21.03 -22.38 -27.76
CA HIS F 87 -21.17 -23.83 -27.80
C HIS F 87 -22.44 -24.31 -28.50
N HIS F 88 -23.60 -23.71 -28.17
CA HIS F 88 -24.89 -24.06 -28.82
C HIS F 88 -24.86 -23.79 -30.33
N LEU F 89 -24.15 -22.74 -30.73
CA LEU F 89 -23.99 -22.39 -32.14
C LEU F 89 -23.01 -23.30 -32.84
N MET F 90 -21.93 -23.66 -32.15
CA MET F 90 -20.85 -24.44 -32.77
C MET F 90 -21.28 -25.87 -32.94
N GLU F 91 -21.99 -26.42 -31.96
CA GLU F 91 -22.53 -27.78 -32.13
C GLU F 91 -23.64 -27.81 -33.17
N ALA F 92 -24.37 -26.71 -33.33
CA ALA F 92 -25.34 -26.58 -34.41
C ALA F 92 -24.76 -26.46 -35.85
N GLY F 93 -23.45 -26.16 -35.96
CA GLY F 93 -22.76 -26.09 -37.24
C GLY F 93 -22.45 -24.71 -37.79
N PHE F 94 -22.61 -23.67 -36.97
CA PHE F 94 -22.14 -22.32 -37.35
C PHE F 94 -20.72 -22.16 -36.82
N ASP F 95 -19.78 -21.88 -37.74
CA ASP F 95 -18.41 -21.49 -37.36
C ASP F 95 -18.45 -20.10 -36.69
N VAL F 96 -17.36 -19.71 -36.03
CA VAL F 96 -17.28 -18.40 -35.33
C VAL F 96 -15.98 -17.70 -35.66
N ASP F 97 -16.08 -16.44 -36.05
CA ASP F 97 -14.90 -15.59 -36.19
C ASP F 97 -14.88 -14.56 -35.05
N VAL F 98 -13.69 -14.33 -34.52
CA VAL F 98 -13.50 -13.40 -33.42
C VAL F 98 -12.83 -12.13 -33.92
N ALA F 99 -13.43 -10.97 -33.64
CA ALA F 99 -12.86 -9.65 -33.95
C ALA F 99 -12.91 -8.73 -32.73
N THR F 100 -11.86 -7.93 -32.55
CA THR F 100 -11.83 -6.83 -31.58
C THR F 100 -11.49 -5.53 -32.32
N LEU F 101 -11.72 -4.37 -31.71
CA LEU F 101 -11.55 -3.08 -32.40
C LEU F 101 -10.16 -2.89 -33.04
N SER F 102 -9.13 -3.04 -32.20
CA SER F 102 -7.72 -2.88 -32.57
C SER F 102 -7.03 -4.17 -33.01
N GLY F 103 -7.66 -5.31 -32.74
CA GLY F 103 -7.07 -6.61 -33.01
C GLY F 103 -6.16 -7.11 -31.92
N TYR F 104 -6.15 -6.41 -30.78
CA TYR F 104 -5.44 -6.86 -29.57
C TYR F 104 -6.18 -8.09 -29.04
N PRO F 105 -5.53 -8.91 -28.16
CA PRO F 105 -6.18 -10.17 -27.73
C PRO F 105 -7.44 -9.98 -26.93
N VAL F 106 -8.31 -10.98 -26.96
CA VAL F 106 -9.59 -10.92 -26.25
C VAL F 106 -9.32 -10.98 -24.75
N LYS F 107 -10.00 -10.12 -23.98
CA LYS F 107 -9.84 -10.10 -22.51
C LYS F 107 -11.07 -10.70 -21.82
N LEU F 108 -10.82 -11.70 -20.96
CA LEU F 108 -11.89 -12.41 -20.25
C LEU F 108 -11.86 -12.18 -18.72
N GLU F 109 -13.03 -12.16 -18.08
CA GLU F 109 -13.10 -12.19 -16.61
C GLU F 109 -12.77 -13.65 -16.22
N LEU F 110 -11.49 -13.96 -16.04
CA LEU F 110 -11.06 -15.38 -15.83
C LEU F 110 -11.45 -15.95 -14.45
N TRP F 111 -11.60 -15.06 -13.48
CA TRP F 111 -12.25 -15.37 -12.21
C TRP F 111 -13.68 -15.93 -12.27
N ALA F 112 -14.35 -15.89 -13.42
CA ALA F 112 -15.71 -16.39 -13.56
C ALA F 112 -15.72 -17.59 -14.50
N MET F 113 -14.57 -18.27 -14.58
CA MET F 113 -14.38 -19.35 -15.53
C MET F 113 -14.82 -20.62 -14.83
N PRO F 114 -15.86 -21.30 -15.36
CA PRO F 114 -16.30 -22.56 -14.77
C PRO F 114 -15.28 -23.67 -15.00
N THR F 115 -14.26 -23.70 -14.14
CA THR F 115 -13.07 -24.55 -14.36
C THR F 115 -13.48 -25.98 -14.53
N GLU F 116 -14.49 -26.41 -13.78
CA GLU F 116 -14.95 -27.79 -13.81
C GLU F 116 -16.11 -28.06 -14.82
N ASP F 117 -16.27 -27.25 -15.87
CA ASP F 117 -17.33 -27.52 -16.89
C ASP F 117 -16.73 -27.98 -18.23
N GLU F 118 -16.91 -29.25 -18.56
CA GLU F 118 -16.30 -29.85 -19.74
C GLU F 118 -16.80 -29.22 -21.03
N ALA F 119 -18.08 -28.86 -21.09
CA ALA F 119 -18.65 -28.22 -22.28
C ALA F 119 -18.02 -26.84 -22.54
N VAL F 120 -17.87 -26.05 -21.48
CA VAL F 120 -17.37 -24.67 -21.62
C VAL F 120 -15.85 -24.64 -21.72
N ILE F 121 -15.15 -25.56 -21.06
CA ILE F 121 -13.68 -25.68 -21.24
C ILE F 121 -13.28 -26.19 -22.64
N SER F 122 -14.08 -27.09 -23.25
CA SER F 122 -13.74 -27.58 -24.59
C SER F 122 -14.02 -26.52 -25.65
N THR F 123 -15.13 -25.79 -25.47
CA THR F 123 -15.48 -24.67 -26.35
C THR F 123 -14.41 -23.57 -26.25
N TYR F 124 -13.88 -23.40 -25.05
CA TYR F 124 -12.78 -22.47 -24.80
C TYR F 124 -11.49 -22.96 -25.46
N ASN F 125 -11.08 -24.20 -25.23
CA ASN F 125 -9.87 -24.75 -25.90
C ASN F 125 -10.01 -24.64 -27.42
N LYS F 126 -11.17 -25.00 -27.96
CA LYS F 126 -11.42 -24.86 -29.40
C LYS F 126 -11.20 -23.46 -29.98
N LEU F 127 -11.41 -22.41 -29.19
CA LEU F 127 -11.33 -21.00 -29.64
C LEU F 127 -10.11 -20.15 -29.14
N LYS F 128 -9.29 -20.69 -28.22
CA LYS F 128 -8.12 -19.96 -27.67
C LYS F 128 -7.26 -19.28 -28.72
N GLU F 129 -7.03 -19.97 -29.83
CA GLU F 129 -6.20 -19.49 -30.95
C GLU F 129 -6.79 -18.22 -31.58
N LYS F 130 -8.10 -18.19 -31.74
CA LYS F 130 -8.82 -17.01 -32.21
C LYS F 130 -9.00 -15.97 -31.14
N LEU F 131 -9.18 -16.40 -29.91
CA LEU F 131 -9.24 -15.47 -28.78
C LEU F 131 -7.92 -14.68 -28.61
N LYS F 132 -6.81 -15.40 -28.66
CA LYS F 132 -5.48 -14.83 -28.43
C LYS F 132 -4.99 -13.94 -29.59
N GLN F 133 -5.68 -13.98 -30.73
CA GLN F 133 -5.20 -13.35 -31.96
C GLN F 133 -6.43 -13.01 -32.82
N PRO F 134 -7.34 -12.17 -32.31
CA PRO F 134 -8.54 -11.84 -33.05
C PRO F 134 -8.29 -11.14 -34.37
N LYS F 135 -9.34 -11.01 -35.18
CA LYS F 135 -9.30 -10.16 -36.36
C LYS F 135 -9.52 -8.71 -35.95
N LYS F 136 -9.15 -7.78 -36.81
CA LYS F 136 -9.44 -6.38 -36.55
C LYS F 136 -10.80 -6.01 -37.18
N LEU F 137 -11.76 -5.56 -36.38
CA LEU F 137 -13.10 -5.23 -36.89
C LEU F 137 -12.99 -4.31 -38.12
N ALA F 138 -12.20 -3.25 -37.99
CA ALA F 138 -11.84 -2.40 -39.12
C ALA F 138 -11.70 -3.19 -40.42
N ASP F 139 -10.93 -4.29 -40.40
CA ASP F 139 -10.69 -5.17 -41.56
C ASP F 139 -11.89 -6.04 -41.94
N VAL F 140 -12.62 -6.53 -40.94
CA VAL F 140 -13.86 -7.25 -41.19
C VAL F 140 -14.84 -6.32 -41.94
N ILE F 141 -15.01 -5.10 -41.44
CA ILE F 141 -15.86 -4.11 -42.12
C ILE F 141 -15.48 -3.94 -43.59
N LYS F 142 -14.19 -3.84 -43.85
CA LYS F 142 -13.65 -3.64 -45.21
C LYS F 142 -13.86 -4.82 -46.21
N ASN F 143 -13.69 -6.05 -45.75
CA ASN F 143 -13.58 -7.20 -46.64
C ASN F 143 -14.72 -8.24 -46.53
N GLU F 144 -15.32 -8.39 -45.36
CA GLU F 144 -16.15 -9.55 -45.06
C GLU F 144 -17.62 -9.20 -44.76
N LEU F 145 -18.01 -7.93 -44.91
CA LEU F 145 -19.41 -7.52 -44.73
C LEU F 145 -20.00 -7.24 -46.10
N GLY F 146 -20.98 -6.35 -46.20
CA GLY F 146 -21.75 -6.16 -47.43
C GLY F 146 -23.01 -7.02 -47.50
N PRO F 147 -23.67 -7.05 -48.68
CA PRO F 147 -24.96 -7.73 -48.80
C PRO F 147 -24.85 -9.27 -48.75
N ASP F 148 -23.86 -9.85 -49.42
CA ASP F 148 -23.65 -11.30 -49.47
C ASP F 148 -22.50 -11.71 -48.57
N SER F 149 -22.55 -11.22 -47.33
CA SER F 149 -21.57 -11.55 -46.31
C SER F 149 -21.99 -12.88 -45.74
N ASP F 150 -21.00 -13.68 -45.35
CA ASP F 150 -21.28 -14.98 -44.77
C ASP F 150 -21.66 -14.92 -43.29
N TYR F 151 -21.54 -13.75 -42.65
CA TYR F 151 -21.94 -13.65 -41.26
C TYR F 151 -23.46 -13.57 -41.20
N LEU F 152 -24.09 -14.48 -40.45
CA LEU F 152 -25.53 -14.47 -40.28
C LEU F 152 -25.94 -13.62 -39.08
N SER F 153 -25.06 -13.54 -38.10
CA SER F 153 -25.39 -13.00 -36.81
C SER F 153 -24.15 -12.37 -36.19
N VAL F 154 -24.30 -11.12 -35.73
CA VAL F 154 -23.26 -10.45 -34.93
C VAL F 154 -23.53 -10.72 -33.45
N PHE F 155 -22.49 -11.12 -32.71
CA PHE F 155 -22.62 -11.60 -31.33
C PHE F 155 -21.73 -10.75 -30.41
N ILE F 156 -22.30 -10.23 -29.33
CA ILE F 156 -21.57 -9.30 -28.44
C ILE F 156 -21.74 -9.77 -27.01
N PRO F 157 -20.82 -10.60 -26.51
CA PRO F 157 -20.96 -10.98 -25.12
C PRO F 157 -20.80 -9.79 -24.19
N GLY F 158 -21.26 -9.98 -22.97
CA GLY F 158 -21.22 -8.96 -21.95
C GLY F 158 -19.95 -9.07 -21.18
N GLY F 159 -20.06 -8.91 -19.86
CA GLY F 159 -18.91 -8.65 -18.99
C GLY F 159 -18.88 -7.14 -18.90
N HIS F 160 -18.33 -6.61 -17.81
CA HIS F 160 -18.30 -5.14 -17.59
C HIS F 160 -17.41 -4.39 -18.58
N ALA F 161 -16.40 -5.09 -19.09
CA ALA F 161 -15.49 -4.56 -20.10
C ALA F 161 -16.17 -4.19 -21.40
N ALA F 162 -17.33 -4.77 -21.71
CA ALA F 162 -18.07 -4.42 -22.91
C ALA F 162 -18.63 -2.96 -22.89
N VAL F 163 -18.46 -2.26 -21.77
CA VAL F 163 -18.63 -0.80 -21.74
C VAL F 163 -17.50 -0.03 -22.44
N VAL F 164 -16.24 -0.44 -22.29
CA VAL F 164 -15.10 0.31 -22.81
C VAL F 164 -14.99 0.20 -24.33
N GLY F 165 -14.88 1.33 -25.04
CA GLY F 165 -14.59 1.35 -26.46
C GLY F 165 -15.80 0.96 -27.30
N ILE F 166 -16.10 -0.34 -27.33
CA ILE F 166 -17.29 -0.91 -27.99
C ILE F 166 -18.53 0.02 -27.93
N SER F 167 -18.79 0.63 -26.77
CA SER F 167 -19.94 1.54 -26.57
C SER F 167 -19.96 2.84 -27.38
N GLU F 168 -18.79 3.36 -27.73
CA GLU F 168 -18.67 4.63 -28.45
C GLU F 168 -17.75 4.53 -29.69
N SER F 169 -17.90 3.43 -30.44
CA SER F 169 -17.04 3.13 -31.59
C SER F 169 -17.73 3.35 -32.96
N GLU F 170 -17.07 4.08 -33.87
CA GLU F 170 -17.53 4.20 -35.28
C GLU F 170 -17.38 2.90 -36.12
N ASP F 171 -16.86 1.84 -35.54
CA ASP F 171 -16.80 0.53 -36.21
C ASP F 171 -17.93 -0.40 -35.76
N VAL F 172 -18.28 -0.36 -34.48
CA VAL F 172 -19.50 -1.01 -34.00
C VAL F 172 -20.68 -0.41 -34.75
N GLN F 173 -20.64 0.91 -34.98
CA GLN F 173 -21.71 1.60 -35.70
C GLN F 173 -21.96 1.00 -37.09
N GLN F 174 -20.94 1.05 -37.96
CA GLN F 174 -21.05 0.43 -39.29
C GLN F 174 -21.50 -1.02 -39.18
N THR F 175 -20.93 -1.76 -38.23
CA THR F 175 -21.30 -3.16 -38.04
C THR F 175 -22.75 -3.31 -37.63
N LEU F 176 -23.25 -2.40 -36.79
CA LEU F 176 -24.67 -2.40 -36.41
C LEU F 176 -25.59 -1.92 -37.55
N ASP F 177 -25.11 -0.98 -38.38
CA ASP F 177 -25.83 -0.58 -39.61
C ASP F 177 -26.00 -1.77 -40.53
N TRP F 178 -24.88 -2.38 -40.95
CA TRP F 178 -24.88 -3.60 -41.76
C TRP F 178 -25.92 -4.63 -41.31
N ALA F 179 -26.06 -4.80 -40.00
CA ALA F 179 -26.96 -5.81 -39.43
C ALA F 179 -28.43 -5.45 -39.59
N LEU F 180 -28.77 -4.20 -39.27
CA LEU F 180 -30.11 -3.67 -39.56
C LEU F 180 -30.36 -3.74 -41.07
N ASP F 181 -29.43 -3.17 -41.85
CA ASP F 181 -29.57 -3.03 -43.31
C ASP F 181 -29.70 -4.35 -44.08
N ASN F 182 -29.37 -5.49 -43.47
CA ASN F 182 -29.45 -6.78 -44.17
C ASN F 182 -30.20 -7.87 -43.40
N ASP F 183 -31.15 -7.47 -42.57
CA ASP F 183 -31.99 -8.40 -41.84
C ASP F 183 -31.14 -9.52 -41.17
N ARG F 184 -29.99 -9.15 -40.60
CA ARG F 184 -29.13 -10.10 -39.88
C ARG F 184 -29.46 -10.03 -38.41
N PHE F 185 -28.86 -10.91 -37.59
CA PHE F 185 -29.14 -10.98 -36.13
C PHE F 185 -28.13 -10.22 -35.27
N ILE F 186 -28.62 -9.58 -34.21
CA ILE F 186 -27.80 -8.94 -33.20
C ILE F 186 -28.08 -9.61 -31.84
N VAL F 187 -27.12 -10.39 -31.36
CA VAL F 187 -27.28 -11.19 -30.15
C VAL F 187 -26.37 -10.62 -29.07
N THR F 188 -26.94 -10.32 -27.91
CA THR F 188 -26.20 -9.63 -26.85
C THR F 188 -26.74 -9.97 -25.46
N LEU F 189 -25.82 -9.74 -24.38
CA LEU F 189 -26.30 -9.88 -23.00
C LEU F 189 -25.37 -9.37 -21.88
N HIS F 191 -23.97 -6.32 -19.80
CA HIS F 191 -23.64 -5.03 -20.34
C HIS F 191 -23.25 -5.06 -21.81
N GLY F 192 -23.36 -6.22 -22.40
CA GLY F 192 -23.04 -6.42 -23.77
C GLY F 192 -23.83 -5.48 -24.61
N PRO F 193 -24.99 -5.06 -24.13
CA PRO F 193 -25.81 -4.08 -24.84
C PRO F 193 -25.36 -2.60 -24.77
N ALA F 194 -24.16 -2.31 -24.30
CA ALA F 194 -23.57 -0.99 -24.30
C ALA F 194 -23.11 -0.71 -25.71
N ALA F 195 -22.74 -1.74 -26.44
CA ALA F 195 -22.37 -1.57 -27.79
C ALA F 195 -23.51 -0.99 -28.58
N LEU F 196 -24.75 -1.28 -28.23
CA LEU F 196 -25.85 -0.73 -29.01
C LEU F 196 -25.97 0.80 -28.82
N LEU F 197 -25.21 1.36 -27.86
CA LEU F 197 -25.05 2.81 -27.75
C LEU F 197 -24.31 3.44 -28.93
N SER F 198 -23.58 2.64 -29.71
CA SER F 198 -22.79 3.18 -30.82
C SER F 198 -23.59 3.44 -32.08
N ALA F 199 -24.80 2.88 -32.14
CA ALA F 199 -25.78 3.19 -33.21
C ALA F 199 -26.16 4.67 -33.25
N GLY F 200 -26.28 5.29 -32.07
CA GLY F 200 -26.56 6.72 -31.94
C GLY F 200 -25.41 7.68 -32.18
N LEU F 201 -24.20 7.17 -32.43
CA LEU F 201 -22.98 7.97 -32.39
C LEU F 201 -22.92 8.96 -33.55
N ASN F 202 -22.61 10.24 -33.24
CA ASN F 202 -22.61 11.35 -34.21
C ASN F 202 -23.92 11.43 -35.00
N ARG F 203 -25.04 11.32 -34.27
CA ARG F 203 -26.40 11.26 -34.86
C ARG F 203 -27.47 11.86 -33.93
N GLU F 204 -28.65 12.10 -34.50
CA GLU F 204 -29.79 12.72 -33.80
C GLU F 204 -30.73 11.64 -33.24
N LYS F 205 -30.89 10.56 -34.00
CA LYS F 205 -31.64 9.39 -33.56
C LYS F 205 -30.93 8.09 -33.98
N SER F 206 -30.86 7.16 -33.04
CA SER F 206 -30.32 5.81 -33.27
C SER F 206 -31.33 5.01 -34.12
N PRO F 207 -30.84 4.20 -35.07
CA PRO F 207 -31.69 3.20 -35.75
C PRO F 207 -32.35 2.18 -34.83
N LEU F 208 -31.83 2.02 -33.62
CA LEU F 208 -32.41 1.11 -32.63
C LEU F 208 -33.30 1.85 -31.63
N GLU F 209 -33.87 2.99 -32.04
CA GLU F 209 -34.85 3.71 -31.23
C GLU F 209 -36.14 2.92 -31.31
N GLY F 210 -36.80 2.72 -30.17
CA GLY F 210 -38.01 1.93 -30.08
C GLY F 210 -37.87 0.42 -30.09
N TYR F 211 -36.65 -0.11 -30.20
CA TYR F 211 -36.39 -1.56 -30.02
C TYR F 211 -36.47 -1.92 -28.52
N SER F 212 -36.69 -3.19 -28.24
CA SER F 212 -36.85 -3.68 -26.87
C SER F 212 -35.71 -4.63 -26.49
N VAL F 213 -35.14 -4.41 -25.31
CA VAL F 213 -33.96 -5.15 -24.89
C VAL F 213 -33.99 -5.48 -23.41
N CYS F 214 -33.36 -6.62 -23.07
CA CYS F 214 -32.95 -6.97 -21.70
C CYS F 214 -31.59 -6.36 -21.40
N VAL F 215 -31.41 -5.87 -20.18
CA VAL F 215 -30.19 -5.19 -19.78
C VAL F 215 -29.94 -5.40 -18.28
N PHE F 216 -28.67 -5.46 -17.88
CA PHE F 216 -28.30 -5.64 -16.47
C PHE F 216 -28.81 -4.44 -15.71
N PRO F 217 -29.62 -4.66 -14.66
CA PRO F 217 -30.26 -3.56 -13.93
C PRO F 217 -29.29 -2.65 -13.20
N ASP F 218 -29.71 -1.40 -13.09
CA ASP F 218 -28.91 -0.35 -12.49
C ASP F 218 -29.02 -0.47 -10.98
N SER F 219 -30.14 -1.01 -10.49
CA SER F 219 -30.31 -1.38 -9.07
C SER F 219 -29.11 -2.17 -8.53
N LEU F 220 -28.58 -3.08 -9.35
CA LEU F 220 -27.48 -3.93 -8.92
C LEU F 220 -26.13 -3.26 -9.09
N ASP F 221 -25.91 -2.58 -10.22
CA ASP F 221 -24.63 -1.87 -10.46
C ASP F 221 -24.32 -0.72 -9.48
N GLU F 222 -25.34 -0.04 -8.97
CA GLU F 222 -25.18 0.93 -7.88
C GLU F 222 -25.36 0.31 -6.50
N GLY F 223 -26.21 -0.71 -6.40
CA GLY F 223 -26.55 -1.34 -5.11
C GLY F 223 -25.68 -2.51 -4.67
N ALA F 224 -26.23 -3.70 -4.88
CA ALA F 224 -25.61 -4.98 -4.46
C ALA F 224 -24.11 -5.11 -4.80
N ASN F 225 -23.75 -4.77 -6.05
CA ASN F 225 -22.40 -4.98 -6.55
C ASN F 225 -21.40 -4.13 -5.79
N ILE F 226 -21.78 -2.89 -5.46
CA ILE F 226 -20.96 -1.99 -4.63
C ILE F 226 -20.88 -2.53 -3.20
N GLU F 227 -22.07 -2.85 -2.65
CA GLU F 227 -22.21 -3.27 -1.25
C GLU F 227 -21.37 -4.50 -0.87
N ILE F 228 -21.26 -5.48 -1.77
CA ILE F 228 -20.55 -6.77 -1.51
C ILE F 228 -19.17 -6.92 -2.16
N GLY F 229 -18.68 -5.90 -2.87
CA GLY F 229 -17.31 -5.92 -3.40
C GLY F 229 -17.08 -6.54 -4.77
N TYR F 230 -18.12 -6.59 -5.61
CA TYR F 230 -17.94 -7.00 -7.01
C TYR F 230 -17.17 -5.89 -7.73
N LEU F 231 -17.72 -4.68 -7.61
CA LEU F 231 -17.10 -3.43 -8.09
C LEU F 231 -16.40 -2.70 -6.93
N PRO F 232 -15.13 -2.28 -7.09
CA PRO F 232 -14.47 -1.41 -6.08
C PRO F 232 -14.95 0.06 -6.03
N GLY F 233 -15.80 0.48 -6.95
CA GLY F 233 -16.33 1.85 -7.00
C GLY F 233 -17.47 1.95 -7.99
N ARG F 234 -18.14 3.10 -8.03
CA ARG F 234 -19.31 3.32 -8.92
C ARG F 234 -18.87 3.58 -10.35
N LEU F 235 -19.64 3.09 -11.31
CA LEU F 235 -19.38 3.39 -12.73
C LEU F 235 -19.70 4.85 -12.99
N LYS F 236 -18.92 5.48 -13.85
CA LYS F 236 -19.15 6.85 -14.27
C LYS F 236 -20.49 7.00 -14.98
N TRP F 237 -21.01 5.91 -15.56
CA TRP F 237 -22.36 5.89 -16.15
C TRP F 237 -22.93 4.47 -16.33
N LEU F 238 -24.24 4.37 -16.56
CA LEU F 238 -24.99 3.09 -16.52
C LEU F 238 -25.68 2.84 -17.87
N VAL F 239 -25.76 1.57 -18.27
CA VAL F 239 -26.06 1.27 -19.67
C VAL F 239 -27.54 1.21 -19.92
N ALA F 240 -28.32 0.86 -18.92
CA ALA F 240 -29.78 0.82 -19.05
C ALA F 240 -30.34 2.24 -19.17
N ASP F 241 -29.92 3.07 -18.23
CA ASP F 241 -30.08 4.53 -18.26
C ASP F 241 -29.80 5.12 -19.67
N LEU F 242 -28.56 5.03 -20.16
CA LEU F 242 -28.20 5.65 -21.45
C LEU F 242 -28.93 5.04 -22.63
N LEU F 243 -29.31 3.77 -22.54
CA LEU F 243 -30.05 3.11 -23.63
C LEU F 243 -31.50 3.58 -23.65
N THR F 244 -32.08 3.79 -22.48
CA THR F 244 -33.42 4.37 -22.38
C THR F 244 -33.39 5.74 -23.08
N LYS F 245 -32.49 6.65 -22.64
CA LYS F 245 -32.32 7.99 -23.25
C LYS F 245 -32.03 8.03 -24.77
N GLN F 246 -31.47 6.96 -25.35
CA GLN F 246 -31.38 6.84 -26.82
C GLN F 246 -32.70 6.40 -27.45
N GLY F 247 -33.68 6.07 -26.60
CA GLY F 247 -35.05 5.81 -26.98
C GLY F 247 -35.36 4.34 -27.12
N LEU F 248 -34.79 3.53 -26.22
CA LEU F 248 -35.05 2.08 -26.18
C LEU F 248 -35.89 1.77 -24.96
N LYS F 249 -36.74 0.76 -25.10
CA LYS F 249 -37.58 0.28 -24.03
C LYS F 249 -36.75 -0.83 -23.37
N VAL F 250 -36.25 -0.54 -22.16
CA VAL F 250 -35.56 -1.53 -21.32
C VAL F 250 -36.63 -2.18 -20.45
N VAL F 251 -36.94 -3.44 -20.71
CA VAL F 251 -38.09 -4.09 -20.06
C VAL F 251 -37.85 -4.66 -18.65
N ASN F 252 -36.60 -4.84 -18.24
CA ASN F 252 -36.33 -5.50 -16.96
C ASN F 252 -35.70 -4.55 -15.94
N ASP F 253 -36.20 -4.62 -14.71
CA ASP F 253 -35.62 -3.89 -13.58
C ASP F 253 -34.88 -4.83 -12.59
N ASP F 254 -34.84 -6.14 -12.91
CA ASP F 254 -34.13 -7.16 -12.10
C ASP F 254 -33.41 -8.22 -12.97
N MET F 255 -32.35 -8.81 -12.40
CA MET F 255 -31.68 -9.96 -13.02
C MET F 255 -32.35 -11.25 -12.55
N THR F 256 -32.76 -12.05 -13.53
CA THR F 256 -33.58 -13.27 -13.32
C THR F 256 -33.33 -14.42 -14.35
N GLY F 257 -32.29 -14.30 -15.18
CA GLY F 257 -32.12 -15.16 -16.34
C GLY F 257 -33.06 -14.92 -17.53
N ARG F 258 -33.81 -13.83 -17.50
CA ARG F 258 -34.80 -13.55 -18.53
C ARG F 258 -34.14 -13.28 -19.87
N THR F 259 -34.74 -13.84 -20.93
CA THR F 259 -34.32 -13.62 -22.32
C THR F 259 -35.37 -12.77 -23.03
N LEU F 260 -35.02 -12.20 -24.18
CA LEU F 260 -35.94 -11.34 -24.94
C LEU F 260 -35.55 -11.11 -26.42
N LYS F 261 -36.42 -11.53 -27.33
CA LYS F 261 -36.26 -11.35 -28.77
C LYS F 261 -37.21 -10.21 -29.21
N ASP F 262 -36.67 -9.14 -29.81
CA ASP F 262 -37.49 -8.10 -30.48
C ASP F 262 -37.02 -7.94 -31.92
N ARG F 263 -37.73 -8.61 -32.82
CA ARG F 263 -37.39 -8.72 -34.24
C ARG F 263 -36.14 -9.61 -34.32
N LYS F 264 -35.04 -9.14 -34.91
CA LYS F 264 -33.78 -9.93 -34.93
C LYS F 264 -32.78 -9.57 -33.81
N LEU F 265 -33.16 -8.66 -32.90
CA LEU F 265 -32.32 -8.24 -31.76
C LEU F 265 -32.58 -9.10 -30.50
N LEU F 266 -31.77 -10.17 -30.34
CA LEU F 266 -31.89 -11.11 -29.21
C LEU F 266 -31.03 -10.65 -28.02
N THR F 267 -31.63 -10.53 -26.84
CA THR F 267 -30.97 -9.94 -25.65
C THR F 267 -31.24 -10.74 -24.38
N GLY F 268 -30.29 -10.69 -23.44
CA GLY F 268 -30.40 -11.42 -22.17
C GLY F 268 -29.94 -10.52 -21.05
N ASP F 269 -30.46 -10.77 -19.86
CA ASP F 269 -30.38 -9.80 -18.78
C ASP F 269 -29.20 -9.97 -17.82
N SER F 270 -28.57 -11.15 -17.81
CA SER F 270 -27.44 -11.42 -16.90
C SER F 270 -26.71 -12.72 -17.30
N PRO F 271 -25.65 -13.11 -16.55
CA PRO F 271 -25.03 -14.40 -16.87
C PRO F 271 -25.95 -15.63 -16.70
N LEU F 272 -27.10 -15.45 -16.03
CA LEU F 272 -28.07 -16.54 -15.85
C LEU F 272 -28.89 -16.81 -17.11
N ALA F 273 -28.74 -15.96 -18.14
CA ALA F 273 -29.43 -16.15 -19.43
C ALA F 273 -28.58 -16.81 -20.49
N SER F 274 -27.34 -17.18 -20.15
CA SER F 274 -26.35 -17.58 -21.16
C SER F 274 -26.88 -18.75 -21.94
N ASN F 275 -27.23 -19.80 -21.20
CA ASN F 275 -27.74 -21.01 -21.79
C ASN F 275 -29.05 -20.71 -22.52
N GLU F 276 -29.97 -20.04 -21.85
CA GLU F 276 -31.27 -19.77 -22.46
C GLU F 276 -31.19 -18.93 -23.73
N LEU F 277 -30.24 -18.00 -23.77
CA LEU F 277 -30.01 -17.23 -24.99
C LEU F 277 -29.34 -18.08 -26.04
N GLY F 278 -28.48 -19.00 -25.61
CA GLY F 278 -27.85 -20.00 -26.49
C GLY F 278 -28.85 -20.78 -27.33
N LYS F 279 -29.91 -21.27 -26.69
CA LYS F 279 -30.95 -22.06 -27.37
C LYS F 279 -31.79 -21.20 -28.34
N LEU F 280 -32.25 -20.05 -27.83
CA LEU F 280 -33.02 -19.05 -28.61
C LEU F 280 -32.29 -18.59 -29.90
N ALA F 281 -31.01 -18.27 -29.76
CA ALA F 281 -30.23 -17.76 -30.87
C ALA F 281 -30.09 -18.81 -31.97
N VAL F 282 -29.87 -20.05 -31.57
CA VAL F 282 -29.71 -21.11 -32.54
C VAL F 282 -31.06 -21.39 -33.24
N ASN F 283 -32.15 -21.50 -32.48
CA ASN F 283 -33.50 -21.66 -33.04
C ASN F 283 -33.77 -20.63 -34.14
N GLU F 284 -33.69 -19.35 -33.77
CA GLU F 284 -34.07 -18.25 -34.63
C GLU F 284 -33.26 -18.18 -35.91
N MET F 285 -31.99 -18.58 -35.84
CA MET F 285 -31.14 -18.60 -37.04
C MET F 285 -31.52 -19.75 -37.94
N LEU F 286 -31.73 -20.92 -37.35
CA LEU F 286 -32.18 -22.10 -38.11
C LEU F 286 -33.54 -21.85 -38.79
N ASN F 287 -34.39 -21.02 -38.16
CA ASN F 287 -35.69 -20.63 -38.71
C ASN F 287 -35.59 -19.73 -39.94
N ALA F 288 -34.52 -18.95 -40.06
CA ALA F 288 -34.31 -18.10 -41.22
C ALA F 288 -33.52 -18.76 -42.34
N ILE F 289 -33.08 -20.01 -42.15
CA ILE F 289 -32.27 -20.76 -43.13
C ILE F 289 -33.15 -21.62 -44.06
N GLN F 290 -34.10 -22.34 -43.47
CA GLN F 290 -35.11 -23.09 -44.23
C GLN F 290 -36.32 -23.32 -43.33
N VAL G 5 31.60 31.83 16.05
CA VAL G 5 30.56 31.89 14.97
C VAL G 5 30.31 30.56 14.21
N ASN G 6 31.01 29.47 14.57
CA ASN G 6 30.97 28.20 13.80
C ASN G 6 29.76 27.29 14.12
N GLU G 7 29.42 27.17 15.40
CA GLU G 7 28.22 26.40 15.83
C GLU G 7 26.89 27.02 15.33
N LEU G 8 26.94 28.19 14.70
CA LEU G 8 25.81 28.72 13.92
C LEU G 8 25.54 27.93 12.62
N SER G 9 24.25 27.72 12.36
CA SER G 9 23.80 26.89 11.25
C SER G 9 23.97 27.55 9.89
N LYS G 10 24.34 26.74 8.90
CA LYS G 10 24.42 27.14 7.49
C LYS G 10 23.14 26.78 6.72
N GLN G 11 22.09 26.32 7.42
CA GLN G 11 20.84 25.97 6.76
C GLN G 11 20.04 27.23 6.63
N PRO G 12 19.57 27.54 5.42
CA PRO G 12 18.72 28.74 5.25
C PRO G 12 17.41 28.71 6.09
N THR G 13 17.01 29.86 6.64
CA THR G 13 15.84 29.94 7.53
C THR G 13 14.54 30.21 6.74
N PRO G 14 13.45 29.42 6.98
CA PRO G 14 12.17 29.66 6.28
C PRO G 14 11.50 30.98 6.59
N ASP G 15 10.89 31.61 5.59
CA ASP G 15 10.08 32.85 5.76
C ASP G 15 8.58 32.46 5.72
N LYS G 16 7.96 32.39 6.91
CA LYS G 16 6.53 32.02 7.09
C LYS G 16 5.54 32.67 6.11
N ALA G 17 5.85 33.90 5.66
CA ALA G 17 4.96 34.70 4.79
C ALA G 17 4.66 34.09 3.41
N GLU G 18 5.59 33.29 2.88
CA GLU G 18 5.56 32.75 1.51
C GLU G 18 5.89 31.27 1.49
N ASP G 19 5.41 30.59 0.45
CA ASP G 19 5.67 29.15 0.28
C ASP G 19 7.13 28.91 -0.15
N ASN G 20 7.75 27.88 0.45
CA ASN G 20 9.07 27.37 0.06
C ASN G 20 10.10 28.50 -0.17
N ALA G 21 10.11 29.47 0.76
CA ALA G 21 10.99 30.65 0.71
C ALA G 21 11.88 30.73 1.94
N PHE G 22 13.00 31.42 1.83
CA PHE G 22 14.06 31.32 2.85
C PHE G 22 14.88 32.61 3.03
N PHE G 23 15.12 32.99 4.27
CA PHE G 23 16.08 34.07 4.56
C PHE G 23 17.46 33.44 4.51
N PRO G 24 18.52 34.25 4.49
CA PRO G 24 19.82 33.64 4.64
C PRO G 24 20.01 32.92 5.99
N SER G 25 21.03 32.05 6.02
CA SER G 25 21.37 31.22 7.16
C SER G 25 21.98 32.04 8.29
N PRO G 26 21.84 31.57 9.55
CA PRO G 26 22.46 32.26 10.68
C PRO G 26 23.95 32.54 10.50
N TYR G 27 24.69 31.56 9.98
CA TYR G 27 26.11 31.71 9.73
C TYR G 27 26.37 32.81 8.73
N SER G 28 25.65 32.79 7.60
CA SER G 28 25.88 33.79 6.53
C SER G 28 25.63 35.21 7.02
N LEU G 29 24.54 35.38 7.77
CA LEU G 29 24.22 36.64 8.43
C LEU G 29 25.36 37.06 9.34
N SER G 30 25.96 36.11 10.06
CA SER G 30 27.09 36.43 10.96
C SER G 30 28.27 37.03 10.20
N GLN G 31 28.51 36.57 8.97
CA GLN G 31 29.64 37.02 8.15
C GLN G 31 29.35 38.27 7.31
N TYR G 32 28.25 38.26 6.56
CA TYR G 32 27.93 39.34 5.63
C TYR G 32 27.08 40.49 6.21
N THR G 33 26.72 40.44 7.48
CA THR G 33 26.02 41.58 8.11
C THR G 33 26.68 42.00 9.43
N ALA G 34 26.36 43.21 9.84
CA ALA G 34 27.05 43.87 10.94
C ALA G 34 26.11 44.88 11.54
N PRO G 35 26.09 44.97 12.89
CA PRO G 35 25.24 45.99 13.53
C PRO G 35 25.58 47.49 13.24
N LYS G 36 26.80 47.78 12.75
CA LYS G 36 27.18 49.14 12.33
C LYS G 36 27.92 49.07 11.01
N THR G 37 28.04 50.20 10.34
CA THR G 37 28.71 50.29 9.05
C THR G 37 30.02 51.02 9.22
N ASP G 38 30.82 51.03 8.16
CA ASP G 38 32.12 51.73 8.15
C ASP G 38 32.03 53.26 8.02
N PHE G 39 30.82 53.81 8.00
CA PHE G 39 30.60 55.25 7.88
C PHE G 39 31.22 56.00 9.05
N ASP G 40 31.93 57.09 8.75
CA ASP G 40 32.11 58.17 9.71
C ASP G 40 32.40 59.50 9.01
N GLY G 41 31.29 60.15 8.65
CA GLY G 41 31.24 61.55 8.27
C GLY G 41 30.90 61.72 6.81
N VAL G 42 30.27 62.85 6.50
CA VAL G 42 30.06 63.28 5.13
C VAL G 42 31.11 64.33 4.85
N GLU G 43 31.52 64.47 3.59
CA GLU G 43 32.55 65.43 3.20
C GLU G 43 32.01 66.79 2.78
N HIS G 44 30.69 66.93 2.60
CA HIS G 44 30.13 68.07 1.89
C HIS G 44 28.79 68.57 2.48
N LYS G 45 28.62 68.52 3.81
CA LYS G 45 27.39 69.02 4.46
C LYS G 45 27.05 70.45 4.01
N GLY G 46 25.79 70.71 3.68
CA GLY G 46 25.33 72.02 3.23
C GLY G 46 25.77 72.56 1.87
N ALA G 47 26.64 71.86 1.13
CA ALA G 47 27.30 72.41 -0.08
C ALA G 47 26.35 72.97 -1.11
N TYR G 48 25.40 72.14 -1.53
CA TYR G 48 24.34 72.52 -2.48
C TYR G 48 23.21 73.21 -1.71
N LYS G 49 22.86 74.41 -2.15
CA LYS G 49 22.11 75.36 -1.32
C LYS G 49 20.71 75.71 -1.85
N ASP G 50 20.50 75.71 -3.16
CA ASP G 50 19.14 75.81 -3.72
C ASP G 50 18.36 74.54 -3.38
N GLY G 51 17.08 74.57 -3.70
CA GLY G 51 16.22 73.41 -3.46
C GLY G 51 15.85 72.69 -4.72
N LYS G 52 16.63 72.88 -5.79
CA LYS G 52 16.22 72.44 -7.13
C LYS G 52 16.65 71.00 -7.44
N TRP G 53 17.95 70.71 -7.36
CA TRP G 53 18.49 69.40 -7.75
C TRP G 53 18.16 68.30 -6.75
N LYS G 54 17.69 67.16 -7.27
CA LYS G 54 17.22 66.00 -6.50
C LYS G 54 17.75 64.69 -7.08
N VAL G 55 17.72 63.63 -6.26
CA VAL G 55 18.01 62.25 -6.70
C VAL G 55 16.72 61.46 -6.90
N LEU G 56 16.64 60.71 -7.99
CA LEU G 56 15.48 59.86 -8.27
C LEU G 56 15.91 58.46 -7.96
N MET G 57 15.30 57.82 -6.97
CA MET G 57 15.64 56.44 -6.65
C MET G 57 14.63 55.44 -7.22
N ILE G 58 15.12 54.48 -8.00
CA ILE G 58 14.31 53.35 -8.46
C ILE G 58 14.62 52.15 -7.58
N ALA G 59 13.70 51.82 -6.69
CA ALA G 59 13.87 50.68 -5.77
C ALA G 59 13.02 49.48 -6.19
N ALA G 60 13.29 48.35 -5.55
CA ALA G 60 12.56 47.12 -5.84
C ALA G 60 11.30 46.98 -4.98
N GLU G 61 10.25 46.46 -5.61
CA GLU G 61 8.97 46.19 -4.98
C GLU G 61 8.66 44.69 -4.91
N GLU G 62 9.54 43.83 -5.42
CA GLU G 62 9.38 42.38 -5.28
C GLU G 62 10.51 41.85 -4.43
N ARG G 63 10.19 41.04 -3.42
CA ARG G 63 11.22 40.53 -2.51
C ARG G 63 11.63 39.06 -2.67
N TYR G 64 10.83 38.27 -3.36
CA TYR G 64 11.14 36.86 -3.52
C TYR G 64 11.67 36.62 -4.92
N VAL G 65 12.75 35.88 -5.00
CA VAL G 65 13.41 35.60 -6.24
C VAL G 65 13.36 34.10 -6.42
N LEU G 66 12.63 33.65 -7.44
CA LEU G 66 12.57 32.24 -7.78
C LEU G 66 13.95 31.79 -8.29
N LEU G 67 14.45 30.68 -7.77
CA LEU G 67 15.80 30.16 -8.06
C LEU G 67 15.82 28.91 -8.96
N GLU G 68 17.01 28.43 -9.33
CA GLU G 68 17.12 27.27 -10.17
C GLU G 68 16.47 26.03 -9.56
N ASN G 69 16.52 25.87 -8.24
CA ASN G 69 16.02 24.65 -7.60
C ASN G 69 14.54 24.66 -7.17
N GLY G 70 13.77 25.69 -7.56
CA GLY G 70 12.35 25.81 -7.17
C GLY G 70 12.07 26.69 -5.95
N LYS G 71 13.07 26.79 -5.08
CA LYS G 71 13.01 27.59 -3.88
C LYS G 71 13.09 29.08 -4.19
N MET G 72 12.60 29.92 -3.29
CA MET G 72 12.66 31.36 -3.47
C MET G 72 13.51 31.96 -2.39
N PHE G 73 14.31 32.95 -2.76
CA PHE G 73 15.14 33.71 -1.83
C PHE G 73 14.38 34.90 -1.32
N SER G 74 14.27 35.07 0.01
CA SER G 74 13.62 36.27 0.59
C SER G 74 14.60 37.41 0.76
N THR G 75 14.62 38.28 -0.23
CA THR G 75 15.62 39.32 -0.32
C THR G 75 14.94 40.67 -0.35
N GLY G 76 15.52 41.59 -1.09
CA GLY G 76 15.02 42.94 -1.28
C GLY G 76 16.19 43.80 -1.71
N ASN G 77 16.01 45.12 -1.59
CA ASN G 77 17.13 46.03 -1.65
C ASN G 77 17.94 45.90 -0.38
N HIS G 78 19.23 46.17 -0.51
CA HIS G 78 20.12 46.12 0.63
C HIS G 78 20.05 47.46 1.36
N PRO G 79 19.66 47.48 2.65
CA PRO G 79 19.52 48.76 3.36
C PRO G 79 20.79 49.60 3.37
N VAL G 80 21.93 48.96 3.64
CA VAL G 80 23.22 49.66 3.54
C VAL G 80 23.49 50.21 2.13
N GLU G 81 23.17 49.47 1.08
CA GLU G 81 23.40 49.98 -0.28
C GLU G 81 22.42 51.08 -0.69
N MET G 82 21.27 51.11 -0.04
CA MET G 82 20.26 52.11 -0.27
C MET G 82 20.59 53.33 0.55
N LEU G 83 20.57 53.19 1.87
CA LEU G 83 20.48 54.33 2.78
C LEU G 83 21.77 55.10 2.96
N LEU G 84 22.89 54.41 3.04
CA LEU G 84 24.18 55.05 3.23
C LEU G 84 24.59 55.99 2.07
N PRO G 85 24.48 55.55 0.82
CA PRO G 85 24.72 56.53 -0.25
C PRO G 85 23.75 57.67 -0.25
N LEU G 86 22.49 57.42 0.09
CA LEU G 86 21.46 58.47 0.23
C LEU G 86 21.73 59.47 1.39
N HIS G 87 22.47 59.04 2.42
CA HIS G 87 22.87 59.93 3.53
C HIS G 87 23.91 60.95 3.09
N HIS G 88 24.95 60.51 2.39
CA HIS G 88 25.92 61.44 1.82
C HIS G 88 25.22 62.48 0.92
N LEU G 89 24.28 62.03 0.09
CA LEU G 89 23.55 62.93 -0.84
C LEU G 89 22.52 63.86 -0.19
N MET G 90 21.85 63.41 0.88
CA MET G 90 20.90 64.28 1.59
C MET G 90 21.64 65.34 2.39
N GLU G 91 22.63 64.93 3.17
CA GLU G 91 23.44 65.88 3.93
C GLU G 91 24.08 66.97 3.08
N ALA G 92 24.38 66.70 1.82
CA ALA G 92 24.83 67.74 0.91
C ALA G 92 23.72 68.71 0.50
N GLY G 93 22.47 68.28 0.64
CA GLY G 93 21.32 69.10 0.32
C GLY G 93 20.55 68.64 -0.89
N PHE G 94 20.84 67.46 -1.43
CA PHE G 94 19.99 66.90 -2.48
C PHE G 94 18.89 66.07 -1.83
N ASP G 95 17.63 66.43 -2.08
CA ASP G 95 16.45 65.67 -1.64
C ASP G 95 16.22 64.47 -2.56
N VAL G 96 15.59 63.42 -2.03
CA VAL G 96 15.39 62.14 -2.67
C VAL G 96 13.90 61.83 -2.89
N ASP G 97 13.48 61.69 -4.14
CA ASP G 97 12.18 61.08 -4.45
C ASP G 97 12.38 59.59 -4.76
N VAL G 98 11.48 58.77 -4.23
CA VAL G 98 11.47 57.32 -4.41
C VAL G 98 10.39 56.90 -5.39
N ALA G 99 10.70 55.90 -6.23
CA ALA G 99 9.76 55.29 -7.21
C ALA G 99 9.91 53.79 -7.31
N THR G 100 8.79 53.10 -7.47
CA THR G 100 8.81 51.69 -7.91
C THR G 100 8.07 51.60 -9.24
N LEU G 101 8.14 50.43 -9.87
CA LEU G 101 7.53 50.20 -11.20
C LEU G 101 5.98 50.31 -11.19
N SER G 102 5.38 49.63 -10.20
CA SER G 102 3.94 49.53 -10.04
C SER G 102 3.40 50.45 -8.97
N GLY G 103 4.27 51.21 -8.34
CA GLY G 103 3.88 52.06 -7.22
C GLY G 103 3.64 51.30 -5.93
N TYR G 104 3.99 50.00 -5.87
CA TYR G 104 3.90 49.23 -4.63
C TYR G 104 5.04 49.65 -3.68
N PRO G 105 4.96 49.30 -2.38
CA PRO G 105 5.97 49.64 -1.36
C PRO G 105 7.35 49.09 -1.63
N VAL G 106 8.38 49.78 -1.15
CA VAL G 106 9.74 49.31 -1.36
C VAL G 106 9.99 48.10 -0.47
N LYS G 107 10.57 47.04 -1.06
CA LYS G 107 11.02 45.86 -0.30
C LYS G 107 12.52 45.93 0.02
N LEU G 108 12.84 45.89 1.32
CA LEU G 108 14.24 45.79 1.81
C LEU G 108 14.58 44.42 2.40
N GLU G 109 15.87 44.10 2.42
CA GLU G 109 16.38 42.99 3.19
C GLU G 109 16.58 43.44 4.65
N LEU G 110 15.52 43.36 5.45
CA LEU G 110 15.60 43.86 6.85
C LEU G 110 16.63 43.10 7.72
N TRP G 111 16.86 41.83 7.39
CA TRP G 111 17.92 41.02 8.03
C TRP G 111 19.35 41.55 7.85
N ALA G 112 19.55 42.63 7.09
CA ALA G 112 20.86 43.28 6.98
C ALA G 112 20.85 44.72 7.48
N MET G 113 19.77 45.11 8.16
CA MET G 113 19.63 46.46 8.63
C MET G 113 20.56 46.62 9.82
N PRO G 114 21.53 47.56 9.76
CA PRO G 114 22.43 47.77 10.92
C PRO G 114 21.67 48.44 12.05
N THR G 115 21.08 47.60 12.90
CA THR G 115 20.28 48.00 14.06
C THR G 115 20.85 49.16 14.90
N GLU G 116 22.17 49.21 15.07
CA GLU G 116 22.83 50.21 15.92
C GLU G 116 23.68 51.22 15.13
N ASP G 117 23.18 51.64 13.96
CA ASP G 117 23.82 52.68 13.14
C ASP G 117 22.88 53.88 13.01
N GLU G 118 23.20 54.89 13.83
CA GLU G 118 22.57 56.20 13.87
C GLU G 118 22.27 56.83 12.49
N ALA G 119 23.26 56.83 11.61
CA ALA G 119 23.21 57.60 10.36
C ALA G 119 22.41 56.88 9.27
N VAL G 120 22.57 55.56 9.21
CA VAL G 120 21.74 54.69 8.39
C VAL G 120 20.30 54.74 8.88
N ILE G 121 20.09 54.58 10.19
CA ILE G 121 18.73 54.54 10.74
C ILE G 121 18.01 55.89 10.66
N SER G 122 18.70 57.01 10.88
CA SER G 122 18.05 58.36 10.75
C SER G 122 17.51 58.57 9.32
N THR G 123 18.34 58.23 8.33
CA THR G 123 17.98 58.20 6.89
C THR G 123 16.78 57.26 6.61
N TYR G 124 16.81 56.07 7.18
CA TYR G 124 15.70 55.19 7.07
C TYR G 124 14.40 55.87 7.56
N ASN G 125 14.44 56.45 8.74
CA ASN G 125 13.23 57.10 9.30
C ASN G 125 12.78 58.41 8.59
N LYS G 126 13.68 59.16 7.94
CA LYS G 126 13.26 60.28 7.06
C LYS G 126 12.54 59.83 5.78
N LEU G 127 12.80 58.58 5.37
CA LEU G 127 12.32 58.02 4.11
C LEU G 127 11.16 57.03 4.24
N LYS G 128 10.86 56.53 5.45
CA LYS G 128 9.77 55.58 5.61
C LYS G 128 8.51 55.98 4.85
N GLU G 129 8.12 57.25 4.92
CA GLU G 129 6.91 57.70 4.20
C GLU G 129 7.01 57.44 2.67
N LYS G 130 8.07 57.91 2.05
CA LYS G 130 8.28 57.70 0.62
C LYS G 130 8.49 56.23 0.24
N LEU G 131 9.10 55.46 1.15
CA LEU G 131 9.33 54.05 0.90
C LEU G 131 8.03 53.26 1.01
N LYS G 132 7.15 53.64 1.95
CA LYS G 132 5.84 53.01 2.09
C LYS G 132 4.87 53.40 0.96
N GLN G 133 4.96 54.64 0.47
CA GLN G 133 4.17 55.11 -0.70
C GLN G 133 5.07 55.65 -1.83
N PRO G 134 5.77 54.75 -2.56
CA PRO G 134 6.53 55.24 -3.67
C PRO G 134 5.65 55.78 -4.79
N LYS G 135 6.30 56.55 -5.66
CA LYS G 135 5.72 57.00 -6.90
C LYS G 135 5.77 55.87 -7.94
N LYS G 136 4.80 55.84 -8.84
CA LYS G 136 4.85 54.93 -9.96
C LYS G 136 5.87 55.51 -10.93
N LEU G 137 6.84 54.71 -11.34
CA LEU G 137 7.83 55.19 -12.29
C LEU G 137 7.19 55.69 -13.59
N ALA G 138 6.15 55.01 -14.07
CA ALA G 138 5.43 55.45 -15.26
C ALA G 138 4.82 56.87 -15.17
N ASP G 139 4.48 57.31 -13.96
CA ASP G 139 4.01 58.69 -13.70
C ASP G 139 5.13 59.72 -13.56
N VAL G 140 6.26 59.32 -12.99
CA VAL G 140 7.49 60.14 -13.04
C VAL G 140 7.93 60.42 -14.50
N ILE G 141 7.85 59.42 -15.36
CA ILE G 141 8.24 59.57 -16.76
C ILE G 141 7.40 60.66 -17.43
N LYS G 142 6.09 60.44 -17.45
CA LYS G 142 5.15 61.39 -18.02
C LYS G 142 5.38 62.84 -17.53
N ASN G 143 5.42 63.02 -16.24
CA ASN G 143 5.22 64.31 -15.64
C ASN G 143 6.47 64.95 -15.05
N GLU G 144 7.57 64.20 -14.91
CA GLU G 144 8.72 64.69 -14.17
C GLU G 144 10.08 64.56 -14.86
N LEU G 145 10.15 64.07 -16.09
CA LEU G 145 11.47 63.94 -16.76
C LEU G 145 11.71 65.06 -17.76
N GLY G 146 12.03 64.79 -19.03
CA GLY G 146 12.40 65.86 -19.97
C GLY G 146 13.71 66.58 -19.60
N PRO G 147 14.11 67.58 -20.40
CA PRO G 147 15.37 68.30 -20.14
C PRO G 147 15.31 69.31 -19.01
N ASP G 148 14.09 69.71 -18.63
CA ASP G 148 13.82 70.64 -17.52
C ASP G 148 13.69 69.93 -16.18
N SER G 149 14.10 68.66 -16.08
CA SER G 149 13.85 67.85 -14.90
C SER G 149 14.71 68.31 -13.75
N ASP G 150 14.14 68.26 -12.56
CA ASP G 150 14.86 68.52 -11.34
C ASP G 150 15.75 67.36 -10.89
N TYR G 151 15.65 66.19 -11.51
CA TYR G 151 16.49 65.05 -11.13
C TYR G 151 17.88 65.17 -11.80
N LEU G 152 18.93 65.10 -10.98
CA LEU G 152 20.31 65.20 -11.44
C LEU G 152 20.98 63.84 -11.57
N SER G 153 20.62 62.90 -10.69
CA SER G 153 21.01 61.50 -10.84
C SER G 153 19.81 60.61 -10.70
N VAL G 154 19.92 59.42 -11.30
CA VAL G 154 19.00 58.28 -11.03
C VAL G 154 19.80 57.20 -10.29
N PHE G 155 19.24 56.69 -9.19
CA PHE G 155 19.91 55.82 -8.25
C PHE G 155 19.20 54.48 -8.22
N ILE G 156 19.90 53.41 -8.62
CA ILE G 156 19.35 52.06 -8.52
C ILE G 156 20.16 51.25 -7.47
N PRO G 157 19.70 51.24 -6.19
CA PRO G 157 20.37 50.39 -5.20
C PRO G 157 20.26 48.91 -5.49
N GLY G 158 21.15 48.14 -4.86
CA GLY G 158 21.29 46.71 -5.13
C GLY G 158 20.51 45.86 -4.13
N GLY G 159 20.95 44.62 -3.99
CA GLY G 159 20.21 43.59 -3.27
C GLY G 159 19.80 42.67 -4.38
N HIS G 160 19.63 41.38 -4.10
CA HIS G 160 19.38 40.39 -5.15
C HIS G 160 18.04 40.65 -5.82
N ALA G 161 17.06 41.21 -5.10
CA ALA G 161 15.75 41.58 -5.70
C ALA G 161 15.83 42.57 -6.88
N ALA G 162 16.95 43.30 -7.01
CA ALA G 162 17.16 44.13 -8.20
C ALA G 162 17.13 43.31 -9.51
N VAL G 163 17.59 42.06 -9.43
CA VAL G 163 17.43 41.05 -10.50
C VAL G 163 15.99 40.91 -11.07
N VAL G 164 14.98 41.12 -10.24
CA VAL G 164 13.58 40.92 -10.63
C VAL G 164 12.96 42.26 -11.02
N GLY G 165 12.07 42.25 -12.03
CA GLY G 165 11.32 43.43 -12.45
C GLY G 165 12.15 44.45 -13.21
N ILE G 166 12.98 45.17 -12.45
CA ILE G 166 13.84 46.27 -12.95
C ILE G 166 14.74 45.84 -14.12
N SER G 167 15.18 44.59 -14.13
CA SER G 167 16.06 44.04 -15.18
C SER G 167 15.44 43.91 -16.59
N GLU G 168 14.11 43.95 -16.70
CA GLU G 168 13.40 43.74 -17.97
C GLU G 168 12.16 44.68 -18.07
N SER G 169 12.43 45.97 -17.89
CA SER G 169 11.38 46.99 -17.73
C SER G 169 11.51 48.05 -18.79
N GLU G 170 10.44 48.24 -19.57
CA GLU G 170 10.44 49.32 -20.55
C GLU G 170 10.45 50.69 -19.87
N ASP G 171 9.80 50.81 -18.72
CA ASP G 171 9.85 52.04 -17.93
C ASP G 171 11.27 52.40 -17.46
N VAL G 172 12.03 51.41 -17.02
CA VAL G 172 13.44 51.64 -16.65
C VAL G 172 14.31 52.02 -17.85
N GLN G 173 13.98 51.45 -19.02
CA GLN G 173 14.68 51.79 -20.27
C GLN G 173 14.50 53.24 -20.61
N GLN G 174 13.24 53.67 -20.67
CA GLN G 174 12.88 55.09 -20.84
C GLN G 174 13.62 55.99 -19.88
N THR G 175 13.69 55.61 -18.60
CA THR G 175 14.44 56.39 -17.59
C THR G 175 15.95 56.44 -17.87
N LEU G 176 16.56 55.29 -18.13
CA LEU G 176 17.98 55.24 -18.49
C LEU G 176 18.27 55.96 -19.82
N ASP G 177 17.29 56.01 -20.73
CA ASP G 177 17.39 56.79 -21.98
C ASP G 177 17.37 58.29 -21.73
N TRP G 178 16.38 58.75 -20.97
CA TRP G 178 16.35 60.11 -20.43
C TRP G 178 17.68 60.53 -19.80
N ALA G 179 18.31 59.65 -19.01
CA ALA G 179 19.53 60.01 -18.30
C ALA G 179 20.70 60.25 -19.23
N LEU G 180 20.90 59.38 -20.20
CA LEU G 180 21.96 59.62 -21.20
C LEU G 180 21.69 60.86 -22.05
N ASP G 181 20.46 60.96 -22.56
CA ASP G 181 20.01 62.01 -23.49
C ASP G 181 19.98 63.42 -22.90
N ASN G 182 19.96 63.54 -21.57
CA ASN G 182 19.96 64.84 -20.89
C ASN G 182 21.17 65.02 -19.94
N ASP G 183 22.15 64.15 -20.09
CA ASP G 183 23.42 64.27 -19.39
C ASP G 183 23.32 64.13 -17.86
N ARG G 184 22.48 63.21 -17.40
CA ARG G 184 22.27 62.98 -15.97
C ARG G 184 23.08 61.79 -15.53
N PHE G 185 23.26 61.65 -14.21
CA PHE G 185 24.06 60.56 -13.65
C PHE G 185 23.23 59.32 -13.41
N ILE G 186 23.80 58.16 -13.78
CA ILE G 186 23.27 56.82 -13.45
C ILE G 186 24.22 56.25 -12.37
N VAL G 187 23.67 55.95 -11.19
CA VAL G 187 24.44 55.50 -10.03
C VAL G 187 23.82 54.24 -9.49
N THR G 188 24.57 53.16 -9.52
CA THR G 188 24.05 51.85 -9.16
C THR G 188 25.15 51.04 -8.51
N LEU G 189 24.79 50.02 -7.64
CA LEU G 189 25.79 49.12 -7.03
C LEU G 189 25.22 47.80 -6.57
N HIS G 191 24.02 44.01 -7.15
CA HIS G 191 23.26 43.41 -8.24
C HIS G 191 22.46 44.51 -8.92
N GLY G 192 22.72 45.72 -8.51
CA GLY G 192 22.07 46.87 -9.06
C GLY G 192 22.25 47.03 -10.52
N PRO G 193 23.42 46.80 -11.07
CA PRO G 193 23.54 46.96 -12.50
C PRO G 193 22.59 46.10 -13.32
N ALA G 194 21.99 45.10 -12.72
CA ALA G 194 20.93 44.34 -13.42
C ALA G 194 19.94 45.26 -14.12
N ALA G 195 19.61 46.39 -13.49
CA ALA G 195 18.79 47.43 -14.13
C ALA G 195 19.28 47.89 -15.51
N LEU G 196 20.60 47.98 -15.70
CA LEU G 196 21.20 48.39 -16.97
C LEU G 196 20.89 47.45 -18.15
N LEU G 197 20.50 46.21 -17.86
CA LEU G 197 19.99 45.28 -18.89
C LEU G 197 18.69 45.75 -19.55
N SER G 198 17.88 46.53 -18.86
CA SER G 198 16.71 47.09 -19.49
C SER G 198 17.02 48.02 -20.67
N ALA G 199 18.22 48.56 -20.73
CA ALA G 199 18.65 49.35 -21.88
C ALA G 199 18.63 48.56 -23.18
N GLY G 200 19.07 47.31 -23.15
CA GLY G 200 19.08 46.46 -24.35
C GLY G 200 17.75 45.94 -24.84
N LEU G 201 16.81 45.80 -23.93
CA LEU G 201 15.42 45.39 -24.20
C LEU G 201 14.84 45.82 -25.56
N ASN G 202 14.47 44.85 -26.40
CA ASN G 202 13.94 45.08 -27.77
C ASN G 202 14.86 45.85 -28.71
N ARG G 203 16.17 45.68 -28.54
CA ARG G 203 17.15 46.42 -29.32
C ARG G 203 18.37 45.56 -29.57
N GLU G 204 18.86 45.56 -30.81
CA GLU G 204 20.11 44.88 -31.12
C GLU G 204 21.32 45.44 -30.39
N LYS G 205 21.24 46.71 -29.98
CA LYS G 205 22.37 47.42 -29.38
C LYS G 205 21.92 48.29 -28.19
N SER G 206 22.55 48.05 -27.04
CA SER G 206 22.35 48.85 -25.86
C SER G 206 23.08 50.20 -26.02
N PRO G 207 22.40 51.33 -25.67
CA PRO G 207 23.01 52.64 -25.49
C PRO G 207 24.20 52.65 -24.56
N LEU G 208 24.32 51.60 -23.73
CA LEU G 208 25.42 51.44 -22.79
C LEU G 208 26.55 50.46 -23.25
N GLU G 209 26.52 49.98 -24.49
CA GLU G 209 27.64 49.19 -25.04
C GLU G 209 28.98 49.90 -24.95
N GLY G 210 29.97 49.33 -24.28
CA GLY G 210 31.28 49.99 -24.09
C GLY G 210 31.53 50.63 -22.73
N TYR G 211 30.46 51.03 -22.03
CA TYR G 211 30.55 51.50 -20.62
C TYR G 211 31.13 50.41 -19.72
N SER G 212 31.86 50.88 -18.70
CA SER G 212 32.54 50.05 -17.72
C SER G 212 31.80 50.10 -16.41
N VAL G 213 31.76 48.95 -15.73
CA VAL G 213 30.99 48.79 -14.51
C VAL G 213 31.65 47.84 -13.51
N CYS G 214 31.52 48.11 -12.22
CA CYS G 214 31.69 47.08 -11.19
C CYS G 214 30.36 46.38 -11.02
N VAL G 215 30.44 45.09 -10.70
CA VAL G 215 29.27 44.24 -10.49
C VAL G 215 29.60 43.20 -9.42
N PHE G 216 28.58 42.60 -8.84
CA PHE G 216 28.79 41.46 -7.96
C PHE G 216 29.31 40.29 -8.79
N PRO G 217 30.41 39.69 -8.33
CA PRO G 217 31.07 38.66 -9.10
C PRO G 217 30.27 37.38 -9.13
N ASP G 218 30.31 36.71 -10.26
CA ASP G 218 29.52 35.50 -10.46
C ASP G 218 30.15 34.29 -9.77
N SER G 219 31.44 34.40 -9.43
CA SER G 219 32.12 33.42 -8.60
C SER G 219 31.42 33.25 -7.26
N LEU G 220 31.18 34.35 -6.56
CA LEU G 220 30.60 34.30 -5.20
C LEU G 220 29.13 33.89 -5.20
N ASP G 221 28.36 34.45 -6.13
CA ASP G 221 26.99 33.97 -6.36
C ASP G 221 26.93 32.47 -6.68
N GLU G 222 27.78 31.99 -7.58
CA GLU G 222 27.83 30.55 -7.90
C GLU G 222 28.33 29.69 -6.72
N GLY G 223 29.50 30.03 -6.16
CA GLY G 223 30.17 29.21 -5.16
C GLY G 223 29.91 29.56 -3.70
N ALA G 224 30.66 30.54 -3.20
CA ALA G 224 30.61 30.99 -1.78
C ALA G 224 29.22 31.28 -1.14
N ASN G 225 28.30 31.92 -1.87
CA ASN G 225 26.99 32.26 -1.32
C ASN G 225 26.06 31.04 -1.17
N ILE G 226 26.38 29.94 -1.87
CA ILE G 226 25.60 28.69 -1.76
C ILE G 226 26.18 27.76 -0.68
N GLU G 227 27.51 27.66 -0.58
CA GLU G 227 28.16 26.86 0.45
C GLU G 227 27.72 27.29 1.85
N ILE G 228 27.80 28.58 2.12
CA ILE G 228 27.51 29.10 3.47
C ILE G 228 26.03 29.38 3.74
N GLY G 229 25.18 29.19 2.73
CA GLY G 229 23.73 29.21 2.88
C GLY G 229 23.07 30.58 2.84
N TYR G 230 23.73 31.52 2.17
CA TYR G 230 23.20 32.86 2.03
C TYR G 230 22.04 32.74 1.04
N LEU G 231 22.34 32.28 -0.17
CA LEU G 231 21.31 31.86 -1.12
C LEU G 231 20.94 30.40 -0.81
N PRO G 232 19.66 30.03 -0.92
CA PRO G 232 19.26 28.62 -0.79
C PRO G 232 19.24 27.83 -2.11
N GLY G 233 20.04 28.23 -3.08
CA GLY G 233 19.90 27.74 -4.43
C GLY G 233 20.48 28.71 -5.44
N ARG G 234 20.70 28.21 -6.64
CA ARG G 234 21.46 28.91 -7.66
C ARG G 234 20.56 29.85 -8.48
N LEU G 235 21.11 30.97 -8.90
CA LEU G 235 20.36 31.94 -9.67
C LEU G 235 20.18 31.44 -11.09
N LYS G 236 19.06 31.77 -11.73
CA LYS G 236 18.79 31.31 -13.09
C LYS G 236 19.72 31.93 -14.15
N TRP G 237 20.19 33.15 -13.90
CA TRP G 237 21.20 33.81 -14.75
C TRP G 237 22.12 34.58 -13.86
N LEU G 238 23.22 35.05 -14.44
CA LEU G 238 24.23 35.75 -13.66
C LEU G 238 24.33 37.17 -14.18
N VAL G 239 24.34 38.14 -13.29
CA VAL G 239 24.19 39.53 -13.71
C VAL G 239 25.41 39.94 -14.55
N ALA G 240 26.63 39.55 -14.16
CA ALA G 240 27.81 40.01 -14.87
C ALA G 240 27.96 39.31 -16.20
N ASP G 241 27.45 38.08 -16.27
CA ASP G 241 27.46 37.29 -17.49
C ASP G 241 26.63 38.01 -18.55
N LEU G 242 25.38 38.27 -18.25
CA LEU G 242 24.45 38.94 -19.19
C LEU G 242 24.85 40.37 -19.61
N LEU G 243 25.40 41.15 -18.68
CA LEU G 243 25.91 42.48 -18.99
C LEU G 243 27.01 42.37 -20.04
N THR G 244 27.90 41.39 -19.86
CA THR G 244 28.97 41.11 -20.83
C THR G 244 28.46 40.74 -22.23
N LYS G 245 27.45 39.87 -22.32
CA LYS G 245 26.77 39.58 -23.59
C LYS G 245 26.08 40.82 -24.20
N GLN G 246 25.70 41.78 -23.36
CA GLN G 246 25.17 43.09 -23.82
C GLN G 246 26.22 44.11 -24.25
N GLY G 247 27.50 43.80 -24.06
CA GLY G 247 28.56 44.61 -24.62
C GLY G 247 29.18 45.63 -23.69
N LEU G 248 28.87 45.55 -22.40
CA LEU G 248 29.56 46.35 -21.37
C LEU G 248 30.83 45.62 -20.96
N LYS G 249 31.73 46.33 -20.29
CA LYS G 249 32.94 45.74 -19.73
C LYS G 249 32.84 45.57 -18.21
N VAL G 250 32.64 44.33 -17.77
CA VAL G 250 32.74 44.03 -16.36
C VAL G 250 34.21 43.99 -15.92
N VAL G 251 34.54 44.88 -15.01
CA VAL G 251 35.91 45.23 -14.75
C VAL G 251 36.52 44.45 -13.57
N ASN G 252 35.68 43.82 -12.72
CA ASN G 252 36.18 43.03 -11.58
C ASN G 252 35.61 41.59 -11.57
N ASP G 253 36.35 40.69 -10.90
CA ASP G 253 35.90 39.32 -10.59
C ASP G 253 35.96 39.03 -9.08
N ASP G 254 36.05 40.08 -8.25
CA ASP G 254 36.06 39.95 -6.78
C ASP G 254 35.38 41.11 -6.05
N MET G 255 35.06 40.87 -4.78
CA MET G 255 34.36 41.78 -3.91
C MET G 255 35.34 42.43 -2.91
N THR G 256 35.92 43.56 -3.31
CA THR G 256 36.85 44.33 -2.48
C THR G 256 36.28 45.65 -2.01
N GLY G 257 35.06 45.98 -2.39
CA GLY G 257 34.49 47.30 -2.12
C GLY G 257 34.97 48.42 -3.04
N ARG G 258 35.31 48.09 -4.29
CA ARG G 258 35.73 49.11 -5.24
C ARG G 258 34.58 49.74 -6.00
N THR G 259 34.88 50.92 -6.53
CA THR G 259 33.96 51.75 -7.29
C THR G 259 34.65 52.20 -8.57
N LEU G 260 33.85 52.66 -9.52
CA LEU G 260 34.33 53.02 -10.84
C LEU G 260 33.45 54.16 -11.34
N LYS G 261 34.05 55.05 -12.11
CA LYS G 261 33.36 56.13 -12.82
C LYS G 261 33.78 56.00 -14.27
N ASP G 262 32.83 55.70 -15.16
CA ASP G 262 33.03 55.79 -16.62
C ASP G 262 32.04 56.86 -17.08
N ARG G 263 32.56 58.04 -17.38
CA ARG G 263 31.74 59.20 -17.75
C ARG G 263 30.77 59.59 -16.60
N LYS G 264 29.46 59.35 -16.78
CA LYS G 264 28.44 59.66 -15.78
C LYS G 264 27.79 58.42 -15.12
N LEU G 265 28.31 57.22 -15.46
CA LEU G 265 27.90 55.92 -14.85
C LEU G 265 28.83 55.53 -13.67
N LEU G 266 28.36 55.72 -12.45
CA LEU G 266 29.12 55.45 -11.23
C LEU G 266 28.59 54.16 -10.59
N THR G 267 29.41 53.11 -10.60
CA THR G 267 29.05 51.78 -10.03
C THR G 267 29.97 51.40 -8.88
N GLY G 268 29.55 50.41 -8.12
CA GLY G 268 30.36 49.84 -7.02
C GLY G 268 30.17 48.35 -7.04
N ASP G 269 31.12 47.61 -6.48
CA ASP G 269 31.09 46.13 -6.59
C ASP G 269 30.17 45.37 -5.62
N SER G 270 29.86 45.93 -4.45
CA SER G 270 29.17 45.18 -3.40
C SER G 270 28.70 46.10 -2.30
N PRO G 271 28.13 45.56 -1.19
CA PRO G 271 27.80 46.50 -0.09
C PRO G 271 29.03 47.13 0.65
N LEU G 272 30.22 46.58 0.48
CA LEU G 272 31.42 47.20 1.02
C LEU G 272 31.69 48.57 0.41
N ALA G 273 31.29 48.79 -0.83
CA ALA G 273 31.48 50.08 -1.52
C ALA G 273 30.46 51.15 -1.19
N SER G 274 29.46 50.82 -0.37
CA SER G 274 28.34 51.71 -0.08
C SER G 274 28.80 53.07 0.34
N ASN G 275 29.72 53.14 1.30
CA ASN G 275 30.18 54.43 1.78
C ASN G 275 31.03 55.13 0.72
N GLU G 276 31.97 54.39 0.13
CA GLU G 276 32.89 54.96 -0.91
C GLU G 276 32.13 55.56 -2.11
N LEU G 277 31.04 54.91 -2.50
CA LEU G 277 30.19 55.38 -3.60
C LEU G 277 29.40 56.66 -3.28
N GLY G 278 28.83 56.76 -2.09
CA GLY G 278 28.13 57.97 -1.68
C GLY G 278 29.06 59.16 -1.82
N LYS G 279 30.27 59.00 -1.29
CA LYS G 279 31.28 60.01 -1.47
C LYS G 279 31.52 60.34 -2.94
N LEU G 280 31.70 59.31 -3.76
CA LEU G 280 31.95 59.52 -5.18
C LEU G 280 30.76 60.18 -5.87
N ALA G 281 29.53 59.83 -5.49
CA ALA G 281 28.33 60.40 -6.12
C ALA G 281 28.26 61.89 -5.86
N VAL G 282 28.43 62.26 -4.59
CA VAL G 282 28.36 63.67 -4.16
C VAL G 282 29.45 64.52 -4.83
N ASN G 283 30.69 64.06 -4.83
CA ASN G 283 31.76 64.78 -5.50
C ASN G 283 31.45 65.02 -6.97
N GLU G 284 31.04 63.97 -7.68
CA GLU G 284 30.71 64.11 -9.11
C GLU G 284 29.53 65.06 -9.39
N MET G 285 28.55 65.08 -8.49
CA MET G 285 27.35 65.88 -8.70
C MET G 285 27.63 67.34 -8.48
N LEU G 286 28.30 67.66 -7.36
CA LEU G 286 28.71 69.03 -7.07
C LEU G 286 29.63 69.55 -8.16
N ASN G 287 30.59 68.71 -8.55
CA ASN G 287 31.47 68.98 -9.71
C ASN G 287 30.73 69.26 -11.01
N ALA G 288 29.68 68.52 -11.32
CA ALA G 288 28.92 68.77 -12.55
C ALA G 288 28.12 70.06 -12.45
N ILE G 289 27.67 70.41 -11.24
CA ILE G 289 26.93 71.65 -11.03
C ILE G 289 27.81 72.89 -11.37
N GLN G 290 29.04 72.94 -10.88
CA GLN G 290 29.98 74.00 -11.30
C GLN G 290 30.24 73.97 -12.81
N ASN G 291 30.52 72.78 -13.35
CA ASN G 291 30.92 72.60 -14.77
C ASN G 291 29.91 73.13 -15.80
N LYS G 292 28.62 73.16 -15.46
CA LYS G 292 27.58 73.75 -16.33
C LYS G 292 27.59 75.28 -16.22
N LEU G 293 27.49 75.78 -14.99
CA LEU G 293 27.46 77.23 -14.71
C LEU G 293 28.67 78.01 -15.24
N GLU G 294 29.84 77.36 -15.30
CA GLU G 294 31.08 77.94 -15.85
C GLU G 294 31.30 77.81 -17.37
N HIS G 295 30.40 77.13 -18.08
CA HIS G 295 30.27 77.21 -19.55
C HIS G 295 28.90 77.85 -19.90
N HIS G 296 28.63 79.01 -19.25
CA HIS G 296 27.36 79.79 -19.37
C HIS G 296 27.22 80.31 -20.79
N ASN H 6 -11.85 30.63 24.77
CA ASN H 6 -10.96 31.20 23.70
C ASN H 6 -9.86 32.00 24.42
N GLU H 7 -8.61 31.58 24.23
CA GLU H 7 -7.47 32.08 25.04
C GLU H 7 -6.46 32.98 24.32
N LEU H 8 -6.39 32.88 22.99
CA LEU H 8 -5.24 33.42 22.25
C LEU H 8 -5.32 34.94 22.07
N SER H 9 -4.16 35.54 21.83
CA SER H 9 -4.00 37.01 21.73
C SER H 9 -4.92 37.58 20.63
N LYS H 10 -5.58 38.70 20.93
CA LYS H 10 -6.26 39.49 19.90
C LYS H 10 -5.30 40.52 19.29
N GLN H 11 -4.03 40.49 19.73
CA GLN H 11 -2.97 41.34 19.15
C GLN H 11 -2.31 40.72 17.89
N PRO H 12 -2.39 41.44 16.73
CA PRO H 12 -1.74 41.07 15.48
C PRO H 12 -0.28 40.62 15.62
N THR H 13 0.04 39.50 14.98
CA THR H 13 1.38 38.91 14.98
C THR H 13 2.28 39.68 13.99
N PRO H 14 3.44 40.18 14.45
CA PRO H 14 4.39 40.74 13.47
C PRO H 14 4.80 39.75 12.41
N ASP H 15 4.88 40.22 11.15
CA ASP H 15 5.50 39.48 10.02
C ASP H 15 6.92 40.01 9.99
N LYS H 16 7.92 39.14 10.19
CA LYS H 16 9.33 39.61 10.27
C LYS H 16 9.97 39.91 8.90
N ALA H 17 9.28 39.64 7.79
CA ALA H 17 9.82 39.92 6.45
C ALA H 17 9.75 41.40 6.09
N GLU H 18 8.81 42.10 6.73
CA GLU H 18 8.48 43.50 6.42
C GLU H 18 8.44 44.37 7.68
N ASP H 19 8.79 45.63 7.48
CA ASP H 19 8.85 46.59 8.55
C ASP H 19 7.46 47.08 8.98
N ASN H 20 7.07 46.72 10.20
CA ASN H 20 5.85 47.22 10.84
C ASN H 20 4.62 46.73 10.09
N ALA H 21 4.57 45.42 9.90
CA ALA H 21 3.43 44.74 9.28
C ALA H 21 3.10 43.54 10.10
N PHE H 22 1.90 43.05 9.90
CA PHE H 22 1.28 42.12 10.84
C PHE H 22 0.32 41.13 10.19
N PHE H 23 0.55 39.83 10.41
CA PHE H 23 -0.45 38.80 10.10
C PHE H 23 -1.71 39.00 10.98
N PRO H 24 -2.80 38.30 10.67
CA PRO H 24 -3.90 38.30 11.65
C PRO H 24 -3.50 37.70 13.01
N SER H 25 -4.26 38.06 14.04
CA SER H 25 -4.02 37.60 15.40
C SER H 25 -4.50 36.15 15.54
N PRO H 26 -3.85 35.36 16.43
CA PRO H 26 -4.24 33.94 16.57
C PRO H 26 -5.73 33.70 16.83
N TYR H 27 -6.38 34.60 17.58
CA TYR H 27 -7.82 34.51 17.83
C TYR H 27 -8.60 34.56 16.53
N SER H 28 -8.43 35.64 15.78
CA SER H 28 -9.06 35.82 14.46
C SER H 28 -8.82 34.65 13.51
N LEU H 29 -7.63 34.04 13.62
CA LEU H 29 -7.32 32.84 12.88
C LEU H 29 -8.08 31.59 13.34
N SER H 30 -8.46 31.49 14.61
CA SER H 30 -9.34 30.38 15.05
C SER H 30 -10.79 30.53 14.57
N GLN H 31 -11.23 31.75 14.29
CA GLN H 31 -12.62 32.04 13.97
C GLN H 31 -12.91 32.16 12.47
N TYR H 32 -11.93 32.61 11.68
CA TYR H 32 -12.10 32.77 10.22
C TYR H 32 -11.30 31.81 9.34
N THR H 33 -10.56 30.86 9.93
CA THR H 33 -9.78 29.85 9.17
C THR H 33 -9.95 28.40 9.67
N ALA H 34 -10.46 27.52 8.81
CA ALA H 34 -10.60 26.09 9.11
C ALA H 34 -9.54 25.30 8.34
N PRO H 35 -9.00 24.22 8.93
CA PRO H 35 -8.19 23.21 8.21
C PRO H 35 -8.88 22.41 7.07
N LYS H 36 -10.21 22.36 7.07
CA LYS H 36 -10.99 21.85 5.92
C LYS H 36 -11.98 22.89 5.42
N THR H 37 -12.38 22.79 4.14
CA THR H 37 -13.45 23.61 3.57
C THR H 37 -14.76 22.83 3.61
N ASP H 38 -15.85 23.50 3.24
CA ASP H 38 -17.15 22.83 3.14
C ASP H 38 -17.39 22.08 1.80
N PHE H 39 -16.40 22.04 0.91
CA PHE H 39 -16.45 21.27 -0.35
C PHE H 39 -17.01 19.87 -0.11
N ASP H 40 -17.93 19.44 -0.98
CA ASP H 40 -18.51 18.09 -0.95
C ASP H 40 -18.68 17.57 -2.38
N GLY H 41 -17.55 17.27 -3.02
CA GLY H 41 -17.50 16.77 -4.38
C GLY H 41 -17.81 17.80 -5.46
N VAL H 42 -17.38 17.50 -6.70
CA VAL H 42 -17.67 18.32 -7.88
C VAL H 42 -19.05 17.89 -8.40
N GLU H 43 -19.64 18.66 -9.31
CA GLU H 43 -20.84 18.23 -10.03
C GLU H 43 -20.49 17.71 -11.41
N HIS H 44 -19.96 18.57 -12.28
CA HIS H 44 -19.83 18.28 -13.73
C HIS H 44 -18.48 17.69 -14.23
N LYS H 45 -17.79 16.93 -13.37
CA LYS H 45 -16.55 16.19 -13.72
C LYS H 45 -16.60 15.45 -15.07
N GLY H 46 -15.77 15.91 -16.01
CA GLY H 46 -15.67 15.36 -17.37
C GLY H 46 -16.47 16.16 -18.40
N ALA H 47 -17.23 17.15 -17.96
CA ALA H 47 -18.22 17.84 -18.83
C ALA H 47 -17.66 18.37 -20.15
N TYR H 48 -16.78 19.37 -20.05
CA TYR H 48 -16.17 19.97 -21.23
C TYR H 48 -15.02 19.05 -21.67
N LYS H 49 -15.03 18.63 -22.94
CA LYS H 49 -14.01 17.70 -23.50
C LYS H 49 -13.25 18.20 -24.73
N ASP H 50 -13.73 19.25 -25.39
CA ASP H 50 -13.03 19.83 -26.54
C ASP H 50 -11.66 20.47 -26.20
N GLY H 51 -11.43 20.77 -24.91
CA GLY H 51 -10.17 21.36 -24.43
C GLY H 51 -9.68 22.66 -25.08
N LYS H 52 -10.58 23.52 -25.55
CA LYS H 52 -10.21 24.86 -26.08
C LYS H 52 -10.44 25.97 -25.06
N TRP H 53 -11.66 26.08 -24.54
CA TRP H 53 -12.02 27.13 -23.59
C TRP H 53 -11.19 27.01 -22.29
N LYS H 54 -10.56 28.14 -21.90
CA LYS H 54 -9.75 28.27 -20.68
C LYS H 54 -10.32 29.38 -19.82
N VAL H 55 -9.84 29.45 -18.57
CA VAL H 55 -10.24 30.49 -17.60
C VAL H 55 -9.04 31.32 -17.20
N LEU H 56 -9.16 32.63 -17.33
CA LEU H 56 -8.07 33.56 -17.07
C LEU H 56 -8.17 34.10 -15.64
N MET H 57 -7.30 33.63 -14.75
CA MET H 57 -7.21 34.25 -13.42
C MET H 57 -6.26 35.49 -13.36
N ILE H 58 -6.78 36.56 -12.79
CA ILE H 58 -5.99 37.70 -12.42
C ILE H 58 -5.79 37.62 -10.90
N ALA H 59 -4.54 37.48 -10.45
CA ALA H 59 -4.18 37.36 -9.03
C ALA H 59 -3.38 38.56 -8.51
N ALA H 60 -3.31 38.69 -7.20
CA ALA H 60 -2.56 39.78 -6.56
C ALA H 60 -1.10 39.41 -6.44
N GLU H 61 -0.25 40.36 -6.80
CA GLU H 61 1.19 40.20 -6.70
C GLU H 61 1.82 41.00 -5.56
N GLU H 62 1.03 41.75 -4.80
CA GLU H 62 1.53 42.47 -3.65
C GLU H 62 0.75 42.01 -2.43
N ARG H 63 1.49 41.62 -1.40
CA ARG H 63 0.96 41.09 -0.15
C ARG H 63 0.52 42.16 0.89
N TYR H 64 1.22 43.30 0.93
CA TYR H 64 1.11 44.30 2.02
C TYR H 64 0.24 45.53 1.66
N VAL H 65 -0.85 45.69 2.41
CA VAL H 65 -1.78 46.80 2.23
C VAL H 65 -1.54 47.78 3.37
N LEU H 66 -1.13 49.00 3.01
CA LEU H 66 -0.87 50.09 3.94
C LEU H 66 -2.18 50.66 4.47
N LEU H 67 -2.29 50.73 5.80
CA LEU H 67 -3.51 51.17 6.51
C LEU H 67 -3.43 52.64 7.01
N GLU H 68 -4.58 53.15 7.47
CA GLU H 68 -4.72 54.52 8.02
C GLU H 68 -3.74 54.87 9.13
N ASN H 69 -3.32 53.89 9.92
CA ASN H 69 -2.52 54.14 11.13
C ASN H 69 -1.01 53.97 10.95
N GLY H 70 -0.56 53.85 9.70
CA GLY H 70 0.86 53.63 9.39
C GLY H 70 1.23 52.18 9.25
N LYS H 71 0.43 51.28 9.83
CA LYS H 71 0.72 49.85 9.84
C LYS H 71 0.31 49.19 8.52
N MET H 72 0.98 48.09 8.20
CA MET H 72 0.67 47.29 7.02
C MET H 72 0.11 45.92 7.37
N PHE H 73 -0.96 45.54 6.68
CA PHE H 73 -1.57 44.23 6.83
C PHE H 73 -0.88 43.25 5.86
N SER H 74 -0.37 42.11 6.37
CA SER H 74 0.30 41.08 5.53
C SER H 74 -0.68 40.08 4.98
N THR H 75 -1.27 40.41 3.84
CA THR H 75 -2.40 39.66 3.30
C THR H 75 -1.97 38.95 2.02
N GLY H 76 -2.78 39.02 0.97
CA GLY H 76 -2.59 38.25 -0.26
C GLY H 76 -3.93 37.89 -0.81
N ASN H 77 -3.97 36.99 -1.79
CA ASN H 77 -5.21 36.35 -2.19
C ASN H 77 -5.61 35.32 -1.14
N HIS H 78 -6.91 35.10 -1.00
CA HIS H 78 -7.41 34.04 -0.15
C HIS H 78 -7.29 32.70 -0.91
N PRO H 79 -6.74 31.65 -0.25
CA PRO H 79 -6.50 30.39 -0.95
C PRO H 79 -7.74 29.59 -1.24
N VAL H 80 -8.73 29.69 -0.35
CA VAL H 80 -10.01 29.02 -0.54
C VAL H 80 -10.79 29.74 -1.65
N GLU H 81 -10.77 31.07 -1.67
CA GLU H 81 -11.44 31.83 -2.74
C GLU H 81 -10.81 31.65 -4.12
N MET H 82 -9.53 31.34 -4.15
CA MET H 82 -8.86 31.12 -5.40
C MET H 82 -9.07 29.68 -5.82
N LEU H 83 -8.55 28.75 -5.01
CA LEU H 83 -8.33 27.36 -5.47
C LEU H 83 -9.59 26.47 -5.52
N LEU H 84 -10.52 26.67 -4.59
CA LEU H 84 -11.71 25.85 -4.57
C LEU H 84 -12.58 26.06 -5.81
N PRO H 85 -12.83 27.32 -6.24
CA PRO H 85 -13.54 27.46 -7.54
C PRO H 85 -12.78 27.00 -8.79
N LEU H 86 -11.45 26.96 -8.74
CA LEU H 86 -10.67 26.45 -9.86
C LEU H 86 -10.69 24.91 -9.89
N HIS H 87 -10.82 24.27 -8.72
CA HIS H 87 -10.95 22.80 -8.64
C HIS H 87 -12.26 22.36 -9.26
N HIS H 88 -13.34 23.10 -9.01
CA HIS H 88 -14.60 22.88 -9.71
C HIS H 88 -14.47 23.03 -11.23
N LEU H 89 -13.72 24.02 -11.69
CA LEU H 89 -13.58 24.34 -13.13
C LEU H 89 -12.62 23.43 -13.86
N MET H 90 -11.50 23.12 -13.22
CA MET H 90 -10.50 22.24 -13.83
C MET H 90 -11.01 20.82 -13.92
N GLU H 91 -11.63 20.33 -12.85
CA GLU H 91 -12.28 19.02 -12.86
C GLU H 91 -13.28 18.93 -14.02
N ALA H 92 -14.13 19.96 -14.18
CA ALA H 92 -15.04 20.01 -15.34
C ALA H 92 -14.35 20.20 -16.72
N GLY H 93 -13.03 20.36 -16.75
CA GLY H 93 -12.24 20.29 -17.99
C GLY H 93 -11.80 21.61 -18.62
N PHE H 94 -11.94 22.71 -17.88
CA PHE H 94 -11.41 24.01 -18.32
C PHE H 94 -10.02 24.21 -17.74
N ASP H 95 -9.04 24.46 -18.59
CA ASP H 95 -7.69 24.78 -18.14
C ASP H 95 -7.70 26.21 -17.55
N VAL H 96 -6.63 26.54 -16.83
CA VAL H 96 -6.47 27.85 -16.21
C VAL H 96 -5.13 28.44 -16.59
N ASP H 97 -5.12 29.75 -16.83
CA ASP H 97 -3.89 30.54 -17.02
C ASP H 97 -3.86 31.67 -15.99
N VAL H 98 -2.72 31.78 -15.32
CA VAL H 98 -2.57 32.71 -14.25
C VAL H 98 -1.84 33.98 -14.74
N ALA H 99 -2.34 35.15 -14.34
CA ALA H 99 -1.78 36.46 -14.71
C ALA H 99 -1.69 37.41 -13.52
N THR H 100 -0.56 38.07 -13.37
CA THR H 100 -0.39 39.14 -12.38
C THR H 100 -0.07 40.39 -13.17
N LEU H 101 0.01 41.57 -12.54
CA LEU H 101 0.20 42.80 -13.34
C LEU H 101 1.57 42.97 -13.93
N SER H 102 2.59 42.54 -13.19
CA SER H 102 3.99 42.66 -13.56
C SER H 102 4.65 41.33 -13.93
N GLY H 103 4.02 40.20 -13.58
CA GLY H 103 4.63 38.86 -13.76
C GLY H 103 5.29 38.29 -12.52
N TYR H 104 5.19 39.04 -11.41
CA TYR H 104 5.74 38.64 -10.12
C TYR H 104 4.96 37.44 -9.58
N PRO H 105 5.57 36.67 -8.64
CA PRO H 105 4.87 35.55 -8.01
C PRO H 105 3.53 35.94 -7.41
N VAL H 106 2.58 35.01 -7.36
CA VAL H 106 1.27 35.27 -6.73
C VAL H 106 1.46 35.21 -5.22
N LYS H 107 0.76 36.10 -4.51
CA LYS H 107 0.86 36.18 -3.05
C LYS H 107 -0.45 35.73 -2.42
N LEU H 108 -0.41 34.55 -1.80
CA LEU H 108 -1.53 34.02 -1.05
C LEU H 108 -1.46 34.51 0.41
N GLU H 109 -2.62 34.44 1.08
CA GLU H 109 -2.72 34.53 2.54
C GLU H 109 -2.55 33.08 3.01
N LEU H 110 -1.28 32.65 3.13
CA LEU H 110 -0.91 31.27 3.55
C LEU H 110 -1.36 30.89 4.95
N TRP H 111 -1.56 31.90 5.81
CA TRP H 111 -2.20 31.72 7.11
C TRP H 111 -3.66 31.33 7.03
N ALA H 112 -4.18 31.06 5.84
CA ALA H 112 -5.55 30.56 5.66
C ALA H 112 -5.64 29.31 4.78
N MET H 113 -4.51 28.63 4.56
CA MET H 113 -4.50 27.43 3.75
C MET H 113 -5.19 26.29 4.51
N PRO H 114 -6.25 25.69 3.91
CA PRO H 114 -6.81 24.50 4.54
C PRO H 114 -5.85 23.33 4.30
N THR H 115 -5.03 23.02 5.30
CA THR H 115 -3.93 22.06 5.11
C THR H 115 -4.39 20.58 5.02
N GLU H 116 -5.55 20.27 5.62
CA GLU H 116 -6.16 18.91 5.56
C GLU H 116 -7.21 18.75 4.45
N ASP H 117 -7.46 19.79 3.66
CA ASP H 117 -8.40 19.68 2.53
C ASP H 117 -7.62 19.17 1.33
N GLU H 118 -8.00 17.99 0.86
CA GLU H 118 -7.31 17.19 -0.16
C GLU H 118 -7.50 17.76 -1.58
N ALA H 119 -8.71 18.21 -1.89
CA ALA H 119 -8.99 18.90 -3.17
C ALA H 119 -8.25 20.24 -3.27
N VAL H 120 -8.27 21.04 -2.20
CA VAL H 120 -7.61 22.35 -2.19
C VAL H 120 -6.07 22.22 -2.28
N ILE H 121 -5.45 21.32 -1.51
CA ILE H 121 -3.99 21.12 -1.58
C ILE H 121 -3.53 20.48 -2.92
N SER H 122 -4.31 19.56 -3.47
CA SER H 122 -3.97 18.98 -4.78
C SER H 122 -4.01 20.06 -5.87
N THR H 123 -5.03 20.91 -5.83
CA THR H 123 -5.15 22.02 -6.79
C THR H 123 -4.02 23.03 -6.63
N TYR H 124 -3.70 23.38 -5.38
CA TYR H 124 -2.54 24.21 -5.07
C TYR H 124 -1.27 23.66 -5.72
N ASN H 125 -1.09 22.34 -5.63
CA ASN H 125 0.08 21.68 -6.23
C ASN H 125 -0.03 21.63 -7.76
N LYS H 126 -1.24 21.53 -8.33
CA LYS H 126 -1.43 21.64 -9.79
C LYS H 126 -1.12 23.05 -10.35
N LEU H 127 -1.36 24.10 -9.56
CA LEU H 127 -1.11 25.50 -10.00
C LEU H 127 0.22 26.16 -9.53
N LYS H 128 0.91 25.54 -8.58
CA LYS H 128 2.20 26.04 -8.04
C LYS H 128 3.10 26.75 -9.04
N GLU H 129 3.45 26.07 -10.14
CA GLU H 129 4.41 26.58 -11.14
C GLU H 129 3.88 27.87 -11.74
N LYS H 130 2.60 27.86 -12.10
CA LYS H 130 1.98 29.03 -12.69
C LYS H 130 1.90 30.11 -11.68
N LEU H 131 1.61 29.77 -10.42
CA LEU H 131 1.60 30.76 -9.33
C LEU H 131 2.95 31.47 -9.09
N LYS H 132 4.03 30.70 -9.13
CA LYS H 132 5.39 31.22 -8.94
C LYS H 132 5.99 31.89 -10.18
N GLN H 133 5.36 31.69 -11.35
CA GLN H 133 5.87 32.23 -12.61
C GLN H 133 4.71 32.61 -13.54
N PRO H 134 3.87 33.57 -13.12
CA PRO H 134 2.68 33.89 -13.93
C PRO H 134 3.02 34.69 -15.16
N LYS H 135 2.00 34.96 -15.97
CA LYS H 135 2.13 35.81 -17.15
C LYS H 135 1.86 37.25 -16.75
N LYS H 136 2.50 38.19 -17.45
CA LYS H 136 2.18 39.60 -17.32
C LYS H 136 0.86 39.81 -18.06
N LEU H 137 -0.11 40.42 -17.39
CA LEU H 137 -1.40 40.67 -18.00
C LEU H 137 -1.23 41.49 -19.27
N ALA H 138 -0.38 42.52 -19.21
CA ALA H 138 0.08 43.26 -20.41
C ALA H 138 0.31 42.36 -21.61
N ASP H 139 1.14 41.33 -21.43
CA ASP H 139 1.39 40.34 -22.49
C ASP H 139 0.13 39.60 -22.93
N VAL H 140 -0.73 39.27 -21.97
CA VAL H 140 -2.02 38.62 -22.29
C VAL H 140 -2.95 39.54 -23.11
N ILE H 141 -2.95 40.84 -22.84
CA ILE H 141 -3.86 41.74 -23.55
C ILE H 141 -3.50 41.89 -25.04
N LYS H 142 -2.21 41.81 -25.39
CA LYS H 142 -1.79 41.77 -26.79
C LYS H 142 -2.08 40.45 -27.51
N ASN H 143 -1.54 39.36 -26.98
CA ASN H 143 -1.41 38.11 -27.74
C ASN H 143 -2.60 37.18 -27.66
N GLU H 144 -3.39 37.25 -26.59
CA GLU H 144 -4.39 36.21 -26.31
C GLU H 144 -5.80 36.75 -26.03
N LEU H 145 -6.13 37.98 -26.45
CA LEU H 145 -7.51 38.51 -26.28
C LEU H 145 -8.23 38.79 -27.64
N GLY H 146 -8.92 39.92 -27.81
CA GLY H 146 -9.88 40.08 -28.91
C GLY H 146 -11.04 39.07 -28.90
N PRO H 147 -11.82 38.98 -30.00
CA PRO H 147 -12.99 38.11 -30.07
C PRO H 147 -12.71 36.61 -30.33
N ASP H 148 -11.53 36.27 -30.85
CA ASP H 148 -11.20 34.87 -31.16
C ASP H 148 -10.36 34.24 -30.04
N SER H 149 -10.69 34.58 -28.79
CA SER H 149 -9.88 34.19 -27.63
C SER H 149 -10.47 32.95 -26.98
N ASP H 150 -9.56 32.10 -26.49
CA ASP H 150 -9.92 30.88 -25.80
C ASP H 150 -10.35 31.09 -24.36
N TYR H 151 -10.25 32.32 -23.85
CA TYR H 151 -10.72 32.57 -22.49
C TYR H 151 -12.23 32.74 -22.52
N LEU H 152 -12.94 31.80 -21.93
CA LEU H 152 -14.40 31.93 -21.75
C LEU H 152 -14.74 32.87 -20.60
N SER H 153 -13.85 32.96 -19.62
CA SER H 153 -14.14 33.59 -18.35
C SER H 153 -12.88 34.24 -17.76
N VAL H 154 -13.06 35.42 -17.17
CA VAL H 154 -12.02 36.06 -16.35
C VAL H 154 -12.38 36.00 -14.86
N PHE H 155 -11.39 35.64 -14.04
CA PHE H 155 -11.61 35.26 -12.65
C PHE H 155 -10.64 36.00 -11.74
N ILE H 156 -11.18 36.75 -10.80
CA ILE H 156 -10.40 37.61 -9.92
C ILE H 156 -10.72 37.18 -8.49
N PRO H 157 -9.90 36.28 -7.90
CA PRO H 157 -10.16 35.95 -6.51
C PRO H 157 -9.84 37.10 -5.56
N GLY H 158 -10.49 37.07 -4.39
CA GLY H 158 -10.39 38.08 -3.36
C GLY H 158 -9.25 37.82 -2.40
N GLY H 159 -9.43 38.25 -1.16
CA GLY H 159 -8.35 38.46 -0.21
C GLY H 159 -8.17 39.97 -0.15
N HIS H 160 -7.58 40.49 0.93
CA HIS H 160 -7.46 41.95 1.09
C HIS H 160 -6.44 42.52 0.10
N ALA H 161 -5.54 41.69 -0.42
CA ALA H 161 -4.61 42.15 -1.46
C ALA H 161 -5.26 42.54 -2.79
N ALA H 162 -6.49 42.12 -3.02
CA ALA H 162 -7.26 42.57 -4.19
C ALA H 162 -7.39 44.10 -4.29
N VAL H 163 -7.40 44.77 -3.14
CA VAL H 163 -7.49 46.24 -2.99
C VAL H 163 -6.32 47.04 -3.59
N VAL H 164 -5.09 46.57 -3.40
CA VAL H 164 -3.87 47.20 -3.95
C VAL H 164 -3.75 46.90 -5.46
N GLY H 165 -3.29 47.86 -6.25
CA GLY H 165 -2.95 47.60 -7.67
C GLY H 165 -4.10 47.33 -8.66
N ILE H 166 -4.71 46.15 -8.53
CA ILE H 166 -5.78 45.64 -9.39
C ILE H 166 -6.99 46.57 -9.42
N SER H 167 -7.19 47.32 -8.33
CA SER H 167 -8.24 48.35 -8.21
C SER H 167 -8.08 49.58 -9.08
N GLU H 168 -6.84 49.87 -9.53
CA GLU H 168 -6.55 51.07 -10.31
C GLU H 168 -5.68 50.78 -11.52
N SER H 169 -5.91 49.65 -12.19
CA SER H 169 -5.04 49.21 -13.29
C SER H 169 -5.65 49.44 -14.66
N GLU H 170 -4.86 49.94 -15.60
CA GLU H 170 -5.36 50.11 -16.98
C GLU H 170 -5.34 48.75 -17.69
N ASP H 171 -4.35 47.91 -17.38
CA ASP H 171 -4.32 46.55 -17.95
C ASP H 171 -5.54 45.72 -17.51
N VAL H 172 -6.03 45.90 -16.28
CA VAL H 172 -7.27 45.23 -15.82
C VAL H 172 -8.53 45.85 -16.46
N GLN H 173 -8.54 47.17 -16.64
CA GLN H 173 -9.64 47.86 -17.34
C GLN H 173 -9.89 47.34 -18.74
N GLN H 174 -8.83 47.21 -19.53
CA GLN H 174 -8.93 46.70 -20.90
C GLN H 174 -9.40 45.26 -20.92
N THR H 175 -9.03 44.52 -19.89
CA THR H 175 -9.51 43.16 -19.73
C THR H 175 -10.99 43.15 -19.43
N LEU H 176 -11.46 44.04 -18.54
CA LEU H 176 -12.90 44.16 -18.28
C LEU H 176 -13.68 44.74 -19.48
N ASP H 177 -13.05 45.61 -20.27
CA ASP H 177 -13.64 46.06 -21.55
C ASP H 177 -13.90 44.90 -22.49
N TRP H 178 -12.86 44.09 -22.71
CA TRP H 178 -12.91 42.90 -23.59
C TRP H 178 -13.99 41.90 -23.20
N ALA H 179 -14.08 41.60 -21.91
CA ALA H 179 -15.04 40.63 -21.43
C ALA H 179 -16.45 41.12 -21.73
N LEU H 180 -16.72 42.37 -21.33
CA LEU H 180 -18.00 43.09 -21.64
C LEU H 180 -18.35 43.22 -23.14
N ASP H 181 -17.33 43.41 -24.00
CA ASP H 181 -17.52 43.60 -25.43
C ASP H 181 -17.52 42.30 -26.24
N ASN H 182 -17.25 41.16 -25.61
CA ASN H 182 -17.34 39.88 -26.32
C ASN H 182 -18.15 38.86 -25.54
N ASP H 183 -19.02 39.36 -24.66
CA ASP H 183 -19.97 38.52 -23.95
C ASP H 183 -19.32 37.34 -23.18
N ARG H 184 -18.21 37.63 -22.50
CA ARG H 184 -17.53 36.63 -21.64
C ARG H 184 -17.90 36.80 -20.17
N PHE H 185 -17.49 35.84 -19.35
CA PHE H 185 -17.82 35.83 -17.92
C PHE H 185 -16.77 36.55 -17.11
N ILE H 186 -17.24 37.31 -16.12
CA ILE H 186 -16.40 37.93 -15.13
C ILE H 186 -16.80 37.34 -13.79
N VAL H 187 -15.91 36.57 -13.17
CA VAL H 187 -16.21 35.84 -11.93
C VAL H 187 -15.26 36.36 -10.87
N THR H 188 -15.82 36.87 -9.78
CA THR H 188 -15.04 37.41 -8.67
C THR H 188 -15.81 37.26 -7.37
N LEU H 189 -15.00 37.38 -6.19
CA LEU H 189 -15.65 37.29 -4.85
C LEU H 189 -14.80 37.75 -3.63
N HIS H 191 -13.27 40.72 -1.40
CA HIS H 191 -12.76 42.00 -1.90
C HIS H 191 -12.36 41.95 -3.39
N GLY H 192 -12.39 40.77 -3.97
CA GLY H 192 -12.31 40.58 -5.40
C GLY H 192 -12.81 41.74 -6.23
N PRO H 193 -14.12 42.10 -6.10
CA PRO H 193 -14.73 43.11 -6.97
C PRO H 193 -14.01 44.45 -7.00
N ALA H 194 -13.26 44.80 -5.96
CA ALA H 194 -12.28 45.92 -6.04
C ALA H 194 -11.61 46.05 -7.42
N ALA H 195 -11.38 44.90 -8.07
CA ALA H 195 -10.97 44.83 -9.47
C ALA H 195 -11.88 45.58 -10.46
N LEU H 196 -13.19 45.51 -10.24
CA LEU H 196 -14.16 46.22 -11.11
C LEU H 196 -14.09 47.78 -11.04
N LEU H 197 -13.44 48.34 -10.00
CA LEU H 197 -13.27 49.80 -9.91
C LEU H 197 -12.40 50.37 -11.02
N SER H 198 -11.59 49.51 -11.62
CA SER H 198 -10.77 49.87 -12.78
C SER H 198 -11.56 50.01 -14.09
N ALA H 199 -12.75 49.44 -14.16
CA ALA H 199 -13.69 49.68 -15.26
C ALA H 199 -13.91 51.18 -15.54
N GLY H 200 -14.27 51.92 -14.49
CA GLY H 200 -14.50 53.36 -14.58
C GLY H 200 -13.24 54.09 -14.20
N LEU H 201 -12.30 54.20 -15.14
CA LEU H 201 -10.97 54.72 -14.85
C LEU H 201 -10.53 55.72 -15.92
N ASN H 202 -10.42 57.00 -15.52
CA ASN H 202 -10.25 58.16 -16.42
C ASN H 202 -11.48 58.36 -17.29
N ARG H 203 -12.64 58.05 -16.73
CA ARG H 203 -13.90 58.01 -17.46
C ARG H 203 -15.00 58.59 -16.60
N GLU H 204 -15.91 59.39 -17.16
CA GLU H 204 -17.01 59.96 -16.37
C GLU H 204 -17.97 58.87 -15.86
N LYS H 205 -18.27 57.88 -16.71
CA LYS H 205 -19.19 56.77 -16.39
C LYS H 205 -18.51 55.42 -16.59
N SER H 206 -18.81 54.48 -15.70
CA SER H 206 -18.30 53.12 -15.81
C SER H 206 -19.27 52.27 -16.64
N PRO H 207 -18.76 51.40 -17.54
CA PRO H 207 -19.66 50.52 -18.32
C PRO H 207 -20.33 49.43 -17.49
N LEU H 208 -19.82 49.18 -16.27
CA LEU H 208 -20.49 48.33 -15.28
C LEU H 208 -21.57 49.06 -14.44
N GLU H 209 -21.72 50.37 -14.62
CA GLU H 209 -22.88 51.09 -14.06
C GLU H 209 -24.18 50.29 -14.25
N GLY H 210 -24.96 50.15 -13.17
CA GLY H 210 -26.21 49.40 -13.23
C GLY H 210 -26.12 47.98 -12.72
N TYR H 211 -25.00 47.29 -13.02
CA TYR H 211 -24.77 45.90 -12.60
C TYR H 211 -24.91 45.68 -11.09
N SER H 212 -25.09 44.42 -10.72
CA SER H 212 -25.35 44.05 -9.33
C SER H 212 -24.39 42.96 -8.85
N VAL H 213 -23.80 43.22 -7.69
CA VAL H 213 -22.81 42.36 -7.12
C VAL H 213 -23.06 42.26 -5.64
N CYS H 214 -22.49 41.23 -5.02
CA CYS H 214 -22.36 41.16 -3.56
C CYS H 214 -20.88 41.17 -3.20
N VAL H 215 -20.58 41.81 -2.06
CA VAL H 215 -19.24 42.25 -1.71
C VAL H 215 -19.04 42.12 -0.19
N PHE H 216 -17.78 42.02 0.24
CA PHE H 216 -17.47 41.99 1.67
C PHE H 216 -17.85 43.33 2.26
N PRO H 217 -18.75 43.33 3.27
CA PRO H 217 -19.41 44.56 3.67
C PRO H 217 -18.49 45.56 4.36
N ASP H 218 -18.83 46.85 4.22
CA ASP H 218 -18.24 47.96 4.98
C ASP H 218 -18.14 47.59 6.45
N SER H 219 -19.29 47.23 7.02
CA SER H 219 -19.48 46.97 8.47
C SER H 219 -18.37 46.18 9.16
N LEU H 220 -17.98 45.04 8.57
CA LEU H 220 -17.05 44.12 9.23
C LEU H 220 -15.58 44.56 9.19
N ASP H 221 -15.19 45.28 8.14
CA ASP H 221 -13.83 45.90 8.09
C ASP H 221 -13.67 47.06 9.09
N GLU H 222 -14.74 47.82 9.33
CA GLU H 222 -14.74 48.93 10.29
C GLU H 222 -15.04 48.51 11.73
N GLY H 223 -15.95 47.55 11.87
CA GLY H 223 -16.32 47.01 13.18
C GLY H 223 -15.46 45.82 13.55
N ALA H 224 -16.07 44.63 13.46
CA ALA H 224 -15.47 43.33 13.84
C ALA H 224 -13.96 43.15 13.56
N ASN H 225 -13.58 43.17 12.27
CA ASN H 225 -12.20 42.81 11.83
C ASN H 225 -11.11 43.61 12.55
N ILE H 226 -11.39 44.87 12.87
CA ILE H 226 -10.44 45.67 13.67
C ILE H 226 -10.47 45.21 15.13
N GLU H 227 -11.69 45.08 15.68
CA GLU H 227 -11.88 44.74 17.10
C GLU H 227 -11.30 43.38 17.53
N ILE H 228 -11.33 42.38 16.65
CA ILE H 228 -10.87 41.03 17.02
C ILE H 228 -9.49 40.66 16.46
N GLY H 229 -8.71 41.68 16.03
CA GLY H 229 -7.29 41.50 15.68
C GLY H 229 -6.91 41.06 14.25
N TYR H 230 -7.90 40.85 13.37
CA TYR H 230 -7.64 40.39 12.00
C TYR H 230 -6.87 41.47 11.25
N LEU H 231 -7.45 42.67 11.18
CA LEU H 231 -6.77 43.89 10.71
C LEU H 231 -6.07 44.58 11.88
N PRO H 232 -4.86 45.12 11.66
CA PRO H 232 -4.18 46.01 12.62
C PRO H 232 -4.37 47.55 12.46
N GLY H 233 -5.37 47.98 11.68
CA GLY H 233 -5.69 49.41 11.51
C GLY H 233 -6.75 49.57 10.44
N ARG H 234 -7.24 50.79 10.23
CA ARG H 234 -8.38 51.01 9.32
C ARG H 234 -7.94 51.08 7.86
N LEU H 235 -8.76 50.50 6.98
CA LEU H 235 -8.55 50.61 5.54
C LEU H 235 -8.72 52.06 5.15
N LYS H 236 -7.86 52.55 4.26
CA LYS H 236 -7.99 53.92 3.79
C LYS H 236 -9.26 54.17 2.95
N TRP H 237 -9.81 53.09 2.37
CA TRP H 237 -11.12 53.17 1.74
C TRP H 237 -11.82 51.84 1.78
N LEU H 238 -13.10 51.85 1.48
CA LEU H 238 -13.95 50.67 1.64
C LEU H 238 -14.43 50.17 0.28
N VAL H 239 -14.10 48.93 -0.03
CA VAL H 239 -14.41 48.36 -1.35
C VAL H 239 -15.90 48.46 -1.74
N ALA H 240 -16.81 48.11 -0.82
CA ALA H 240 -18.25 48.14 -1.11
C ALA H 240 -18.76 49.56 -1.33
N ASP H 241 -18.23 50.50 -0.55
CA ASP H 241 -18.61 51.91 -0.62
C ASP H 241 -18.23 52.54 -1.96
N LEU H 242 -16.99 52.32 -2.41
CA LEU H 242 -16.52 52.89 -3.68
C LEU H 242 -17.20 52.32 -4.93
N LEU H 243 -17.57 51.04 -4.88
CA LEU H 243 -18.33 50.40 -5.95
C LEU H 243 -19.72 51.00 -6.08
N THR H 244 -20.40 51.20 -4.94
CA THR H 244 -21.62 51.99 -4.90
C THR H 244 -21.46 53.36 -5.58
N LYS H 245 -20.43 54.13 -5.20
CA LYS H 245 -20.15 55.46 -5.81
C LYS H 245 -19.92 55.45 -7.34
N GLN H 246 -19.59 54.29 -7.90
CA GLN H 246 -19.34 54.15 -9.32
C GLN H 246 -20.60 53.70 -10.11
N GLY H 247 -21.76 53.63 -9.43
CA GLY H 247 -23.02 53.28 -10.08
C GLY H 247 -23.41 51.80 -10.09
N LEU H 248 -22.64 50.95 -9.41
CA LEU H 248 -22.98 49.54 -9.26
C LEU H 248 -23.85 49.45 -8.04
N LYS H 249 -24.76 48.49 -8.06
CA LYS H 249 -25.69 48.27 -6.97
C LYS H 249 -25.14 47.15 -6.07
N VAL H 250 -24.64 47.51 -4.88
CA VAL H 250 -24.15 46.51 -3.90
C VAL H 250 -25.35 45.94 -3.13
N VAL H 251 -25.61 44.63 -3.29
CA VAL H 251 -26.88 44.02 -2.82
C VAL H 251 -26.90 43.59 -1.35
N ASN H 252 -25.75 43.21 -0.78
CA ASN H 252 -25.73 42.74 0.62
C ASN H 252 -25.10 43.75 1.59
N ASP H 253 -25.29 43.51 2.89
CA ASP H 253 -24.65 44.27 3.96
C ASP H 253 -24.09 43.34 5.06
N ASP H 254 -23.75 42.11 4.67
CA ASP H 254 -23.40 41.03 5.62
C ASP H 254 -22.87 39.78 4.88
N MET H 255 -22.11 38.94 5.58
CA MET H 255 -21.56 37.71 4.99
C MET H 255 -22.33 36.45 5.40
N THR H 256 -22.94 35.81 4.41
CA THR H 256 -23.69 34.57 4.59
C THR H 256 -23.32 33.41 3.62
N GLY H 257 -22.40 33.64 2.68
CA GLY H 257 -22.20 32.76 1.53
C GLY H 257 -23.10 33.08 0.33
N ARG H 258 -23.66 34.29 0.29
CA ARG H 258 -24.53 34.69 -0.83
C ARG H 258 -23.74 34.73 -2.12
N THR H 259 -24.23 33.99 -3.12
CA THR H 259 -23.75 34.10 -4.50
C THR H 259 -24.77 34.96 -5.24
N LEU H 260 -24.34 35.66 -6.29
CA LEU H 260 -25.26 36.41 -7.15
C LEU H 260 -24.79 36.44 -8.60
N LYS H 261 -25.74 36.20 -9.51
CA LYS H 261 -25.56 36.35 -10.97
C LYS H 261 -26.28 37.63 -11.43
N ASP H 262 -25.84 38.19 -12.56
CA ASP H 262 -26.44 39.37 -13.18
C ASP H 262 -25.80 39.45 -14.54
N ARG H 263 -26.55 39.05 -15.56
CA ARG H 263 -26.03 38.88 -16.91
C ARG H 263 -24.85 37.86 -16.89
N LYS H 264 -23.61 38.27 -17.21
CA LYS H 264 -22.45 37.35 -17.11
C LYS H 264 -21.47 37.72 -15.97
N LEU H 265 -21.92 38.56 -15.03
CA LEU H 265 -21.15 38.99 -13.86
C LEU H 265 -21.53 38.17 -12.61
N LEU H 266 -20.77 37.11 -12.36
CA LEU H 266 -21.01 36.21 -11.24
C LEU H 266 -20.18 36.68 -10.03
N THR H 267 -20.82 36.78 -8.86
CA THR H 267 -20.19 37.35 -7.67
C THR H 267 -20.59 36.63 -6.40
N GLY H 268 -19.67 36.63 -5.43
CA GLY H 268 -19.86 36.06 -4.10
C GLY H 268 -19.41 37.03 -3.03
N ASP H 269 -19.80 36.76 -1.79
CA ASP H 269 -19.76 37.78 -0.72
C ASP H 269 -18.66 37.65 0.32
N SER H 270 -18.05 36.48 0.42
CA SER H 270 -17.03 36.18 1.44
C SER H 270 -16.39 34.84 1.09
N PRO H 271 -15.37 34.39 1.85
CA PRO H 271 -14.86 33.01 1.71
C PRO H 271 -15.91 31.88 1.80
N LEU H 272 -16.99 32.14 2.53
CA LEU H 272 -18.10 31.20 2.75
C LEU H 272 -18.82 30.79 1.45
N ALA H 273 -18.81 31.68 0.45
CA ALA H 273 -19.37 31.44 -0.88
C ALA H 273 -18.42 30.79 -1.88
N SER H 274 -17.23 30.36 -1.44
CA SER H 274 -16.22 29.83 -2.36
C SER H 274 -16.80 28.67 -3.16
N ASN H 275 -17.24 27.64 -2.43
CA ASN H 275 -17.76 26.42 -3.03
C ASN H 275 -18.98 26.66 -3.91
N GLU H 276 -19.95 27.44 -3.43
CA GLU H 276 -21.19 27.68 -4.17
C GLU H 276 -20.96 28.58 -5.38
N LEU H 277 -20.03 29.52 -5.28
CA LEU H 277 -19.60 30.27 -6.48
C LEU H 277 -18.89 29.34 -7.49
N GLY H 278 -18.12 28.37 -6.99
CA GLY H 278 -17.52 27.36 -7.86
C GLY H 278 -18.55 26.65 -8.73
N LYS H 279 -19.59 26.12 -8.08
CA LYS H 279 -20.66 25.36 -8.73
C LYS H 279 -21.37 26.20 -9.79
N LEU H 280 -21.81 27.40 -9.38
CA LEU H 280 -22.48 28.37 -10.27
C LEU H 280 -21.63 28.73 -11.47
N ALA H 281 -20.35 28.98 -11.24
CA ALA H 281 -19.44 29.32 -12.30
C ALA H 281 -19.45 28.25 -13.38
N VAL H 282 -19.40 26.98 -12.97
CA VAL H 282 -19.32 25.86 -13.93
C VAL H 282 -20.61 25.75 -14.74
N ASN H 283 -21.75 25.74 -14.04
CA ASN H 283 -23.08 25.69 -14.68
C ASN H 283 -23.25 26.71 -15.82
N GLU H 284 -23.15 27.99 -15.46
CA GLU H 284 -23.46 29.06 -16.40
C GLU H 284 -22.55 29.01 -17.61
N MET H 285 -21.27 28.73 -17.38
CA MET H 285 -20.33 28.58 -18.47
C MET H 285 -20.71 27.40 -19.36
N LEU H 286 -21.05 26.26 -18.75
CA LEU H 286 -21.49 25.08 -19.54
C LEU H 286 -22.75 25.35 -20.37
N ASN H 287 -23.61 26.29 -19.95
CA ASN H 287 -24.79 26.74 -20.72
C ASN H 287 -24.51 27.80 -21.80
N ALA H 288 -23.43 28.55 -21.68
CA ALA H 288 -22.99 29.40 -22.79
C ALA H 288 -22.53 28.56 -23.99
N ILE H 289 -22.03 27.34 -23.75
CA ILE H 289 -21.54 26.46 -24.85
C ILE H 289 -22.71 25.78 -25.56
N GLN H 290 -23.80 25.53 -24.83
CA GLN H 290 -25.05 24.98 -25.39
C GLN H 290 -25.65 25.90 -26.45
N ASN H 291 -25.88 27.15 -26.11
CA ASN H 291 -26.33 28.17 -27.09
C ASN H 291 -25.64 27.95 -28.47
N LYS H 292 -24.30 27.86 -28.47
CA LYS H 292 -23.48 27.57 -29.68
C LYS H 292 -23.00 26.12 -29.70
#